data_9L3U
#
_entry.id   9L3U
#
loop_
_entity.id
_entity.type
_entity.pdbx_description
1 polymer 'An unknown peptide substrate'
2 polymer 'Outer mitochondrial transmembrane helix translocase'
3 non-polymer "ADENOSINE-5'-TRIPHOSPHATE"
4 non-polymer 'MAGNESIUM ION'
#
loop_
_entity_poly.entity_id
_entity_poly.type
_entity_poly.pdbx_seq_one_letter_code
_entity_poly.pdbx_strand_id
1 'polypeptide(L)' (UNK)(UNK)(UNK)(UNK)(UNK)(UNK)(UNK)(UNK)(UNK)(UNK)(UNK)(UNK)(UNK)(UNK)(UNK) H
2 'polypeptide(L)'
;MSRKFDLKTITDLSVLVGTGISLYYLVSRLLNDVESGPLSGKSRESKAKQSLQWEKLVKRSPALAEVTLDAYERTILSSI
VTPDEINITFQDIGGLDPLISDLHESVIYPLMMPEVYSNSPLLQAPSGVLLYGPPGCGKTMLAKALAKESGANFISIRMS
SIMDKWYGESNKIVDAMFSLANKLQPCIIFIDQIDSFLRERSSTDHEVTATLKAEFMTLWDGLLNNGRVMIIGATNRIND
IDDAFLRRLPKRFLVSLPGSDQRYKILSVLLKDTKLDEDEFDLQLIADNTKGFSGSDLKELCREAALDAAKEYIKQKRQL
IDSGTIDVNDTSSLKIRPLKTKDFTKKLRMDATSTLSSQPLD
;
A,B,C,D,E,F,G
#
# COMPACT_ATOMS: atom_id res chain seq x y z
N UNK A 1 -21.71 -5.16 26.70
CA UNK A 1 -21.15 -5.72 25.47
C UNK A 1 -20.61 -4.63 24.56
N UNK A 2 -19.62 -4.97 23.75
CA UNK A 2 -19.01 -4.02 22.83
C UNK A 2 -18.31 -4.72 21.68
N UNK A 3 -19.07 -5.05 20.63
CA UNK A 3 -18.52 -5.75 19.47
C UNK A 3 -17.52 -4.88 18.72
N UNK A 4 -16.44 -5.49 18.26
CA UNK A 4 -15.41 -4.78 17.51
C UNK A 4 -15.46 -5.15 16.03
N UNK A 5 -15.61 -4.15 15.17
CA UNK A 5 -15.70 -4.38 13.73
C UNK A 5 -14.32 -4.36 13.10
N UNK A 6 -14.28 -4.52 11.78
CA UNK A 6 -13.02 -4.52 11.04
C UNK A 6 -13.19 -3.88 9.68
N UNK A 7 -12.62 -2.70 9.49
CA UNK A 7 -12.72 -1.99 8.22
C UNK A 7 -11.81 -2.62 7.18
N UNK A 8 -12.18 -2.51 5.90
CA UNK A 8 -11.35 -3.02 4.83
C UNK A 8 -10.10 -2.17 4.73
N UNK A 9 -9.02 -2.75 4.21
CA UNK A 9 -7.73 -2.09 4.17
C UNK A 9 -7.75 -0.82 3.32
N UNK A 10 -6.82 0.09 3.61
CA UNK A 10 -6.71 1.33 2.86
C UNK A 10 -6.14 1.03 1.47
N UNK A 11 -6.62 1.76 0.48
CA UNK A 11 -6.13 1.61 -0.88
C UNK A 11 -4.74 2.23 -1.02
N UNK A 12 -3.80 1.47 -1.55
CA UNK A 12 -2.43 1.94 -1.72
C UNK A 12 -2.10 2.25 -3.17
N UNK A 13 -1.10 3.10 -3.39
CA UNK A 13 -0.68 3.47 -4.74
C UNK A 13 0.71 2.92 -5.03
N UNK A 14 0.88 2.28 -6.18
CA UNK A 14 2.15 1.70 -6.56
C UNK A 14 2.79 2.48 -7.69
N UNK A 15 4.09 2.27 -7.90
CA UNK A 15 4.82 2.96 -8.96
C UNK A 15 4.78 2.16 -10.26
N SER B 51 21.22 -6.04 12.11
CA SER B 51 21.67 -6.24 13.47
C SER B 51 23.19 -6.28 13.55
N LEU B 52 23.84 -7.00 12.62
CA LEU B 52 25.30 -7.10 12.61
C LEU B 52 25.94 -5.73 12.39
N GLN B 53 25.46 -4.99 11.40
CA GLN B 53 26.05 -3.69 11.09
C GLN B 53 25.81 -2.69 12.22
N TRP B 54 24.61 -2.69 12.79
CA TRP B 54 24.33 -1.79 13.91
C TRP B 54 25.18 -2.15 15.13
N GLU B 55 25.40 -3.44 15.35
CA GLU B 55 26.25 -3.87 16.45
C GLU B 55 27.69 -3.39 16.25
N LYS B 56 28.20 -3.49 15.03
CA LYS B 56 29.57 -3.02 14.79
C LYS B 56 29.66 -1.50 14.92
N LEU B 57 28.63 -0.78 14.44
CA LEU B 57 28.64 0.67 14.59
C LEU B 57 28.53 1.11 16.04
N VAL B 58 27.83 0.33 16.87
CA VAL B 58 27.80 0.60 18.30
C VAL B 58 29.15 0.30 18.93
N LYS B 59 29.78 -0.79 18.52
CA LYS B 59 31.07 -1.20 19.08
C LYS B 59 32.17 -0.19 18.77
N ARG B 60 32.20 0.33 17.54
CA ARG B 60 33.26 1.26 17.17
C ARG B 60 33.12 2.60 17.89
N SER B 61 31.90 2.97 18.28
CA SER B 61 31.67 4.20 19.03
C SER B 61 30.40 4.06 19.85
N PRO B 62 30.50 4.05 21.18
CA PRO B 62 29.30 3.90 22.02
C PRO B 62 28.32 5.05 21.92
N ALA B 63 28.74 6.22 21.42
CA ALA B 63 27.84 7.36 21.33
C ALA B 63 26.76 7.17 20.27
N LEU B 64 26.90 6.19 19.38
CA LEU B 64 25.90 5.94 18.36
C LEU B 64 24.70 5.17 18.88
N ALA B 65 24.77 4.62 20.09
CA ALA B 65 23.65 3.86 20.63
C ALA B 65 22.46 4.75 20.94
N GLU B 66 22.69 6.00 21.34
CA GLU B 66 21.62 6.91 21.72
C GLU B 66 20.80 7.39 20.52
N VAL B 67 21.24 7.10 19.30
CA VAL B 67 20.55 7.56 18.11
C VAL B 67 19.30 6.70 17.87
N THR B 68 18.15 7.35 17.74
CA THR B 68 16.90 6.68 17.42
C THR B 68 16.71 6.64 15.91
N LEU B 69 16.19 5.51 15.41
CA LEU B 69 16.11 5.26 13.98
C LEU B 69 14.70 4.86 13.58
N ASP B 70 14.45 4.94 12.27
CA ASP B 70 13.18 4.59 11.66
C ASP B 70 13.36 3.34 10.79
N ALA B 71 12.25 2.87 10.22
CA ALA B 71 12.28 1.67 9.39
C ALA B 71 13.10 1.89 8.12
N TYR B 72 12.92 3.04 7.47
CA TYR B 72 13.73 3.34 6.29
C TYR B 72 15.20 3.48 6.66
N GLU B 73 15.49 4.09 7.80
CA GLU B 73 16.86 4.15 8.29
C GLU B 73 17.40 2.76 8.58
N ARG B 74 16.54 1.82 8.99
CA ARG B 74 16.99 0.46 9.20
C ARG B 74 17.33 -0.23 7.88
N THR B 75 16.52 0.00 6.84
CA THR B 75 16.88 -0.54 5.54
C THR B 75 18.13 0.13 4.97
N ILE B 76 18.42 1.35 5.39
CA ILE B 76 19.72 1.95 5.05
C ILE B 76 20.84 1.26 5.83
N LEU B 77 20.59 0.95 7.10
CA LEU B 77 21.51 0.19 7.94
C LEU B 77 21.78 -1.20 7.39
N SER B 78 20.90 -1.69 6.52
CA SER B 78 21.15 -2.97 5.86
C SER B 78 22.32 -2.92 4.89
N SER B 79 22.85 -1.73 4.56
CA SER B 79 23.90 -1.62 3.56
C SER B 79 25.12 -0.83 4.04
N ILE B 80 25.21 -0.50 5.33
CA ILE B 80 26.42 0.14 5.85
C ILE B 80 27.53 -0.88 5.93
N VAL B 81 28.65 -0.58 5.27
CA VAL B 81 29.78 -1.50 5.18
C VAL B 81 30.79 -1.15 6.26
N THR B 82 31.11 -2.11 7.09
CA THR B 82 31.97 -2.08 8.26
C THR B 82 33.34 -2.70 7.95
N PRO B 83 34.40 -2.29 8.64
CA PRO B 83 35.75 -2.74 8.27
C PRO B 83 36.01 -4.22 8.40
N ASP B 84 35.18 -4.97 9.14
CA ASP B 84 35.39 -6.40 9.27
C ASP B 84 35.16 -7.13 7.95
N GLU B 85 34.25 -6.63 7.11
CA GLU B 85 34.03 -7.25 5.81
C GLU B 85 35.16 -6.94 4.84
N ILE B 86 35.81 -5.79 4.99
CA ILE B 86 36.93 -5.44 4.13
C ILE B 86 38.16 -6.18 4.60
N ASN B 87 38.87 -6.83 3.67
CA ASN B 87 40.10 -7.55 3.96
C ASN B 87 41.30 -6.91 3.29
N ILE B 88 41.15 -5.72 2.72
CA ILE B 88 42.18 -5.09 1.89
C ILE B 88 42.48 -3.71 2.45
N THR B 89 43.76 -3.41 2.63
CA THR B 89 44.21 -2.19 3.30
C THR B 89 44.67 -1.15 2.27
N PHE B 90 45.17 -0.02 2.80
CA PHE B 90 45.73 1.02 1.93
C PHE B 90 47.07 0.61 1.36
N GLN B 91 47.80 -0.27 2.06
CA GLN B 91 49.08 -0.75 1.57
C GLN B 91 48.94 -1.68 0.37
N ASP B 92 47.74 -2.23 0.17
CA ASP B 92 47.49 -3.10 -0.98
C ASP B 92 47.48 -2.31 -2.29
N ILE B 93 47.13 -1.03 -2.23
CA ILE B 93 47.16 -0.18 -3.42
C ILE B 93 48.59 0.31 -3.63
N GLY B 94 49.14 0.02 -4.80
CA GLY B 94 50.46 0.50 -5.15
C GLY B 94 50.40 1.46 -6.32
N GLY B 95 51.48 2.20 -6.55
CA GLY B 95 51.55 3.10 -7.69
C GLY B 95 50.66 4.33 -7.60
N LEU B 96 50.06 4.58 -6.44
CA LEU B 96 49.17 5.73 -6.25
C LEU B 96 49.48 6.40 -4.93
N ASP B 97 50.76 6.39 -4.53
CA ASP B 97 51.15 6.98 -3.25
C ASP B 97 50.86 8.48 -3.15
N PRO B 98 51.17 9.33 -4.13
CA PRO B 98 50.69 10.71 -4.05
C PRO B 98 49.19 10.83 -4.05
N LEU B 99 48.49 9.97 -4.79
CA LEU B 99 47.03 9.98 -4.79
C LEU B 99 46.49 9.58 -3.42
N ILE B 100 47.09 8.56 -2.79
CA ILE B 100 46.65 8.14 -1.47
C ILE B 100 46.93 9.23 -0.44
N SER B 101 48.09 9.88 -0.53
CA SER B 101 48.41 10.95 0.41
C SER B 101 47.47 12.14 0.25
N ASP B 102 47.15 12.50 -1.00
CA ASP B 102 46.21 13.58 -1.24
C ASP B 102 44.82 13.22 -0.73
N LEU B 103 44.39 11.97 -0.96
CA LEU B 103 43.09 11.53 -0.46
C LEU B 103 43.04 11.58 1.05
N HIS B 104 44.12 11.14 1.71
CA HIS B 104 44.21 11.25 3.16
C HIS B 104 44.05 12.70 3.60
N GLU B 105 44.99 13.56 3.19
CA GLU B 105 45.08 14.92 3.69
C GLU B 105 43.92 15.82 3.26
N SER B 106 43.14 15.41 2.25
CA SER B 106 42.02 16.22 1.80
C SER B 106 40.68 15.54 1.97
N VAL B 107 40.62 14.34 2.54
CA VAL B 107 39.37 13.63 2.72
C VAL B 107 39.20 13.22 4.17
N ILE B 108 40.18 12.49 4.70
CA ILE B 108 39.99 11.80 5.97
C ILE B 108 40.40 12.67 7.15
N TYR B 109 41.57 13.29 7.06
CA TYR B 109 41.99 14.23 8.10
C TYR B 109 41.06 15.45 8.24
N PRO B 110 40.59 16.11 7.17
CA PRO B 110 39.58 17.17 7.39
C PRO B 110 38.26 16.66 7.96
N LEU B 111 37.91 15.40 7.74
CA LEU B 111 36.62 14.87 8.17
C LEU B 111 36.69 14.24 9.55
N MET B 112 37.61 13.29 9.75
CA MET B 112 37.65 12.52 10.99
C MET B 112 38.28 13.26 12.15
N MET B 113 39.18 14.21 11.89
CA MET B 113 39.81 14.99 12.95
C MET B 113 39.65 16.48 12.67
N PRO B 114 38.44 17.02 12.86
CA PRO B 114 38.22 18.45 12.66
C PRO B 114 38.75 19.31 13.79
N GLU B 115 39.17 18.70 14.90
CA GLU B 115 39.76 19.47 16.00
C GLU B 115 41.06 20.13 15.57
N VAL B 116 41.89 19.41 14.81
CA VAL B 116 43.11 19.99 14.25
C VAL B 116 42.86 20.68 12.92
N TYR B 117 41.61 20.73 12.46
CA TYR B 117 41.23 21.44 11.24
C TYR B 117 40.25 22.57 11.52
N SER B 118 40.19 23.05 12.77
CA SER B 118 39.23 24.05 13.17
C SER B 118 39.82 25.46 13.22
N ASN B 119 41.01 25.66 12.64
CA ASN B 119 41.59 27.00 12.59
C ASN B 119 40.75 27.93 11.73
N SER B 120 40.24 27.44 10.61
CA SER B 120 39.37 28.20 9.72
C SER B 120 38.26 27.28 9.24
N PRO B 121 37.06 27.81 8.99
CA PRO B 121 36.00 26.98 8.39
C PRO B 121 36.31 26.51 6.99
N LEU B 122 37.27 27.15 6.30
CA LEU B 122 37.67 26.75 4.96
C LEU B 122 38.38 25.39 4.93
N LEU B 123 38.83 24.88 6.07
CA LEU B 123 39.56 23.63 6.15
C LEU B 123 38.65 22.42 6.32
N GLN B 124 37.35 22.58 6.09
CA GLN B 124 36.41 21.49 6.30
C GLN B 124 36.53 20.44 5.21
N ALA B 125 35.94 19.28 5.47
CA ALA B 125 35.93 18.20 4.50
C ALA B 125 35.05 18.55 3.31
N PRO B 126 35.37 18.05 2.12
CA PRO B 126 34.52 18.32 0.95
C PRO B 126 33.18 17.63 1.08
N SER B 127 32.19 18.19 0.36
CA SER B 127 30.87 17.58 0.34
C SER B 127 30.89 16.22 -0.33
N GLY B 128 31.71 16.06 -1.37
CA GLY B 128 31.82 14.79 -2.05
C GLY B 128 33.15 14.66 -2.76
N VAL B 129 33.52 13.41 -3.03
CA VAL B 129 34.73 13.09 -3.79
C VAL B 129 34.36 12.10 -4.90
N LEU B 130 34.76 12.40 -6.11
CA LEU B 130 34.58 11.51 -7.26
C LEU B 130 35.92 10.89 -7.62
N LEU B 131 35.95 9.56 -7.66
CA LEU B 131 37.13 8.81 -8.10
C LEU B 131 36.84 8.33 -9.52
N TYR B 132 37.41 9.02 -10.50
CA TYR B 132 37.14 8.74 -11.90
C TYR B 132 38.43 8.48 -12.66
N GLY B 133 38.35 7.60 -13.65
CA GLY B 133 39.48 7.22 -14.45
C GLY B 133 39.17 6.01 -15.32
N PRO B 134 40.19 5.48 -15.99
CA PRO B 134 40.03 4.23 -16.73
C PRO B 134 39.52 3.12 -15.82
N PRO B 135 38.65 2.24 -16.34
CA PRO B 135 38.11 1.16 -15.50
C PRO B 135 39.17 0.15 -15.11
N GLY B 136 38.97 -0.47 -13.95
CA GLY B 136 39.91 -1.44 -13.44
C GLY B 136 41.26 -0.87 -13.09
N CYS B 137 41.30 0.29 -12.46
CA CYS B 137 42.55 0.95 -12.12
C CYS B 137 42.76 1.18 -10.62
N GLY B 138 41.76 0.89 -9.78
CA GLY B 138 41.97 0.96 -8.36
C GLY B 138 40.97 1.80 -7.58
N LYS B 139 39.84 2.16 -8.21
CA LYS B 139 38.84 2.97 -7.53
C LYS B 139 38.14 2.18 -6.43
N THR B 140 37.78 0.92 -6.72
CA THR B 140 37.06 0.11 -5.76
C THR B 140 37.91 -0.17 -4.52
N MET B 141 39.20 -0.47 -4.71
CA MET B 141 40.07 -0.66 -3.56
C MET B 141 40.34 0.65 -2.85
N LEU B 142 40.33 1.78 -3.57
CA LEU B 142 40.48 3.05 -2.90
C LEU B 142 39.31 3.29 -1.94
N ALA B 143 38.09 2.98 -2.40
CA ALA B 143 36.93 3.08 -1.53
C ALA B 143 37.01 2.09 -0.36
N LYS B 144 37.41 0.85 -0.63
CA LYS B 144 37.46 -0.17 0.42
C LYS B 144 38.52 0.13 1.47
N ALA B 145 39.70 0.58 1.03
CA ALA B 145 40.75 0.94 1.96
C ALA B 145 40.42 2.23 2.72
N LEU B 146 39.71 3.16 2.08
CA LEU B 146 39.22 4.33 2.78
C LEU B 146 38.24 3.91 3.88
N ALA B 147 37.38 2.94 3.57
CA ALA B 147 36.48 2.37 4.57
C ALA B 147 37.24 1.73 5.72
N LYS B 148 38.29 0.96 5.40
CA LYS B 148 39.03 0.24 6.43
C LYS B 148 39.83 1.18 7.33
N GLU B 149 40.56 2.13 6.74
CA GLU B 149 41.51 2.95 7.47
C GLU B 149 41.04 4.39 7.65
N SER B 150 39.74 4.65 7.52
CA SER B 150 39.22 5.98 7.74
C SER B 150 38.71 6.19 9.16
N GLY B 151 38.07 5.16 9.73
CA GLY B 151 37.29 5.34 10.93
C GLY B 151 35.91 5.91 10.69
N ALA B 152 35.56 6.18 9.44
CA ALA B 152 34.25 6.69 9.08
C ALA B 152 33.36 5.54 8.64
N ASN B 153 32.07 5.66 8.97
CA ASN B 153 31.10 4.64 8.61
C ASN B 153 30.81 4.73 7.12
N PHE B 154 31.07 3.62 6.41
CA PHE B 154 31.12 3.60 4.95
C PHE B 154 29.82 3.00 4.42
N ILE B 155 28.80 3.85 4.26
CA ILE B 155 27.54 3.39 3.68
C ILE B 155 27.77 3.18 2.18
N SER B 156 27.83 1.92 1.77
CA SER B 156 27.96 1.57 0.35
C SER B 156 26.59 1.09 -0.11
N ILE B 157 25.84 1.99 -0.72
CA ILE B 157 24.47 1.73 -1.15
C ILE B 157 24.45 1.75 -2.68
N ARG B 158 23.63 0.87 -3.26
CA ARG B 158 23.49 0.77 -4.70
C ARG B 158 22.13 1.30 -5.15
N MET B 159 21.95 1.36 -6.47
CA MET B 159 20.69 1.83 -7.03
C MET B 159 19.55 0.85 -6.77
N SER B 160 19.85 -0.45 -6.78
CA SER B 160 18.81 -1.46 -6.58
C SER B 160 18.22 -1.38 -5.18
N SER B 161 19.05 -1.14 -4.17
CA SER B 161 18.55 -1.08 -2.80
C SER B 161 17.75 0.19 -2.54
N ILE B 162 18.05 1.27 -3.25
CA ILE B 162 17.27 2.51 -3.12
C ILE B 162 15.88 2.31 -3.71
N MET B 163 15.78 1.59 -4.82
CA MET B 163 14.51 1.38 -5.50
C MET B 163 13.52 0.63 -4.62
N ASP B 164 12.26 1.09 -4.63
CA ASP B 164 11.20 0.48 -3.85
C ASP B 164 9.96 0.31 -4.72
N LYS B 165 9.16 -0.70 -4.39
CA LYS B 165 8.00 -1.03 -5.20
C LYS B 165 6.91 0.03 -5.06
N TRP B 166 6.59 0.43 -3.83
CA TRP B 166 5.48 1.34 -3.62
C TRP B 166 5.86 2.76 -4.02
N TYR B 167 4.83 3.60 -4.18
CA TYR B 167 5.03 4.95 -4.68
C TYR B 167 5.67 5.82 -3.62
N GLY B 168 6.73 6.54 -4.00
CA GLY B 168 7.35 7.52 -3.13
C GLY B 168 8.14 6.94 -1.98
N GLU B 169 8.28 5.62 -1.89
CA GLU B 169 9.06 5.03 -0.81
C GLU B 169 10.55 5.17 -1.06
N SER B 170 10.99 5.20 -2.32
CA SER B 170 12.39 5.43 -2.62
C SER B 170 12.85 6.81 -2.21
N ASN B 171 11.95 7.81 -2.30
CA ASN B 171 12.25 9.14 -1.82
C ASN B 171 12.52 9.13 -0.33
N LYS B 172 11.69 8.42 0.44
CA LYS B 172 11.93 8.30 1.87
C LYS B 172 13.17 7.47 2.17
N ILE B 173 13.51 6.53 1.27
CA ILE B 173 14.74 5.76 1.44
C ILE B 173 15.95 6.67 1.32
N VAL B 174 15.96 7.55 0.32
CA VAL B 174 17.06 8.50 0.15
C VAL B 174 17.09 9.50 1.30
N ASP B 175 15.91 9.97 1.73
CA ASP B 175 15.84 10.91 2.84
C ASP B 175 16.37 10.30 4.12
N ALA B 176 16.03 9.03 4.39
CA ALA B 176 16.52 8.38 5.59
C ALA B 176 17.97 7.96 5.43
N MET B 177 18.46 7.78 4.21
CA MET B 177 19.89 7.56 4.02
C MET B 177 20.68 8.78 4.45
N PHE B 178 20.26 9.96 3.98
CA PHE B 178 20.95 11.18 4.38
C PHE B 178 20.73 11.48 5.86
N SER B 179 19.53 11.17 6.38
CA SER B 179 19.26 11.36 7.80
C SER B 179 20.13 10.43 8.66
N LEU B 180 20.31 9.18 8.24
CA LEU B 180 21.16 8.26 8.97
C LEU B 180 22.62 8.71 8.92
N ALA B 181 23.07 9.20 7.77
CA ALA B 181 24.41 9.77 7.70
C ALA B 181 24.55 11.00 8.58
N ASN B 182 23.47 11.75 8.78
CA ASN B 182 23.52 12.92 9.65
C ASN B 182 23.50 12.55 11.13
N LYS B 183 22.76 11.48 11.50
CA LYS B 183 22.66 11.10 12.90
C LYS B 183 23.98 10.59 13.43
N LEU B 184 24.61 9.68 12.69
CA LEU B 184 25.98 9.25 12.95
C LEU B 184 26.90 10.10 12.09
N GLN B 185 27.43 11.17 12.70
CA GLN B 185 28.05 12.25 11.93
C GLN B 185 29.25 11.83 11.10
N PRO B 186 30.28 11.13 11.64
CA PRO B 186 31.40 10.80 10.73
C PRO B 186 31.07 9.63 9.81
N CYS B 187 30.19 9.89 8.85
CA CYS B 187 29.69 8.88 7.93
C CYS B 187 30.14 9.19 6.52
N ILE B 188 30.26 8.13 5.71
CA ILE B 188 30.59 8.24 4.30
C ILE B 188 29.57 7.44 3.52
N ILE B 189 28.89 8.08 2.57
CA ILE B 189 27.95 7.41 1.68
C ILE B 189 28.69 7.13 0.37
N PHE B 190 28.83 5.85 0.04
CA PHE B 190 29.57 5.43 -1.14
C PHE B 190 28.60 5.00 -2.23
N ILE B 191 28.76 5.58 -3.42
CA ILE B 191 28.00 5.18 -4.60
C ILE B 191 28.99 4.60 -5.60
N ASP B 192 28.72 3.38 -6.04
CA ASP B 192 29.57 2.70 -7.01
C ASP B 192 28.94 2.83 -8.39
N GLN B 193 29.75 3.22 -9.37
CA GLN B 193 29.29 3.54 -10.72
C GLN B 193 28.19 4.60 -10.68
N ILE B 194 28.58 5.79 -10.21
CA ILE B 194 27.62 6.87 -9.99
C ILE B 194 27.05 7.42 -11.29
N ASP B 195 27.65 7.09 -12.44
CA ASP B 195 27.06 7.46 -13.72
C ASP B 195 25.72 6.78 -13.92
N SER B 196 25.54 5.59 -13.34
CA SER B 196 24.25 4.91 -13.41
C SER B 196 23.22 5.58 -12.51
N PHE B 197 23.65 6.07 -11.34
CA PHE B 197 22.72 6.68 -10.39
C PHE B 197 22.62 8.19 -10.62
N LEU B 198 23.74 8.90 -10.55
CA LEU B 198 23.75 10.34 -10.79
C LEU B 198 23.95 10.67 -12.27
N ARG B 199 23.13 10.07 -13.11
CA ARG B 199 23.19 10.34 -14.54
C ARG B 199 22.69 11.76 -14.82
N GLU B 200 23.15 12.32 -15.93
CA GLU B 200 22.70 13.64 -16.35
C GLU B 200 21.19 13.66 -16.53
N ARG B 201 20.54 14.63 -15.90
CA ARG B 201 19.08 14.70 -15.93
C ARG B 201 18.59 15.02 -17.34
N SER B 202 17.55 14.32 -17.76
CA SER B 202 16.98 14.48 -19.09
C SER B 202 15.47 14.54 -18.99
N SER B 203 14.84 15.09 -20.03
CA SER B 203 13.39 15.10 -20.10
C SER B 203 12.81 13.71 -20.35
N THR B 204 13.62 12.78 -20.85
CA THR B 204 13.21 11.41 -21.06
C THR B 204 13.35 10.55 -19.81
N ASP B 205 13.86 11.11 -18.71
CA ASP B 205 14.01 10.36 -17.48
C ASP B 205 12.65 10.00 -16.89
N HIS B 206 12.59 8.83 -16.26
CA HIS B 206 11.39 8.45 -15.53
C HIS B 206 11.19 9.38 -14.35
N GLU B 207 9.92 9.59 -13.96
CA GLU B 207 9.63 10.51 -12.88
C GLU B 207 10.20 10.05 -11.55
N VAL B 208 10.23 8.73 -11.32
CA VAL B 208 10.75 8.21 -10.06
C VAL B 208 12.26 8.48 -9.94
N THR B 209 13.01 8.15 -10.98
CA THR B 209 14.46 8.34 -10.90
C THR B 209 14.85 9.81 -10.98
N ALA B 210 14.14 10.62 -11.75
CA ALA B 210 14.42 12.06 -11.77
C ALA B 210 14.11 12.70 -10.43
N THR B 211 13.00 12.30 -9.81
CA THR B 211 12.67 12.79 -8.47
C THR B 211 13.71 12.35 -7.45
N LEU B 212 14.17 11.11 -7.56
CA LEU B 212 15.20 10.60 -6.66
C LEU B 212 16.49 11.41 -6.81
N LYS B 213 16.91 11.68 -8.04
CA LYS B 213 18.12 12.46 -8.27
C LYS B 213 17.98 13.88 -7.76
N ALA B 214 16.81 14.50 -7.97
CA ALA B 214 16.61 15.87 -7.51
C ALA B 214 16.60 15.96 -5.99
N GLU B 215 16.00 14.97 -5.33
CA GLU B 215 16.01 14.99 -3.87
C GLU B 215 17.37 14.62 -3.31
N PHE B 216 18.14 13.82 -4.04
CA PHE B 216 19.54 13.61 -3.67
C PHE B 216 20.32 14.91 -3.74
N MET B 217 20.06 15.71 -4.79
CA MET B 217 20.71 17.02 -4.87
C MET B 217 20.26 17.94 -3.76
N THR B 218 18.98 17.87 -3.39
CA THR B 218 18.45 18.73 -2.33
C THR B 218 19.07 18.38 -0.97
N LEU B 219 19.07 17.10 -0.62
CA LEU B 219 19.63 16.68 0.67
C LEU B 219 21.14 16.81 0.69
N TRP B 220 21.80 16.59 -0.45
CA TRP B 220 23.25 16.64 -0.54
C TRP B 220 23.77 18.04 -0.21
N ASP B 221 23.39 19.03 -1.01
CA ASP B 221 23.78 20.42 -0.81
C ASP B 221 22.54 21.28 -0.99
N GLY B 222 21.81 21.50 0.08
CA GLY B 222 20.59 22.30 0.06
C GLY B 222 20.45 23.04 1.36
N LEU B 223 19.20 23.34 1.72
CA LEU B 223 18.93 23.88 3.04
C LEU B 223 19.24 22.84 4.11
N LEU B 224 19.59 23.31 5.31
CA LEU B 224 19.94 22.47 6.45
C LEU B 224 21.09 21.52 6.08
N ASN B 225 22.25 22.16 5.85
CA ASN B 225 23.41 21.45 5.30
C ASN B 225 23.85 20.32 6.22
N ASN B 226 24.32 19.25 5.60
CA ASN B 226 24.71 18.05 6.33
C ASN B 226 26.03 18.26 7.04
N GLY B 227 26.05 17.95 8.33
CA GLY B 227 27.27 18.03 9.11
C GLY B 227 28.04 16.73 9.06
N ARG B 228 29.29 16.81 8.61
CA ARG B 228 30.25 15.71 8.56
C ARG B 228 29.81 14.56 7.65
N VAL B 229 28.73 14.73 6.89
CA VAL B 229 28.30 13.72 5.93
C VAL B 229 29.17 13.82 4.69
N MET B 230 29.64 12.67 4.21
CA MET B 230 30.65 12.64 3.17
C MET B 230 30.20 11.67 2.08
N ILE B 231 30.46 12.01 0.83
CA ILE B 231 30.07 11.19 -0.31
C ILE B 231 31.32 10.79 -1.08
N ILE B 232 31.50 9.49 -1.30
CA ILE B 232 32.60 8.98 -2.09
C ILE B 232 32.01 8.44 -3.39
N GLY B 233 32.45 8.97 -4.51
CA GLY B 233 31.96 8.58 -5.82
C GLY B 233 33.03 7.84 -6.60
N ALA B 234 32.66 6.72 -7.19
CA ALA B 234 33.54 5.93 -8.03
C ALA B 234 32.86 5.68 -9.36
N THR B 235 33.52 6.06 -10.45
CA THR B 235 32.97 5.88 -11.79
C THR B 235 34.11 5.86 -12.79
N ASN B 236 33.80 5.43 -14.01
CA ASN B 236 34.75 5.49 -15.11
C ASN B 236 34.26 6.37 -16.26
N ARG B 237 33.07 6.94 -16.15
CA ARG B 237 32.54 7.89 -17.16
C ARG B 237 32.14 9.15 -16.41
N ILE B 238 33.08 10.09 -16.29
CA ILE B 238 32.80 11.35 -15.60
C ILE B 238 31.83 12.21 -16.40
N ASN B 239 31.84 12.09 -17.73
CA ASN B 239 30.99 12.92 -18.57
C ASN B 239 29.51 12.53 -18.49
N ASP B 240 29.21 11.34 -17.97
CA ASP B 240 27.82 10.90 -17.85
C ASP B 240 27.13 11.45 -16.61
N ILE B 241 27.85 12.12 -15.72
CA ILE B 241 27.29 12.69 -14.50
C ILE B 241 26.77 14.09 -14.80
N ASP B 242 25.68 14.45 -14.14
CA ASP B 242 25.11 15.78 -14.29
C ASP B 242 26.05 16.83 -13.73
N ASP B 243 25.93 18.05 -14.28
CA ASP B 243 26.81 19.14 -13.86
C ASP B 243 26.61 19.49 -12.38
N ALA B 244 25.36 19.45 -11.92
CA ALA B 244 25.07 19.76 -10.52
C ALA B 244 25.61 18.67 -9.60
N PHE B 245 25.45 17.40 -9.98
CA PHE B 245 26.04 16.31 -9.22
C PHE B 245 27.56 16.40 -9.21
N LEU B 246 28.16 16.74 -10.35
CA LEU B 246 29.61 16.89 -10.42
C LEU B 246 30.08 18.04 -9.54
N ARG B 247 29.29 19.12 -9.47
CA ARG B 247 29.57 20.19 -8.52
C ARG B 247 29.48 19.69 -7.09
N ARG B 248 28.52 18.81 -6.80
CA ARG B 248 28.40 18.20 -5.48
C ARG B 248 29.57 17.28 -5.14
N LEU B 249 30.39 16.91 -6.12
CA LEU B 249 31.64 16.21 -5.83
C LEU B 249 32.80 17.11 -6.24
N PRO B 250 33.14 18.13 -5.45
CA PRO B 250 34.13 19.12 -5.90
C PRO B 250 35.56 18.62 -5.85
N LYS B 251 35.83 17.52 -5.13
CA LYS B 251 37.17 16.95 -5.07
C LYS B 251 37.25 15.79 -6.05
N ARG B 252 38.14 15.90 -7.03
CA ARG B 252 38.24 14.93 -8.11
C ARG B 252 39.60 14.24 -8.06
N PHE B 253 39.60 12.92 -8.24
CA PHE B 253 40.82 12.13 -8.28
C PHE B 253 40.91 11.42 -9.62
N LEU B 254 42.01 11.62 -10.32
CA LEU B 254 42.27 10.96 -11.61
C LEU B 254 43.01 9.67 -11.35
N VAL B 255 42.26 8.58 -11.21
CA VAL B 255 42.86 7.24 -11.11
C VAL B 255 42.99 6.75 -12.54
N SER B 256 44.07 7.18 -13.20
CA SER B 256 44.28 6.90 -14.61
C SER B 256 45.08 5.61 -14.77
N LEU B 257 45.43 5.30 -16.01
CA LEU B 257 46.25 4.14 -16.30
C LEU B 257 47.65 4.34 -15.71
N PRO B 258 48.20 3.35 -15.02
CA PRO B 258 49.48 3.56 -14.33
C PRO B 258 50.64 3.77 -15.29
N GLY B 259 51.61 4.57 -14.85
CA GLY B 259 52.84 4.77 -15.57
C GLY B 259 53.81 3.64 -15.34
N SER B 260 55.03 3.83 -15.86
CA SER B 260 56.05 2.79 -15.75
C SER B 260 56.44 2.55 -14.29
N ASP B 261 56.75 3.61 -13.55
CA ASP B 261 57.04 3.48 -12.13
C ASP B 261 55.80 3.03 -11.36
N GLN B 262 54.62 3.54 -11.75
CA GLN B 262 53.39 3.11 -11.11
C GLN B 262 53.10 1.64 -11.38
N ARG B 263 53.35 1.16 -12.61
CA ARG B 263 53.18 -0.26 -12.91
C ARG B 263 54.16 -1.10 -12.10
N TYR B 264 55.41 -0.62 -11.97
CA TYR B 264 56.40 -1.33 -11.16
C TYR B 264 55.95 -1.42 -9.71
N LYS B 265 55.42 -0.33 -9.15
CA LYS B 265 54.95 -0.35 -7.77
C LYS B 265 53.74 -1.27 -7.61
N ILE B 266 52.81 -1.25 -8.57
CA ILE B 266 51.64 -2.11 -8.52
C ILE B 266 52.06 -3.58 -8.53
N LEU B 267 53.00 -3.92 -9.43
CA LEU B 267 53.48 -5.30 -9.49
C LEU B 267 54.22 -5.68 -8.21
N SER B 268 55.06 -4.78 -7.69
CA SER B 268 55.84 -5.09 -6.48
C SER B 268 54.92 -5.33 -5.28
N VAL B 269 53.86 -4.53 -5.15
CA VAL B 269 52.90 -4.76 -4.07
C VAL B 269 52.12 -6.04 -4.33
N LEU B 270 51.78 -6.31 -5.59
CA LEU B 270 50.87 -7.41 -5.92
C LEU B 270 51.50 -8.76 -5.64
N LEU B 271 52.73 -8.99 -6.09
CA LEU B 271 53.42 -10.25 -5.85
C LEU B 271 54.37 -10.19 -4.66
N LYS B 272 54.03 -9.39 -3.65
CA LYS B 272 54.80 -9.41 -2.41
C LYS B 272 54.54 -10.71 -1.66
N ASP B 273 55.62 -11.28 -1.12
CA ASP B 273 55.62 -12.58 -0.42
C ASP B 273 55.07 -13.68 -1.33
N THR B 274 55.73 -13.84 -2.47
CA THR B 274 55.33 -14.83 -3.47
C THR B 274 56.57 -15.64 -3.86
N LYS B 275 56.45 -16.39 -4.95
CA LYS B 275 57.52 -17.24 -5.47
C LYS B 275 58.50 -16.48 -6.35
N LEU B 276 58.65 -15.18 -6.11
CA LEU B 276 59.47 -14.31 -6.96
C LEU B 276 60.92 -14.79 -7.00
N ASP B 277 61.54 -14.63 -8.18
CA ASP B 277 62.91 -15.06 -8.39
C ASP B 277 63.88 -14.20 -7.57
N GLU B 278 64.98 -14.83 -7.15
CA GLU B 278 66.00 -14.12 -6.39
C GLU B 278 66.76 -13.13 -7.27
N ASP B 279 67.13 -13.54 -8.48
CA ASP B 279 67.91 -12.68 -9.37
C ASP B 279 67.27 -12.56 -10.74
N GLU B 280 66.66 -13.65 -11.22
CA GLU B 280 66.14 -13.71 -12.58
C GLU B 280 64.69 -13.23 -12.64
N PHE B 281 64.48 -11.97 -12.30
CA PHE B 281 63.18 -11.33 -12.46
C PHE B 281 63.40 -9.85 -12.78
N ASP B 282 63.28 -9.51 -14.06
CA ASP B 282 63.39 -8.12 -14.51
C ASP B 282 61.99 -7.51 -14.51
N LEU B 283 61.59 -7.04 -13.33
CA LEU B 283 60.27 -6.40 -13.19
C LEU B 283 60.21 -5.08 -13.95
N GLN B 284 61.35 -4.39 -14.09
CA GLN B 284 61.40 -3.17 -14.88
C GLN B 284 61.07 -3.45 -16.34
N LEU B 285 61.63 -4.53 -16.90
CA LEU B 285 61.33 -4.90 -18.27
C LEU B 285 59.86 -5.29 -18.42
N ILE B 286 59.30 -5.97 -17.42
CA ILE B 286 57.89 -6.34 -17.47
C ILE B 286 57.00 -5.11 -17.45
N ALA B 287 57.33 -4.13 -16.60
CA ALA B 287 56.57 -2.88 -16.55
C ALA B 287 56.69 -2.10 -17.85
N ASP B 288 57.88 -2.12 -18.46
CA ASP B 288 58.05 -1.46 -19.76
C ASP B 288 57.25 -2.16 -20.85
N ASN B 289 57.20 -3.49 -20.82
CA ASN B 289 56.44 -4.24 -21.82
C ASN B 289 54.94 -4.00 -21.67
N THR B 290 54.44 -3.98 -20.44
CA THR B 290 53.02 -3.74 -20.19
C THR B 290 52.74 -2.24 -20.20
N LYS B 291 52.82 -1.67 -21.41
CA LYS B 291 52.55 -0.25 -21.60
C LYS B 291 51.05 -0.04 -21.78
N GLY B 292 50.48 0.86 -20.98
CA GLY B 292 49.06 1.09 -21.00
C GLY B 292 48.24 -0.09 -20.51
N PHE B 293 48.71 -0.77 -19.48
CA PHE B 293 48.02 -1.92 -18.91
C PHE B 293 47.31 -1.49 -17.64
N SER B 294 46.03 -1.83 -17.52
CA SER B 294 45.27 -1.50 -16.33
C SER B 294 45.72 -2.36 -15.15
N GLY B 295 45.31 -1.95 -13.96
CA GLY B 295 45.61 -2.73 -12.77
C GLY B 295 44.93 -4.09 -12.78
N SER B 296 43.72 -4.15 -13.33
CA SER B 296 43.03 -5.43 -13.47
C SER B 296 43.75 -6.35 -14.45
N ASP B 297 44.38 -5.78 -15.48
CA ASP B 297 45.15 -6.59 -16.41
C ASP B 297 46.40 -7.17 -15.74
N LEU B 298 47.02 -6.40 -14.85
CA LEU B 298 48.20 -6.90 -14.15
C LEU B 298 47.84 -8.02 -13.17
N LYS B 299 46.66 -7.95 -12.56
CA LYS B 299 46.19 -9.05 -11.73
C LYS B 299 45.99 -10.32 -12.56
N GLU B 300 45.39 -10.17 -13.74
CA GLU B 300 45.24 -11.32 -14.64
C GLU B 300 46.59 -11.80 -15.14
N LEU B 301 47.52 -10.87 -15.38
CA LEU B 301 48.86 -11.24 -15.80
C LEU B 301 49.60 -12.00 -14.70
N CYS B 302 49.48 -11.55 -13.45
CA CYS B 302 50.15 -12.25 -12.35
C CYS B 302 49.47 -13.57 -12.04
N ARG B 303 48.14 -13.63 -12.14
CA ARG B 303 47.43 -14.88 -11.91
C ARG B 303 47.74 -15.91 -13.00
N GLU B 304 47.81 -15.47 -14.25
CA GLU B 304 48.13 -16.37 -15.35
C GLU B 304 49.55 -16.92 -15.22
N ALA B 305 50.50 -16.06 -14.87
CA ALA B 305 51.89 -16.50 -14.72
C ALA B 305 52.04 -17.43 -13.51
N ALA B 306 51.36 -17.13 -12.41
CA ALA B 306 51.45 -17.98 -11.24
C ALA B 306 50.75 -19.31 -11.44
N LEU B 307 49.69 -19.34 -12.26
CA LEU B 307 49.00 -20.60 -12.54
C LEU B 307 49.90 -21.57 -13.29
N ASP B 308 50.65 -21.08 -14.28
CA ASP B 308 51.58 -21.93 -15.00
C ASP B 308 52.81 -22.26 -14.15
N ALA B 309 53.21 -21.35 -13.27
CA ALA B 309 54.34 -21.63 -12.38
C ALA B 309 53.98 -22.65 -11.31
N ALA B 310 52.70 -22.74 -10.94
CA ALA B 310 52.23 -23.70 -9.96
C ALA B 310 51.68 -24.96 -10.61
N LYS B 311 51.89 -25.14 -11.92
CA LYS B 311 51.44 -26.35 -12.59
C LYS B 311 52.14 -27.59 -12.04
N GLU B 312 53.45 -27.47 -11.79
CA GLU B 312 54.18 -28.56 -11.15
C GLU B 312 53.72 -28.77 -9.72
N TYR B 313 53.40 -27.68 -9.01
CA TYR B 313 52.90 -27.80 -7.65
C TYR B 313 51.49 -28.39 -7.62
N ILE B 314 50.66 -28.05 -8.61
CA ILE B 314 49.32 -28.63 -8.71
C ILE B 314 49.41 -30.13 -8.96
N LYS B 315 50.31 -30.54 -9.86
CA LYS B 315 50.52 -31.96 -10.11
C LYS B 315 51.07 -32.66 -8.87
N GLN B 316 51.97 -32.01 -8.14
CA GLN B 316 52.55 -32.57 -6.93
C GLN B 316 51.53 -32.63 -5.81
N ARG B 337 60.56 -21.33 -5.27
CA ARG B 337 60.31 -20.06 -5.96
C ARG B 337 60.68 -20.16 -7.43
N PRO B 338 59.81 -20.75 -8.24
CA PRO B 338 60.11 -20.96 -9.67
C PRO B 338 59.63 -19.86 -10.60
N LEU B 339 59.01 -18.80 -10.08
CA LEU B 339 58.50 -17.73 -10.94
C LEU B 339 59.67 -16.95 -11.54
N LYS B 340 59.63 -16.75 -12.85
CA LYS B 340 60.73 -16.14 -13.58
C LYS B 340 60.18 -15.04 -14.49
N THR B 341 61.10 -14.33 -15.16
CA THR B 341 60.71 -13.31 -16.12
C THR B 341 59.97 -13.92 -17.31
N LYS B 342 60.46 -15.06 -17.80
CA LYS B 342 59.88 -15.68 -18.99
C LYS B 342 58.46 -16.15 -18.76
N ASP B 343 58.09 -16.44 -17.51
CA ASP B 343 56.70 -16.73 -17.20
C ASP B 343 55.81 -15.51 -17.43
N PHE B 344 56.29 -14.33 -17.01
CA PHE B 344 55.56 -13.10 -17.28
C PHE B 344 55.65 -12.72 -18.75
N THR B 345 56.80 -12.96 -19.38
CA THR B 345 57.01 -12.57 -20.77
C THR B 345 56.08 -13.33 -21.71
N LYS B 346 55.88 -14.63 -21.46
CA LYS B 346 55.03 -15.45 -22.31
C LYS B 346 53.57 -15.04 -22.24
N LYS B 347 53.16 -14.29 -21.23
CA LYS B 347 51.78 -13.85 -21.07
C LYS B 347 51.55 -12.43 -21.56
N LEU B 348 52.55 -11.82 -22.19
CA LEU B 348 52.42 -10.48 -22.75
C LEU B 348 52.99 -10.45 -24.16
N ARG B 349 52.56 -9.45 -24.92
CA ARG B 349 53.07 -9.26 -26.28
C ARG B 349 54.37 -8.49 -26.27
N SER C 43 7.53 8.17 13.22
CA SER C 43 8.65 8.12 14.16
C SER C 43 8.47 9.18 15.26
N ARG C 44 8.83 8.80 16.49
CA ARG C 44 8.71 9.71 17.62
C ARG C 44 9.58 10.95 17.42
N GLU C 45 10.74 10.78 16.79
CA GLU C 45 11.60 11.91 16.49
C GLU C 45 10.90 12.90 15.55
N SER C 46 10.13 12.38 14.60
CA SER C 46 9.41 13.26 13.67
C SER C 46 8.35 14.09 14.40
N LYS C 47 7.58 13.46 15.30
CA LYS C 47 6.56 14.19 16.05
C LYS C 47 7.19 15.20 16.97
N ALA C 48 8.32 14.85 17.60
CA ALA C 48 9.05 15.81 18.41
C ALA C 48 9.56 16.97 17.58
N LYS C 49 9.94 16.71 16.33
CA LYS C 49 10.41 17.79 15.46
C LYS C 49 9.27 18.73 15.07
N GLN C 50 8.08 18.17 14.79
CA GLN C 50 6.92 19.03 14.57
C GLN C 50 6.58 19.85 15.81
N SER C 51 6.67 19.23 16.99
CA SER C 51 6.38 19.95 18.22
C SER C 51 7.36 21.10 18.45
N LEU C 52 8.65 20.84 18.18
CA LEU C 52 9.66 21.89 18.32
C LEU C 52 9.44 23.02 17.31
N GLN C 53 9.10 22.67 16.07
CA GLN C 53 8.81 23.69 15.06
C GLN C 53 7.61 24.53 15.45
N TRP C 54 6.56 23.88 15.98
CA TRP C 54 5.38 24.63 16.42
C TRP C 54 5.70 25.54 17.61
N GLU C 55 6.50 25.03 18.55
CA GLU C 55 6.89 25.85 19.70
C GLU C 55 7.67 27.07 19.26
N LYS C 56 8.62 26.89 18.35
CA LYS C 56 9.38 28.03 17.82
C LYS C 56 8.49 28.98 17.03
N LEU C 57 7.45 28.45 16.35
CA LEU C 57 6.57 29.30 15.57
C LEU C 57 5.71 30.18 16.47
N VAL C 58 5.12 29.61 17.53
CA VAL C 58 4.36 30.43 18.47
C VAL C 58 5.28 31.35 19.26
N LYS C 59 6.53 30.96 19.47
CA LYS C 59 7.49 31.86 20.11
C LYS C 59 7.78 33.06 19.22
N ARG C 60 7.94 32.83 17.91
CA ARG C 60 8.19 33.94 16.99
C ARG C 60 6.94 34.80 16.81
N SER C 61 5.78 34.19 16.68
CA SER C 61 4.52 34.91 16.48
C SER C 61 3.56 34.61 17.62
N PRO C 62 3.36 35.54 18.56
CA PRO C 62 2.42 35.29 19.66
C PRO C 62 0.98 35.13 19.21
N ALA C 63 0.58 35.80 18.12
CA ALA C 63 -0.78 35.68 17.61
C ALA C 63 -1.06 34.33 16.97
N LEU C 64 -0.03 33.52 16.77
CA LEU C 64 -0.17 32.19 16.18
C LEU C 64 -0.45 31.15 17.27
N ALA C 65 -1.52 31.39 18.01
CA ALA C 65 -1.82 30.57 19.17
C ALA C 65 -3.16 29.86 19.09
N GLU C 66 -4.20 30.53 18.62
CA GLU C 66 -5.53 29.93 18.52
C GLU C 66 -5.73 29.18 17.21
N VAL C 67 -4.74 29.13 16.34
CA VAL C 67 -4.85 28.42 15.08
C VAL C 67 -4.66 26.93 15.34
N THR C 68 -5.64 26.13 14.96
CA THR C 68 -5.59 24.68 15.12
C THR C 68 -5.18 24.03 13.80
N LEU C 69 -4.38 22.98 13.88
CA LEU C 69 -3.82 22.32 12.72
C LEU C 69 -4.36 20.90 12.61
N ASP C 70 -4.62 20.45 11.39
CA ASP C 70 -5.03 19.09 11.14
C ASP C 70 -3.84 18.15 11.25
N ALA C 71 -4.08 16.86 11.03
CA ALA C 71 -2.99 15.89 11.06
C ALA C 71 -2.01 16.12 9.92
N TYR C 72 -2.51 16.40 8.72
CA TYR C 72 -1.64 16.62 7.57
C TYR C 72 -0.90 17.94 7.69
N GLU C 73 -1.55 18.98 8.23
CA GLU C 73 -0.84 20.21 8.53
C GLU C 73 0.23 19.99 9.58
N ARG C 74 -0.06 19.15 10.57
CA ARG C 74 0.92 18.85 11.61
C ARG C 74 2.13 18.10 11.07
N THR C 75 1.92 17.19 10.11
CA THR C 75 3.08 16.51 9.54
C THR C 75 3.79 17.34 8.49
N ILE C 76 3.11 18.35 7.91
CA ILE C 76 3.81 19.33 7.09
C ILE C 76 4.67 20.24 7.97
N LEU C 77 4.23 20.47 9.21
CA LEU C 77 4.92 21.36 10.14
C LEU C 77 6.35 20.91 10.45
N SER C 78 6.68 19.64 10.23
CA SER C 78 8.05 19.19 10.46
C SER C 78 9.03 19.85 9.51
N SER C 79 8.58 20.24 8.31
CA SER C 79 9.45 20.82 7.30
C SER C 79 9.63 22.33 7.48
N ILE C 80 9.23 22.88 8.62
CA ILE C 80 9.44 24.30 8.88
C ILE C 80 10.93 24.55 9.11
N VAL C 81 11.49 25.49 8.38
CA VAL C 81 12.88 25.91 8.58
C VAL C 81 12.87 27.25 9.31
N THR C 82 12.95 27.20 10.64
CA THR C 82 13.01 28.41 11.43
C THR C 82 14.39 29.06 11.28
N PRO C 83 14.50 30.35 11.59
CA PRO C 83 15.82 30.96 11.72
C PRO C 83 16.63 30.29 12.82
N ASP C 84 17.95 30.53 12.76
CA ASP C 84 19.03 29.93 13.56
C ASP C 84 19.15 28.42 13.36
N GLU C 85 18.32 27.85 12.49
CA GLU C 85 18.62 26.58 11.84
C GLU C 85 19.45 26.79 10.58
N ILE C 86 19.62 28.04 10.17
CA ILE C 86 20.39 28.43 9.00
C ILE C 86 21.53 29.30 9.48
N ASN C 87 22.77 28.93 9.13
CA ASN C 87 23.95 29.67 9.55
C ASN C 87 24.45 30.62 8.48
N ILE C 88 23.60 31.03 7.54
CA ILE C 88 24.03 31.78 6.37
C ILE C 88 23.09 32.97 6.20
N THR C 89 23.67 34.16 6.05
CA THR C 89 22.91 35.39 5.88
C THR C 89 23.12 35.96 4.48
N PHE C 90 22.50 37.11 4.23
CA PHE C 90 22.67 37.78 2.95
C PHE C 90 24.06 38.38 2.81
N GLN C 91 24.73 38.68 3.93
CA GLN C 91 26.08 39.20 3.87
C GLN C 91 27.10 38.13 3.50
N ASP C 92 26.73 36.85 3.63
CA ASP C 92 27.62 35.76 3.27
C ASP C 92 27.59 35.43 1.78
N ILE C 93 26.71 36.06 1.00
CA ILE C 93 26.60 35.83 -0.43
C ILE C 93 27.30 36.98 -1.13
N GLY C 94 28.43 36.69 -1.78
CA GLY C 94 29.13 37.67 -2.56
C GLY C 94 28.76 37.59 -4.03
N GLY C 95 29.03 38.69 -4.75
CA GLY C 95 28.82 38.71 -6.17
C GLY C 95 27.37 38.70 -6.61
N LEU C 96 26.44 38.96 -5.69
CA LEU C 96 25.02 38.97 -6.04
C LEU C 96 24.30 40.19 -5.46
N ASP C 97 25.03 41.28 -5.21
CA ASP C 97 24.43 42.46 -4.59
C ASP C 97 23.31 43.08 -5.42
N PRO C 98 23.43 43.28 -6.74
CA PRO C 98 22.24 43.71 -7.50
C PRO C 98 21.11 42.70 -7.44
N LEU C 99 21.42 41.40 -7.52
CA LEU C 99 20.39 40.38 -7.44
C LEU C 99 19.76 40.35 -6.06
N ILE C 100 20.58 40.49 -5.01
CA ILE C 100 20.05 40.50 -3.65
C ILE C 100 19.17 41.71 -3.41
N SER C 101 19.58 42.88 -3.91
CA SER C 101 18.77 44.08 -3.76
C SER C 101 17.45 43.98 -4.52
N ASP C 102 17.49 43.45 -5.75
CA ASP C 102 16.26 43.26 -6.50
C ASP C 102 15.34 42.24 -5.82
N LEU C 103 15.93 41.15 -5.31
CA LEU C 103 15.17 40.15 -4.59
C LEU C 103 14.51 40.76 -3.36
N HIS C 104 15.24 41.59 -2.62
CA HIS C 104 14.66 42.28 -1.46
C HIS C 104 13.49 43.15 -1.88
N GLU C 105 13.75 44.13 -2.74
CA GLU C 105 12.73 45.13 -3.10
C GLU C 105 11.54 44.54 -3.84
N SER C 106 11.67 43.36 -4.45
CA SER C 106 10.55 42.76 -5.16
C SER C 106 9.94 41.56 -4.46
N VAL C 107 10.55 41.05 -3.39
CA VAL C 107 10.09 39.81 -2.77
C VAL C 107 9.84 40.03 -1.28
N ILE C 108 10.84 40.54 -0.56
CA ILE C 108 10.78 40.57 0.90
C ILE C 108 9.82 41.66 1.36
N TYR C 109 10.13 42.90 1.02
CA TYR C 109 9.33 44.03 1.46
C TYR C 109 7.89 44.01 0.97
N PRO C 110 7.57 43.68 -0.30
CA PRO C 110 6.15 43.55 -0.67
C PRO C 110 5.40 42.44 0.07
N LEU C 111 6.10 41.45 0.62
CA LEU C 111 5.48 40.39 1.37
C LEU C 111 5.53 40.63 2.88
N MET C 112 6.71 40.99 3.40
CA MET C 112 6.87 41.14 4.84
C MET C 112 6.23 42.43 5.36
N MET C 113 6.22 43.49 4.55
CA MET C 113 5.73 44.80 4.95
C MET C 113 4.65 45.26 3.98
N PRO C 114 3.42 44.73 4.13
CA PRO C 114 2.34 45.17 3.26
C PRO C 114 1.76 46.53 3.61
N GLU C 115 2.09 47.06 4.80
CA GLU C 115 1.59 48.38 5.16
C GLU C 115 2.24 49.48 4.33
N VAL C 116 3.49 49.29 3.91
CA VAL C 116 4.15 50.23 3.01
C VAL C 116 3.53 50.15 1.62
N TYR C 117 3.22 48.93 1.17
CA TYR C 117 2.80 48.68 -0.20
C TYR C 117 1.29 48.67 -0.38
N SER C 118 0.53 48.97 0.67
CA SER C 118 -0.93 48.95 0.57
C SER C 118 -1.50 50.12 -0.22
N ASN C 119 -0.70 51.13 -0.53
CA ASN C 119 -1.20 52.30 -1.24
C ASN C 119 -1.44 52.04 -2.72
N SER C 120 -1.02 50.88 -3.24
CA SER C 120 -1.25 50.53 -4.64
C SER C 120 -1.57 49.04 -4.69
N PRO C 121 -2.63 48.65 -5.42
CA PRO C 121 -2.95 47.21 -5.51
C PRO C 121 -1.96 46.40 -6.32
N LEU C 122 -1.14 47.05 -7.14
CA LEU C 122 -0.14 46.36 -7.96
C LEU C 122 1.17 46.12 -7.23
N LEU C 123 1.27 46.55 -5.97
CA LEU C 123 2.50 46.42 -5.19
C LEU C 123 2.53 45.14 -4.36
N GLN C 124 1.85 44.10 -4.80
CA GLN C 124 1.81 42.84 -4.07
C GLN C 124 3.07 42.02 -4.31
N ALA C 125 3.29 41.06 -3.42
CA ALA C 125 4.38 40.11 -3.60
C ALA C 125 4.05 39.15 -4.74
N PRO C 126 5.07 38.60 -5.41
CA PRO C 126 4.80 37.61 -6.45
C PRO C 126 4.18 36.34 -5.87
N SER C 127 3.35 35.69 -6.69
CA SER C 127 2.79 34.40 -6.30
C SER C 127 3.88 33.34 -6.20
N GLY C 128 4.97 33.51 -6.94
CA GLY C 128 6.09 32.59 -6.86
C GLY C 128 7.37 33.27 -7.32
N VAL C 129 8.49 32.68 -6.90
CA VAL C 129 9.81 33.19 -7.26
C VAL C 129 10.66 32.00 -7.70
N LEU C 130 11.31 32.14 -8.84
CA LEU C 130 12.18 31.10 -9.38
C LEU C 130 13.61 31.59 -9.37
N LEU C 131 14.49 30.83 -8.72
CA LEU C 131 15.93 31.08 -8.74
C LEU C 131 16.55 30.02 -9.64
N TYR C 132 16.85 30.40 -10.88
CA TYR C 132 17.39 29.46 -11.85
C TYR C 132 18.76 29.92 -12.32
N GLY C 133 19.48 29.00 -12.96
CA GLY C 133 20.81 29.26 -13.43
C GLY C 133 21.67 28.01 -13.37
N PRO C 134 22.93 28.14 -13.80
CA PRO C 134 23.85 27.00 -13.71
C PRO C 134 24.11 26.64 -12.26
N PRO C 135 24.40 25.37 -11.97
CA PRO C 135 24.60 24.96 -10.57
C PRO C 135 25.84 25.58 -9.95
N GLY C 136 25.76 25.79 -8.64
CA GLY C 136 26.87 26.30 -7.87
C GLY C 136 27.00 27.81 -7.84
N CYS C 137 26.05 28.54 -8.41
CA CYS C 137 26.15 29.99 -8.47
C CYS C 137 25.51 30.69 -7.26
N GLY C 138 24.78 29.96 -6.42
CA GLY C 138 24.29 30.55 -5.19
C GLY C 138 22.79 30.61 -5.04
N LYS C 139 22.05 29.72 -5.71
CA LYS C 139 20.60 29.70 -5.57
C LYS C 139 20.18 29.27 -4.17
N THR C 140 20.78 28.19 -3.66
CA THR C 140 20.43 27.74 -2.32
C THR C 140 21.03 28.65 -1.26
N MET C 141 22.11 29.37 -1.58
CA MET C 141 22.59 30.42 -0.69
C MET C 141 21.52 31.50 -0.52
N LEU C 142 20.91 31.91 -1.62
CA LEU C 142 19.83 32.89 -1.56
C LEU C 142 18.63 32.33 -0.82
N ALA C 143 18.33 31.05 -1.00
CA ALA C 143 17.22 30.43 -0.27
C ALA C 143 17.50 30.39 1.23
N LYS C 144 18.74 30.08 1.63
CA LYS C 144 19.12 30.10 3.03
C LYS C 144 19.00 31.50 3.62
N ALA C 145 19.44 32.51 2.87
CA ALA C 145 19.30 33.89 3.32
C ALA C 145 17.84 34.30 3.41
N LEU C 146 16.99 33.81 2.50
CA LEU C 146 15.56 34.08 2.59
C LEU C 146 14.96 33.43 3.83
N ALA C 147 15.41 32.21 4.15
CA ALA C 147 14.92 31.53 5.34
C ALA C 147 15.32 32.25 6.61
N LYS C 148 16.55 32.76 6.67
CA LYS C 148 17.05 33.34 7.90
C LYS C 148 16.69 34.83 8.07
N GLU C 149 16.71 35.61 7.00
CA GLU C 149 16.68 37.06 7.11
C GLU C 149 15.33 37.69 6.79
N SER C 150 14.47 37.01 6.03
CA SER C 150 13.19 37.61 5.66
C SER C 150 12.28 37.75 6.87
N GLY C 151 12.29 36.76 7.76
CA GLY C 151 11.33 36.71 8.85
C GLY C 151 10.05 35.98 8.50
N ALA C 152 9.88 35.56 7.26
CA ALA C 152 8.75 34.75 6.87
C ALA C 152 8.89 33.33 7.41
N ASN C 153 7.75 32.72 7.73
CA ASN C 153 7.75 31.31 8.07
C ASN C 153 8.10 30.50 6.84
N PHE C 154 9.06 29.59 6.98
CA PHE C 154 9.70 28.94 5.84
C PHE C 154 9.33 27.46 5.84
N ILE C 155 8.52 27.06 4.88
CA ILE C 155 8.16 25.65 4.69
C ILE C 155 8.98 25.15 3.51
N SER C 156 10.16 24.61 3.81
CA SER C 156 11.01 24.02 2.78
C SER C 156 10.74 22.51 2.71
N ILE C 157 9.59 22.18 2.13
CA ILE C 157 9.21 20.78 2.00
C ILE C 157 10.10 20.09 0.97
N ARG C 158 10.36 18.82 1.19
CA ARG C 158 11.01 17.97 0.22
C ARG C 158 9.96 17.09 -0.44
N MET C 159 10.38 16.38 -1.49
CA MET C 159 9.43 15.57 -2.22
C MET C 159 8.99 14.35 -1.40
N SER C 160 9.86 13.82 -0.54
CA SER C 160 9.49 12.64 0.24
C SER C 160 8.40 12.95 1.25
N SER C 161 8.34 14.19 1.74
CA SER C 161 7.25 14.59 2.62
C SER C 161 5.91 14.56 1.89
N ILE C 162 5.91 15.00 0.63
CA ILE C 162 4.68 15.01 -0.15
C ILE C 162 4.29 13.60 -0.59
N MET C 163 5.29 12.78 -0.93
CA MET C 163 5.04 11.40 -1.36
C MET C 163 4.36 10.60 -0.27
N ASP C 164 3.39 9.78 -0.66
CA ASP C 164 2.78 8.83 0.26
C ASP C 164 2.26 7.65 -0.55
N LYS C 165 2.45 6.44 0.00
CA LYS C 165 2.02 5.25 -0.72
C LYS C 165 0.50 5.09 -0.69
N TRP C 166 -0.16 5.61 0.34
CA TRP C 166 -1.60 5.49 0.43
C TRP C 166 -2.30 6.41 -0.56
N TYR C 167 -3.44 5.96 -1.07
CA TYR C 167 -4.15 6.70 -2.10
C TYR C 167 -4.79 7.96 -1.51
N GLY C 168 -4.57 9.08 -2.17
CA GLY C 168 -5.22 10.32 -1.81
C GLY C 168 -4.52 11.14 -0.74
N GLU C 169 -3.50 10.59 -0.08
CA GLU C 169 -2.85 11.30 1.01
C GLU C 169 -1.93 12.40 0.50
N SER C 170 -1.23 12.15 -0.62
CA SER C 170 -0.29 13.14 -1.15
C SER C 170 -1.00 14.43 -1.56
N ASN C 171 -2.17 14.30 -2.18
CA ASN C 171 -2.98 15.48 -2.48
C ASN C 171 -3.41 16.18 -1.20
N LYS C 172 -3.77 15.42 -0.17
CA LYS C 172 -4.08 16.00 1.12
C LYS C 172 -2.86 16.64 1.76
N ILE C 173 -1.67 16.09 1.52
CA ILE C 173 -0.44 16.69 2.02
C ILE C 173 -0.22 18.06 1.37
N VAL C 174 -0.41 18.15 0.06
CA VAL C 174 -0.26 19.44 -0.64
C VAL C 174 -1.33 20.42 -0.16
N ASP C 175 -2.56 19.95 -0.02
CA ASP C 175 -3.64 20.83 0.44
C ASP C 175 -3.37 21.37 1.83
N ALA C 176 -2.89 20.53 2.74
CA ALA C 176 -2.58 20.99 4.08
C ALA C 176 -1.33 21.86 4.10
N MET C 177 -0.38 21.62 3.19
CA MET C 177 0.77 22.50 3.10
C MET C 177 0.34 23.92 2.71
N PHE C 178 -0.54 24.03 1.73
CA PHE C 178 -1.03 25.35 1.34
C PHE C 178 -1.92 25.97 2.41
N SER C 179 -2.74 25.17 3.09
CA SER C 179 -3.59 25.68 4.15
C SER C 179 -2.75 26.15 5.34
N LEU C 180 -1.69 25.43 5.67
CA LEU C 180 -0.79 25.85 6.74
C LEU C 180 -0.05 27.12 6.36
N ALA C 181 0.41 27.22 5.12
CA ALA C 181 1.04 28.46 4.66
C ALA C 181 0.07 29.63 4.72
N ASN C 182 -1.21 29.37 4.47
CA ASN C 182 -2.23 30.40 4.69
C ASN C 182 -2.35 30.74 6.17
N LYS C 183 -2.28 29.74 7.04
CA LYS C 183 -2.42 29.97 8.48
C LYS C 183 -1.22 30.74 9.03
N LEU C 184 -0.01 30.34 8.65
CA LEU C 184 1.19 31.10 8.98
C LEU C 184 1.33 32.18 7.90
N GLN C 185 0.52 33.24 8.04
CA GLN C 185 0.10 34.08 6.92
C GLN C 185 1.25 34.63 6.08
N PRO C 186 2.34 35.17 6.64
CA PRO C 186 3.48 35.51 5.74
C PRO C 186 4.43 34.32 5.58
N CYS C 187 4.03 33.37 4.73
CA CYS C 187 4.77 32.13 4.55
C CYS C 187 5.51 32.12 3.22
N ILE C 188 6.64 31.41 3.22
CA ILE C 188 7.38 31.12 1.99
C ILE C 188 7.56 29.62 1.91
N ILE C 189 6.96 29.01 0.89
CA ILE C 189 7.14 27.59 0.64
C ILE C 189 8.28 27.42 -0.35
N PHE C 190 9.36 26.78 0.08
CA PHE C 190 10.54 26.60 -0.76
C PHE C 190 10.60 25.16 -1.26
N ILE C 191 10.78 25.01 -2.56
CA ILE C 191 10.95 23.70 -3.18
C ILE C 191 12.34 23.70 -3.80
N ASP C 192 13.30 23.09 -3.13
CA ASP C 192 14.61 22.91 -3.73
C ASP C 192 14.51 21.88 -4.84
N GLN C 193 15.21 22.14 -5.96
CA GLN C 193 15.13 21.34 -7.17
C GLN C 193 13.69 21.25 -7.67
N ILE C 194 13.14 22.42 -8.01
CA ILE C 194 11.74 22.52 -8.39
C ILE C 194 11.45 21.95 -9.77
N ASP C 195 12.48 21.69 -10.57
CA ASP C 195 12.26 21.18 -11.92
C ASP C 195 11.68 19.77 -11.91
N SER C 196 11.93 19.00 -10.85
CA SER C 196 11.38 17.66 -10.78
C SER C 196 9.97 17.65 -10.22
N PHE C 197 9.70 18.46 -9.18
CA PHE C 197 8.35 18.57 -8.65
C PHE C 197 7.41 19.15 -9.68
N LEU C 198 7.76 20.30 -10.25
CA LEU C 198 6.94 20.92 -11.29
C LEU C 198 7.45 20.58 -12.68
N ARG C 199 7.63 19.31 -12.99
CA ARG C 199 8.12 18.94 -14.30
C ARG C 199 7.03 19.13 -15.34
N GLU C 200 7.44 19.11 -16.62
CA GLU C 200 6.49 19.25 -17.70
C GLU C 200 5.51 18.10 -17.70
N ARG C 201 4.22 18.41 -17.61
CA ARG C 201 3.20 17.37 -17.54
C ARG C 201 3.12 16.59 -18.84
N SER C 202 2.84 15.31 -18.74
CA SER C 202 2.75 14.44 -19.90
C SER C 202 1.72 13.35 -19.64
N SER C 203 1.27 12.71 -20.72
CA SER C 203 0.38 11.57 -20.58
C SER C 203 1.08 10.35 -19.97
N THR C 204 2.40 10.30 -20.06
CA THR C 204 3.19 9.23 -19.45
C THR C 204 3.50 9.49 -17.98
N ASP C 205 3.06 10.62 -17.44
CA ASP C 205 3.24 10.89 -16.02
C ASP C 205 2.44 9.90 -15.18
N HIS C 206 2.96 9.60 -13.98
CA HIS C 206 2.22 8.75 -13.06
C HIS C 206 0.93 9.45 -12.65
N GLU C 207 -0.10 8.63 -12.38
CA GLU C 207 -1.42 9.18 -12.04
C GLU C 207 -1.35 10.00 -10.76
N VAL C 208 -0.64 9.50 -9.75
CA VAL C 208 -0.56 10.21 -8.48
C VAL C 208 0.23 11.49 -8.63
N THR C 209 1.33 11.46 -9.40
CA THR C 209 2.13 12.67 -9.61
C THR C 209 1.38 13.71 -10.42
N ALA C 210 0.64 13.29 -11.45
CA ALA C 210 -0.15 14.23 -12.23
C ALA C 210 -1.26 14.85 -11.39
N THR C 211 -1.93 14.03 -10.58
CA THR C 211 -2.93 14.54 -9.65
C THR C 211 -2.30 15.52 -8.66
N LEU C 212 -1.10 15.20 -8.19
CA LEU C 212 -0.37 16.06 -7.25
C LEU C 212 -0.04 17.41 -7.88
N LYS C 213 0.44 17.40 -9.12
CA LYS C 213 0.81 18.64 -9.78
C LYS C 213 -0.42 19.49 -10.08
N ALA C 214 -1.53 18.85 -10.46
CA ALA C 214 -2.76 19.61 -10.69
C ALA C 214 -3.29 20.20 -9.39
N GLU C 215 -3.21 19.45 -8.29
CA GLU C 215 -3.63 19.98 -6.99
C GLU C 215 -2.75 21.15 -6.57
N PHE C 216 -1.44 21.03 -6.78
CA PHE C 216 -0.51 22.11 -6.47
C PHE C 216 -0.81 23.35 -7.31
N MET C 217 -1.11 23.16 -8.59
CA MET C 217 -1.43 24.29 -9.46
C MET C 217 -2.73 24.96 -9.05
N THR C 218 -3.73 24.17 -8.68
CA THR C 218 -5.01 24.73 -8.24
C THR C 218 -4.84 25.54 -6.96
N LEU C 219 -4.12 24.99 -5.97
CA LEU C 219 -3.94 25.71 -4.73
C LEU C 219 -3.00 26.91 -4.90
N TRP C 220 -2.05 26.82 -5.83
CA TRP C 220 -1.16 27.92 -6.13
C TRP C 220 -1.91 29.10 -6.72
N ASP C 221 -2.68 28.86 -7.79
CA ASP C 221 -3.48 29.93 -8.36
C ASP C 221 -4.75 29.30 -8.96
N GLY C 222 -5.78 29.19 -8.13
CA GLY C 222 -7.12 28.89 -8.58
C GLY C 222 -8.10 29.86 -7.98
N LEU C 223 -9.25 29.32 -7.54
CA LEU C 223 -10.33 30.17 -7.03
C LEU C 223 -9.97 30.78 -5.68
N LEU C 224 -9.76 29.94 -4.68
CA LEU C 224 -9.50 30.43 -3.33
C LEU C 224 -8.12 31.07 -3.28
N ASN C 225 -8.10 32.39 -3.15
CA ASN C 225 -6.84 33.13 -3.14
C ASN C 225 -6.04 32.84 -1.88
N ASN C 226 -4.74 32.67 -2.04
CA ASN C 226 -3.85 32.53 -0.91
C ASN C 226 -3.65 33.88 -0.22
N GLY C 227 -3.11 33.83 0.99
CA GLY C 227 -2.79 35.05 1.69
C GLY C 227 -1.45 35.60 1.25
N ARG C 228 -0.57 35.92 2.19
CA ARG C 228 0.80 36.33 1.88
C ARG C 228 1.70 35.09 1.76
N VAL C 229 1.33 34.22 0.83
CA VAL C 229 2.03 32.96 0.60
C VAL C 229 2.79 33.09 -0.71
N MET C 230 4.09 32.83 -0.65
CA MET C 230 4.95 32.87 -1.82
C MET C 230 5.65 31.52 -1.97
N ILE C 231 5.74 31.04 -3.20
CA ILE C 231 6.34 29.75 -3.48
C ILE C 231 7.67 30.01 -4.19
N ILE C 232 8.75 29.98 -3.43
CA ILE C 232 10.08 30.21 -3.98
C ILE C 232 10.67 28.86 -4.39
N GLY C 233 11.29 28.82 -5.57
CA GLY C 233 11.87 27.59 -6.05
C GLY C 233 13.24 27.83 -6.67
N ALA C 234 14.10 26.82 -6.52
CA ALA C 234 15.43 26.84 -7.08
C ALA C 234 15.56 25.68 -8.06
N THR C 235 16.21 25.92 -9.19
CA THR C 235 16.36 24.90 -10.22
C THR C 235 17.59 25.18 -11.05
N ASN C 236 18.10 24.12 -11.68
CA ASN C 236 19.14 24.24 -12.70
C ASN C 236 18.61 24.16 -14.11
N ARG C 237 17.49 23.45 -14.32
CA ARG C 237 16.87 23.28 -15.63
C ARG C 237 15.52 23.97 -15.58
N ILE C 238 15.49 25.26 -15.95
CA ILE C 238 14.24 26.00 -15.96
C ILE C 238 13.31 25.49 -17.06
N ASN C 239 13.87 25.00 -18.17
CA ASN C 239 13.05 24.52 -19.28
C ASN C 239 12.31 23.24 -18.94
N ASP C 240 12.76 22.50 -17.91
CA ASP C 240 12.06 21.30 -17.49
C ASP C 240 10.79 21.59 -16.71
N ILE C 241 10.58 22.84 -16.30
CA ILE C 241 9.39 23.22 -15.56
C ILE C 241 8.23 23.41 -16.52
N ASP C 242 7.03 22.99 -16.09
CA ASP C 242 5.85 23.12 -16.91
C ASP C 242 5.52 24.60 -17.14
N ASP C 243 4.83 24.87 -18.26
CA ASP C 243 4.54 26.25 -18.64
C ASP C 243 3.62 26.92 -17.62
N ALA C 244 2.60 26.20 -17.14
CA ALA C 244 1.71 26.76 -16.14
C ALA C 244 2.41 26.89 -14.79
N PHE C 245 3.28 25.93 -14.46
CA PHE C 245 4.10 26.08 -13.26
C PHE C 245 5.09 27.23 -13.40
N LEU C 246 5.52 27.53 -14.64
CA LEU C 246 6.42 28.66 -14.85
C LEU C 246 5.69 29.99 -14.71
N ARG C 247 4.49 30.09 -15.27
CA ARG C 247 3.71 31.32 -15.07
C ARG C 247 3.25 31.48 -13.63
N ARG C 248 3.20 30.38 -12.88
CA ARG C 248 3.00 30.52 -11.44
C ARG C 248 4.25 30.98 -10.70
N LEU C 249 5.40 31.03 -11.39
CA LEU C 249 6.63 31.62 -10.86
C LEU C 249 6.98 32.82 -11.72
N PRO C 250 6.30 33.96 -11.52
CA PRO C 250 6.54 35.10 -12.42
C PRO C 250 7.87 35.79 -12.17
N LYS C 251 8.25 35.99 -10.91
CA LYS C 251 9.51 36.65 -10.58
C LYS C 251 10.63 35.64 -10.72
N ARG C 252 11.35 35.71 -11.84
CA ARG C 252 12.44 34.79 -12.13
C ARG C 252 13.77 35.50 -11.92
N PHE C 253 14.66 34.87 -11.14
CA PHE C 253 15.98 35.40 -10.86
C PHE C 253 17.01 34.47 -11.49
N LEU C 254 17.83 35.01 -12.39
CA LEU C 254 18.87 34.24 -13.05
C LEU C 254 20.16 34.39 -12.25
N VAL C 255 20.52 33.36 -11.51
CA VAL C 255 21.81 33.32 -10.80
C VAL C 255 22.81 32.71 -11.78
N SER C 256 23.34 33.55 -12.65
CA SER C 256 24.21 33.10 -13.73
C SER C 256 25.63 32.89 -13.22
N LEU C 257 26.50 32.48 -14.14
CA LEU C 257 27.90 32.29 -13.79
C LEU C 257 28.55 33.63 -13.47
N PRO C 258 29.39 33.70 -12.45
CA PRO C 258 29.97 34.99 -12.04
C PRO C 258 30.95 35.53 -13.06
N GLY C 259 31.02 36.86 -13.13
CA GLY C 259 32.01 37.55 -13.92
C GLY C 259 33.30 37.73 -13.15
N SER C 260 34.15 38.62 -13.66
CA SER C 260 35.42 38.90 -12.99
C SER C 260 35.20 39.58 -11.64
N ASP C 261 34.41 40.66 -11.63
CA ASP C 261 34.12 41.36 -10.39
C ASP C 261 33.27 40.50 -9.46
N GLN C 262 32.32 39.74 -10.02
CA GLN C 262 31.49 38.85 -9.22
C GLN C 262 32.35 37.76 -8.58
N ARG C 263 33.29 37.20 -9.33
CA ARG C 263 34.20 36.20 -8.75
C ARG C 263 35.10 36.82 -7.69
N TYR C 264 35.52 38.07 -7.90
CA TYR C 264 36.30 38.77 -6.88
C TYR C 264 35.50 38.91 -5.59
N LYS C 265 34.23 39.29 -5.70
CA LYS C 265 33.39 39.44 -4.51
C LYS C 265 33.14 38.09 -3.84
N ILE C 266 32.92 37.04 -4.62
CA ILE C 266 32.69 35.71 -4.06
C ILE C 266 33.95 35.21 -3.34
N LEU C 267 35.12 35.42 -3.94
CA LEU C 267 36.36 35.03 -3.29
C LEU C 267 36.61 35.84 -2.02
N SER C 268 36.26 37.13 -2.04
CA SER C 268 36.41 37.96 -0.86
C SER C 268 35.51 37.50 0.27
N VAL C 269 34.27 37.14 -0.04
CA VAL C 269 33.37 36.69 1.01
C VAL C 269 33.65 35.25 1.44
N LEU C 270 34.30 34.45 0.59
CA LEU C 270 34.71 33.11 0.98
C LEU C 270 35.96 33.14 1.86
N LEU C 271 36.88 34.07 1.58
CA LEU C 271 38.12 34.21 2.33
C LEU C 271 37.99 35.15 3.52
N LYS C 272 36.77 35.44 3.95
CA LYS C 272 36.58 36.19 5.19
C LYS C 272 37.01 35.33 6.37
N ASP C 273 37.35 36.01 7.48
CA ASP C 273 37.96 35.44 8.69
C ASP C 273 39.11 34.46 8.37
N THR C 274 39.81 34.74 7.27
CA THR C 274 40.98 33.97 6.85
C THR C 274 42.13 34.94 6.67
N LYS C 275 43.30 34.60 7.22
CA LYS C 275 44.46 35.48 7.17
C LYS C 275 45.14 35.32 5.82
N LEU C 276 44.87 36.25 4.91
CA LEU C 276 45.59 36.27 3.63
C LEU C 276 46.93 36.98 3.80
N ASP C 277 47.78 36.82 2.79
CA ASP C 277 49.08 37.48 2.80
C ASP C 277 48.90 38.99 2.63
N GLU C 278 49.77 39.76 3.29
CA GLU C 278 49.64 41.21 3.27
C GLU C 278 50.12 41.79 1.94
N ASP C 279 51.15 41.22 1.35
CA ASP C 279 51.76 41.77 0.14
C ASP C 279 51.75 40.80 -1.04
N GLU C 280 51.98 39.50 -0.79
CA GLU C 280 52.06 38.54 -1.88
C GLU C 280 50.70 38.14 -2.43
N PHE C 281 49.61 38.48 -1.73
CA PHE C 281 48.28 38.09 -2.17
C PHE C 281 47.75 39.04 -3.24
N ASP C 282 47.09 38.47 -4.24
CA ASP C 282 46.47 39.24 -5.33
C ASP C 282 45.17 38.54 -5.69
N LEU C 283 44.06 39.02 -5.11
CA LEU C 283 42.76 38.41 -5.35
C LEU C 283 42.27 38.65 -6.77
N GLN C 284 42.64 39.78 -7.37
CA GLN C 284 42.19 40.09 -8.72
C GLN C 284 42.78 39.11 -9.74
N LEU C 285 44.04 38.72 -9.55
CA LEU C 285 44.66 37.75 -10.45
C LEU C 285 43.96 36.40 -10.36
N ILE C 286 43.62 35.98 -9.15
CA ILE C 286 42.88 34.72 -8.96
C ILE C 286 41.51 34.80 -9.61
N ALA C 287 40.81 35.93 -9.42
CA ALA C 287 39.48 36.11 -10.00
C ALA C 287 39.54 36.09 -11.52
N ASP C 288 40.56 36.70 -12.10
CA ASP C 288 40.71 36.67 -13.55
C ASP C 288 41.09 35.28 -14.05
N ASN C 289 41.88 34.53 -13.27
CA ASN C 289 42.31 33.21 -13.72
C ASN C 289 41.19 32.18 -13.59
N THR C 290 40.24 32.39 -12.68
CA THR C 290 39.14 31.44 -12.46
C THR C 290 38.06 31.59 -13.55
N LYS C 291 38.45 31.32 -14.79
CA LYS C 291 37.52 31.48 -15.90
C LYS C 291 36.46 30.39 -15.87
N GLY C 292 35.19 30.80 -15.94
CA GLY C 292 34.08 29.86 -15.92
C GLY C 292 33.95 29.12 -14.60
N PHE C 293 34.22 29.78 -13.49
CA PHE C 293 34.18 29.18 -12.17
C PHE C 293 32.92 29.61 -11.44
N SER C 294 32.15 28.64 -10.95
CA SER C 294 30.99 28.94 -10.13
C SER C 294 31.42 29.22 -8.69
N GLY C 295 30.44 29.60 -7.87
CA GLY C 295 30.74 29.88 -6.47
C GLY C 295 31.19 28.65 -5.72
N SER C 296 30.62 27.49 -6.05
CA SER C 296 31.09 26.24 -5.47
C SER C 296 32.47 25.87 -5.99
N ASP C 297 32.74 26.17 -7.26
CA ASP C 297 34.07 25.93 -7.83
C ASP C 297 35.12 26.80 -7.15
N LEU C 298 34.78 28.05 -6.86
CA LEU C 298 35.67 28.90 -6.09
C LEU C 298 35.78 28.45 -4.64
N LYS C 299 34.70 27.90 -4.09
CA LYS C 299 34.73 27.41 -2.72
C LYS C 299 35.68 26.22 -2.59
N GLU C 300 35.66 25.32 -3.57
CA GLU C 300 36.61 24.20 -3.55
C GLU C 300 38.04 24.68 -3.74
N LEU C 301 38.24 25.64 -4.64
CA LEU C 301 39.58 26.20 -4.85
C LEU C 301 40.08 26.88 -3.59
N CYS C 302 39.21 27.62 -2.90
CA CYS C 302 39.56 28.17 -1.60
C CYS C 302 39.82 27.07 -0.59
N ARG C 303 39.03 26.00 -0.64
CA ARG C 303 39.26 24.86 0.24
C ARG C 303 40.56 24.16 -0.10
N GLU C 304 40.87 24.01 -1.40
CA GLU C 304 42.13 23.41 -1.81
C GLU C 304 43.32 24.26 -1.39
N ALA C 305 43.21 25.58 -1.56
CA ALA C 305 44.34 26.46 -1.27
C ALA C 305 44.60 26.58 0.22
N ALA C 306 43.54 26.58 1.03
CA ALA C 306 43.72 26.67 2.47
C ALA C 306 44.16 25.35 3.10
N LEU C 307 44.05 24.24 2.37
CA LEU C 307 44.40 22.94 2.93
C LEU C 307 45.91 22.73 2.93
N ASP C 308 46.54 22.84 1.76
CA ASP C 308 47.99 22.64 1.68
C ASP C 308 48.75 23.82 2.28
N ALA C 309 48.11 24.98 2.44
CA ALA C 309 48.75 26.07 3.17
C ALA C 309 48.94 25.70 4.64
N ALA C 310 47.87 25.23 5.29
CA ALA C 310 47.91 24.83 6.68
C ALA C 310 48.35 23.38 6.87
N LYS C 311 48.69 22.69 5.77
CA LYS C 311 49.15 21.31 5.89
C LYS C 311 50.42 21.21 6.71
N GLU C 312 51.33 22.17 6.54
CA GLU C 312 52.51 22.25 7.40
C GLU C 312 52.10 22.52 8.84
N TYR C 313 51.14 23.42 9.05
CA TYR C 313 50.64 23.70 10.39
C TYR C 313 49.92 22.48 10.97
N ILE C 314 49.13 21.78 10.15
CA ILE C 314 48.39 20.62 10.63
C ILE C 314 49.34 19.46 10.92
N LYS C 315 50.35 19.27 10.06
CA LYS C 315 51.34 18.22 10.32
C LYS C 315 52.13 18.53 11.60
N GLN C 316 52.49 19.80 11.81
CA GLN C 316 53.13 20.18 13.06
C GLN C 316 52.19 20.04 14.25
N LYS C 317 50.88 20.23 14.02
CA LYS C 317 49.90 20.01 15.08
C LYS C 317 49.85 18.54 15.50
N ARG C 318 49.88 17.62 14.53
CA ARG C 318 49.85 16.20 14.84
C ARG C 318 51.20 15.66 15.26
N GLN C 319 52.29 16.40 15.03
CA GLN C 319 53.62 15.96 15.42
C GLN C 319 53.86 16.13 16.91
N ARG C 337 49.21 30.72 9.37
CA ARG C 337 49.83 30.53 8.06
C ARG C 337 49.40 31.62 7.09
N PRO C 338 50.36 32.40 6.58
CA PRO C 338 50.05 33.43 5.60
C PRO C 338 49.74 32.85 4.22
N LEU C 339 48.48 32.49 3.99
CA LEU C 339 48.06 31.95 2.70
C LEU C 339 48.36 32.93 1.59
N LYS C 340 48.95 32.42 0.50
CA LYS C 340 49.51 33.25 -0.55
C LYS C 340 48.83 32.96 -1.89
N THR C 341 49.13 33.81 -2.87
CA THR C 341 48.55 33.67 -4.20
C THR C 341 49.04 32.41 -4.90
N LYS C 342 50.32 32.06 -4.72
CA LYS C 342 50.89 30.90 -5.40
C LYS C 342 50.18 29.61 -5.00
N ASP C 343 49.60 29.56 -3.79
CA ASP C 343 48.80 28.41 -3.40
C ASP C 343 47.51 28.35 -4.21
N PHE C 344 46.89 29.51 -4.47
CA PHE C 344 45.68 29.54 -5.27
C PHE C 344 45.97 29.20 -6.73
N THR C 345 47.08 29.72 -7.27
CA THR C 345 47.42 29.44 -8.66
C THR C 345 48.03 28.06 -8.85
N LYS C 346 48.42 27.39 -7.77
CA LYS C 346 48.89 26.01 -7.87
C LYS C 346 47.77 25.09 -8.35
N LYS C 347 46.57 25.28 -7.81
CA LYS C 347 45.39 24.52 -8.22
C LYS C 347 44.64 25.18 -9.37
N LEU C 348 45.15 26.30 -9.90
CA LEU C 348 44.50 27.04 -10.97
C LEU C 348 45.26 26.84 -12.27
N ARG C 349 44.53 26.56 -13.34
CA ARG C 349 45.15 26.36 -14.65
C ARG C 349 44.47 27.22 -15.71
N ARG D 44 -12.30 19.85 13.63
CA ARG D 44 -13.14 20.93 14.11
C ARG D 44 -13.28 22.03 13.06
N GLU D 45 -12.14 22.41 12.46
CA GLU D 45 -12.15 23.46 11.46
C GLU D 45 -12.94 23.06 10.22
N SER D 46 -12.81 21.81 9.79
CA SER D 46 -13.54 21.34 8.61
C SER D 46 -15.04 21.37 8.86
N LYS D 47 -15.48 20.87 10.02
CA LYS D 47 -16.91 20.86 10.33
C LYS D 47 -17.44 22.29 10.51
N ALA D 48 -16.62 23.18 11.07
CA ALA D 48 -17.00 24.58 11.16
C ALA D 48 -17.16 25.21 9.78
N LYS D 49 -16.28 24.85 8.85
CA LYS D 49 -16.41 25.33 7.47
C LYS D 49 -17.69 24.82 6.83
N GLN D 50 -18.01 23.54 7.05
CA GLN D 50 -19.26 22.99 6.51
C GLN D 50 -20.47 23.71 7.08
N SER D 51 -20.47 23.97 8.39
CA SER D 51 -21.57 24.68 9.02
C SER D 51 -21.71 26.09 8.47
N LEU D 52 -20.59 26.80 8.33
CA LEU D 52 -20.62 28.17 7.81
C LEU D 52 -21.14 28.21 6.38
N GLN D 53 -20.67 27.26 5.55
CA GLN D 53 -21.14 27.20 4.17
C GLN D 53 -22.63 26.87 4.11
N TRP D 54 -23.10 26.00 5.02
CA TRP D 54 -24.52 25.67 5.03
C TRP D 54 -25.38 26.87 5.42
N GLU D 55 -24.97 27.63 6.43
CA GLU D 55 -25.71 28.84 6.77
C GLU D 55 -25.67 29.86 5.64
N LYS D 56 -24.53 30.00 4.97
CA LYS D 56 -24.45 30.93 3.84
C LYS D 56 -25.37 30.51 2.71
N LEU D 57 -25.43 29.21 2.42
CA LEU D 57 -26.29 28.74 1.34
C LEU D 57 -27.77 28.86 1.71
N VAL D 58 -28.10 28.63 2.98
CA VAL D 58 -29.49 28.80 3.42
C VAL D 58 -29.89 30.27 3.35
N LYS D 59 -28.98 31.17 3.72
CA LYS D 59 -29.24 32.60 3.59
C LYS D 59 -29.42 33.00 2.13
N ARG D 60 -28.60 32.44 1.24
CA ARG D 60 -28.72 32.75 -0.18
C ARG D 60 -30.05 32.22 -0.74
N SER D 61 -30.40 30.98 -0.42
CA SER D 61 -31.63 30.36 -0.90
C SER D 61 -32.43 29.83 0.28
N PRO D 62 -33.57 30.46 0.63
CA PRO D 62 -34.33 29.99 1.80
C PRO D 62 -34.92 28.60 1.64
N ALA D 63 -35.06 28.10 0.40
CA ALA D 63 -35.65 26.77 0.20
C ALA D 63 -34.72 25.65 0.63
N LEU D 64 -33.45 25.94 0.86
CA LEU D 64 -32.48 24.93 1.27
C LEU D 64 -32.57 24.58 2.75
N ALA D 65 -33.34 25.33 3.53
CA ALA D 65 -33.43 25.09 4.96
C ALA D 65 -34.12 23.77 5.27
N GLU D 66 -35.16 23.43 4.51
CA GLU D 66 -35.94 22.24 4.78
C GLU D 66 -35.31 20.96 4.25
N VAL D 67 -34.24 21.06 3.48
CA VAL D 67 -33.58 19.87 2.93
C VAL D 67 -32.54 19.38 3.92
N THR D 68 -32.23 18.09 3.83
CA THR D 68 -31.25 17.45 4.70
C THR D 68 -30.17 16.80 3.85
N LEU D 69 -28.98 16.64 4.43
CA LEU D 69 -27.82 16.15 3.70
C LEU D 69 -27.22 14.94 4.41
N ASP D 70 -26.68 14.03 3.61
CA ASP D 70 -25.92 12.90 4.13
C ASP D 70 -24.58 13.40 4.69
N ALA D 71 -23.88 12.52 5.40
CA ALA D 71 -22.58 12.88 5.95
C ALA D 71 -21.57 13.19 4.84
N TYR D 72 -21.58 12.41 3.77
CA TYR D 72 -20.68 12.67 2.65
C TYR D 72 -21.03 13.98 1.95
N GLU D 73 -22.32 14.29 1.83
CA GLU D 73 -22.73 15.58 1.28
C GLU D 73 -22.25 16.72 2.17
N ARG D 74 -22.27 16.52 3.49
N ARG D 74 -22.28 16.53 3.48
CA ARG D 74 -21.74 17.52 4.41
CA ARG D 74 -21.75 17.54 4.39
C ARG D 74 -20.24 17.70 4.23
C ARG D 74 -20.24 17.70 4.23
N THR D 75 -19.53 16.61 3.95
CA THR D 75 -18.10 16.72 3.65
C THR D 75 -17.88 17.50 2.35
N ILE D 76 -18.75 17.30 1.36
CA ILE D 76 -18.69 18.09 0.13
C ILE D 76 -18.97 19.56 0.40
N LEU D 77 -19.81 19.85 1.39
CA LEU D 77 -20.21 21.22 1.69
C LEU D 77 -19.03 22.14 2.01
N SER D 78 -17.92 21.58 2.49
CA SER D 78 -16.76 22.40 2.82
C SER D 78 -16.07 22.98 1.60
N SER D 79 -16.39 22.49 0.39
CA SER D 79 -15.83 23.01 -0.84
C SER D 79 -16.78 23.98 -1.53
N ILE D 80 -17.88 24.36 -0.88
CA ILE D 80 -18.78 25.34 -1.46
C ILE D 80 -18.13 26.71 -1.44
N VAL D 81 -18.13 27.37 -2.59
CA VAL D 81 -17.56 28.71 -2.74
C VAL D 81 -18.71 29.70 -2.85
N THR D 82 -18.83 30.59 -1.88
CA THR D 82 -19.80 31.65 -1.86
C THR D 82 -19.24 32.88 -2.56
N PRO D 83 -20.10 33.77 -3.07
CA PRO D 83 -19.59 34.99 -3.73
C PRO D 83 -18.82 35.92 -2.82
N ASP D 84 -18.98 35.80 -1.50
CA ASP D 84 -18.22 36.65 -0.58
C ASP D 84 -16.73 36.30 -0.61
N GLU D 85 -16.40 35.02 -0.79
CA GLU D 85 -14.99 34.62 -0.84
C GLU D 85 -14.31 35.12 -2.10
N ILE D 86 -15.02 35.13 -3.22
CA ILE D 86 -14.43 35.56 -4.48
C ILE D 86 -14.46 37.08 -4.56
N ASN D 87 -13.28 37.68 -4.81
CA ASN D 87 -13.14 39.12 -4.91
C ASN D 87 -12.94 39.57 -6.36
N ILE D 88 -13.44 38.78 -7.32
CA ILE D 88 -13.20 39.02 -8.74
C ILE D 88 -14.52 38.90 -9.47
N THR D 89 -14.85 39.90 -10.28
CA THR D 89 -16.08 39.94 -11.05
C THR D 89 -15.80 39.80 -12.54
N PHE D 90 -16.85 39.88 -13.34
CA PHE D 90 -16.70 39.80 -14.79
C PHE D 90 -16.12 41.07 -15.39
N GLN D 91 -16.20 42.20 -14.68
CA GLN D 91 -15.58 43.43 -15.14
C GLN D 91 -14.08 43.46 -14.87
N ASP D 92 -13.57 42.54 -14.06
CA ASP D 92 -12.14 42.44 -13.80
C ASP D 92 -11.40 41.62 -14.84
N ILE D 93 -12.10 41.10 -15.84
CA ILE D 93 -11.49 40.32 -16.91
C ILE D 93 -11.58 41.13 -18.20
N GLY D 94 -10.44 41.50 -18.75
CA GLY D 94 -10.37 42.23 -19.99
C GLY D 94 -9.96 41.34 -21.15
N GLY D 95 -10.25 41.80 -22.36
CA GLY D 95 -9.83 41.11 -23.56
C GLY D 95 -10.75 39.99 -23.98
N LEU D 96 -11.50 39.42 -23.04
CA LEU D 96 -12.40 38.32 -23.31
C LEU D 96 -13.87 38.75 -23.26
N ASP D 97 -14.16 39.98 -23.67
CA ASP D 97 -15.56 40.43 -23.72
C ASP D 97 -16.43 39.61 -24.64
N PRO D 98 -16.03 39.23 -25.88
CA PRO D 98 -16.84 38.24 -26.61
C PRO D 98 -16.95 36.91 -25.91
N LEU D 99 -15.87 36.46 -25.27
CA LEU D 99 -15.92 35.19 -24.54
C LEU D 99 -16.82 35.30 -23.31
N ILE D 100 -16.77 36.44 -22.62
CA ILE D 100 -17.65 36.66 -21.47
C ILE D 100 -19.10 36.69 -21.93
N SER D 101 -19.37 37.36 -23.05
CA SER D 101 -20.73 37.41 -23.58
C SER D 101 -21.24 36.03 -23.97
N ASP D 102 -20.40 35.23 -24.63
CA ASP D 102 -20.81 33.88 -24.99
C ASP D 102 -21.01 33.01 -23.76
N LEU D 103 -20.12 33.12 -22.77
CA LEU D 103 -20.26 32.39 -21.52
C LEU D 103 -21.51 32.80 -20.77
N HIS D 104 -21.97 34.04 -20.96
CA HIS D 104 -23.27 34.40 -20.43
C HIS D 104 -24.39 33.74 -21.22
N GLU D 105 -24.50 34.07 -22.51
CA GLU D 105 -25.68 33.72 -23.30
C GLU D 105 -25.87 32.21 -23.42
N SER D 106 -24.80 31.45 -23.64
CA SER D 106 -24.96 30.03 -23.88
C SER D 106 -24.81 29.16 -22.64
N VAL D 107 -24.37 29.74 -21.52
CA VAL D 107 -24.04 28.92 -20.35
C VAL D 107 -24.75 29.42 -19.10
N ILE D 108 -24.64 30.71 -18.80
CA ILE D 108 -25.09 31.22 -17.51
C ILE D 108 -26.60 31.42 -17.51
N TYR D 109 -27.11 32.17 -18.49
CA TYR D 109 -28.53 32.45 -18.56
C TYR D 109 -29.41 31.21 -18.75
N PRO D 110 -29.08 30.22 -19.61
CA PRO D 110 -29.89 28.99 -19.63
C PRO D 110 -29.90 28.26 -18.30
N LEU D 111 -28.79 28.28 -17.56
CA LEU D 111 -28.76 27.65 -16.25
C LEU D 111 -29.52 28.45 -15.20
N MET D 112 -29.36 29.77 -15.22
CA MET D 112 -29.89 30.62 -14.16
C MET D 112 -31.27 31.18 -14.46
N MET D 113 -31.67 31.22 -15.72
CA MET D 113 -33.01 31.69 -16.12
C MET D 113 -33.67 30.63 -16.97
N PRO D 114 -34.10 29.52 -16.36
CA PRO D 114 -34.77 28.48 -17.15
C PRO D 114 -36.17 28.88 -17.60
N GLU D 115 -36.79 29.84 -16.93
CA GLU D 115 -38.11 30.31 -17.34
C GLU D 115 -38.05 31.00 -18.70
N VAL D 116 -36.98 31.78 -18.93
CA VAL D 116 -36.80 32.47 -20.21
C VAL D 116 -36.54 31.46 -21.33
N TYR D 117 -35.79 30.41 -21.03
CA TYR D 117 -35.32 29.46 -22.03
C TYR D 117 -36.18 28.21 -22.12
N SER D 118 -37.28 28.13 -21.37
CA SER D 118 -38.06 26.90 -21.28
C SER D 118 -39.05 26.71 -22.41
N ASN D 119 -39.24 27.69 -23.28
CA ASN D 119 -40.19 27.54 -24.38
C ASN D 119 -39.71 26.48 -25.37
N SER D 120 -38.42 26.47 -25.68
CA SER D 120 -37.83 25.47 -26.55
C SER D 120 -37.03 24.48 -25.72
N PRO D 121 -37.24 23.17 -25.88
CA PRO D 121 -36.51 22.20 -25.06
C PRO D 121 -35.04 22.07 -25.41
N LEU D 122 -34.60 22.63 -26.55
CA LEU D 122 -33.19 22.62 -26.89
C LEU D 122 -32.41 23.74 -26.22
N LEU D 123 -33.08 24.67 -25.56
CA LEU D 123 -32.42 25.83 -24.95
C LEU D 123 -32.12 25.55 -23.48
N GLN D 124 -31.33 24.52 -23.24
CA GLN D 124 -30.90 24.15 -21.90
C GLN D 124 -29.43 24.45 -21.71
N ALA D 125 -29.03 24.53 -20.44
CA ALA D 125 -27.63 24.73 -20.11
C ALA D 125 -26.82 23.49 -20.51
N PRO D 126 -25.55 23.65 -20.84
CA PRO D 126 -24.72 22.49 -21.17
C PRO D 126 -24.53 21.58 -19.96
N SER D 127 -24.38 20.28 -20.23
CA SER D 127 -24.04 19.36 -19.16
C SER D 127 -22.63 19.60 -18.65
N GLY D 128 -21.76 20.20 -19.46
CA GLY D 128 -20.41 20.50 -19.04
C GLY D 128 -19.88 21.70 -19.79
N VAL D 129 -18.98 22.44 -19.14
CA VAL D 129 -18.30 23.57 -19.76
C VAL D 129 -16.80 23.40 -19.54
N LEU D 130 -16.04 23.50 -20.62
CA LEU D 130 -14.59 23.40 -20.54
C LEU D 130 -13.98 24.75 -20.92
N LEU D 131 -13.22 25.33 -19.99
CA LEU D 131 -12.47 26.56 -20.24
C LEU D 131 -11.02 26.15 -20.46
N TYR D 132 -10.64 25.95 -21.71
CA TYR D 132 -9.30 25.51 -22.03
C TYR D 132 -8.53 26.60 -22.76
N GLY D 133 -7.21 26.43 -22.79
CA GLY D 133 -6.33 27.39 -23.41
C GLY D 133 -4.96 27.37 -22.77
N PRO D 134 -4.04 28.18 -23.31
CA PRO D 134 -2.72 28.30 -22.67
C PRO D 134 -2.84 28.92 -21.29
N PRO D 135 -1.93 28.61 -20.38
CA PRO D 135 -2.05 29.11 -19.01
C PRO D 135 -1.89 30.63 -18.92
N GLY D 136 -2.58 31.21 -17.95
CA GLY D 136 -2.50 32.62 -17.68
C GLY D 136 -3.44 33.49 -18.46
N CYS D 137 -4.32 32.92 -19.28
CA CYS D 137 -5.19 33.71 -20.13
C CYS D 137 -6.52 34.06 -19.50
N GLY D 138 -6.84 33.48 -18.35
CA GLY D 138 -8.04 33.88 -17.64
C GLY D 138 -9.08 32.80 -17.42
N LYS D 139 -8.68 31.54 -17.40
CA LYS D 139 -9.64 30.47 -17.18
C LYS D 139 -10.21 30.51 -15.76
N THR D 140 -9.36 30.59 -14.75
CA THR D 140 -9.87 30.73 -13.40
C THR D 140 -10.33 32.15 -13.09
N MET D 141 -9.92 33.14 -13.89
CA MET D 141 -10.57 34.44 -13.82
C MET D 141 -12.04 34.33 -14.17
N LEU D 142 -12.34 33.64 -15.28
CA LEU D 142 -13.72 33.39 -15.67
C LEU D 142 -14.43 32.50 -14.66
N ALA D 143 -13.71 31.57 -14.04
CA ALA D 143 -14.33 30.71 -13.04
C ALA D 143 -14.66 31.49 -11.76
N LYS D 144 -13.79 32.42 -11.35
CA LYS D 144 -14.10 33.30 -10.22
C LYS D 144 -15.28 34.19 -10.53
N ALA D 145 -15.33 34.72 -11.75
CA ALA D 145 -16.47 35.54 -12.15
C ALA D 145 -17.75 34.72 -12.18
N LEU D 146 -17.65 33.44 -12.57
CA LEU D 146 -18.80 32.54 -12.53
C LEU D 146 -19.23 32.28 -11.08
N ALA D 147 -18.27 32.14 -10.18
CA ALA D 147 -18.60 31.87 -8.77
C ALA D 147 -19.25 33.09 -8.12
N LYS D 148 -18.83 34.29 -8.50
CA LYS D 148 -19.35 35.49 -7.86
C LYS D 148 -20.60 36.04 -8.54
N GLU D 149 -20.48 36.38 -9.83
CA GLU D 149 -21.55 37.12 -10.51
C GLU D 149 -22.77 36.25 -10.76
N SER D 150 -22.56 35.02 -11.25
CA SER D 150 -23.69 34.14 -11.52
C SER D 150 -24.33 33.68 -10.22
N GLY D 151 -25.66 33.56 -10.24
CA GLY D 151 -26.39 33.22 -9.03
C GLY D 151 -26.43 31.74 -8.73
N ALA D 152 -25.42 31.01 -9.16
CA ALA D 152 -25.35 29.57 -8.99
C ALA D 152 -24.56 29.22 -7.75
N ASN D 153 -25.01 28.19 -7.04
CA ASN D 153 -24.19 27.59 -6.00
C ASN D 153 -22.97 26.96 -6.64
N PHE D 154 -21.82 27.06 -5.98
CA PHE D 154 -20.54 26.77 -6.60
C PHE D 154 -19.80 25.73 -5.76
N ILE D 155 -19.58 24.55 -6.33
CA ILE D 155 -18.79 23.51 -5.68
C ILE D 155 -17.45 23.50 -6.39
N SER D 156 -16.50 24.25 -5.85
CA SER D 156 -15.13 24.25 -6.36
C SER D 156 -14.35 23.11 -5.68
N ILE D 157 -14.65 21.90 -6.13
CA ILE D 157 -14.07 20.71 -5.52
C ILE D 157 -12.66 20.51 -6.03
N ARG D 158 -11.79 20.06 -5.13
CA ARG D 158 -10.42 19.72 -5.47
C ARG D 158 -10.21 18.22 -5.28
N MET D 159 -9.00 17.77 -5.59
CA MET D 159 -8.72 16.34 -5.62
C MET D 159 -8.50 15.77 -4.22
N SER D 160 -7.99 16.58 -3.30
CA SER D 160 -7.77 16.13 -1.94
C SER D 160 -9.07 15.81 -1.23
N SER D 161 -10.15 16.54 -1.56
CA SER D 161 -11.44 16.27 -0.97
C SER D 161 -12.20 15.16 -1.69
N ILE D 162 -11.67 14.64 -2.79
CA ILE D 162 -12.34 13.55 -3.51
C ILE D 162 -11.66 12.22 -3.19
N MET D 163 -10.35 12.14 -3.42
CA MET D 163 -9.66 10.88 -3.20
C MET D 163 -9.46 10.60 -1.72
N ASP D 164 -9.83 9.39 -1.31
CA ASP D 164 -9.71 8.92 0.05
C ASP D 164 -9.04 7.56 0.04
N LYS D 165 -8.28 7.27 1.10
CA LYS D 165 -7.55 6.01 1.15
C LYS D 165 -8.45 4.82 1.47
N TRP D 166 -9.54 5.05 2.19
CA TRP D 166 -10.44 3.95 2.53
C TRP D 166 -11.21 3.50 1.31
N TYR D 167 -11.57 2.22 1.30
CA TYR D 167 -12.12 1.60 0.10
C TYR D 167 -13.53 2.10 -0.16
N GLY D 168 -13.75 2.64 -1.36
CA GLY D 168 -15.07 3.03 -1.79
C GLY D 168 -15.57 4.35 -1.28
N GLU D 169 -14.78 5.06 -0.47
CA GLU D 169 -15.20 6.36 0.01
C GLU D 169 -15.24 7.40 -1.11
N SER D 170 -14.23 7.34 -1.99
CA SER D 170 -14.13 8.34 -3.06
C SER D 170 -15.31 8.26 -4.02
N ASN D 171 -15.77 7.06 -4.31
CA ASN D 171 -16.99 6.90 -5.10
C ASN D 171 -18.19 7.50 -4.38
N LYS D 172 -18.28 7.29 -3.06
CA LYS D 172 -19.34 7.91 -2.28
C LYS D 172 -19.17 9.41 -2.18
N ILE D 173 -17.93 9.91 -2.17
CA ILE D 173 -17.70 11.35 -2.22
C ILE D 173 -18.21 11.95 -3.52
N VAL D 174 -17.95 11.28 -4.65
CA VAL D 174 -18.45 11.76 -5.94
C VAL D 174 -19.98 11.70 -5.98
N ASP D 175 -20.55 10.60 -5.48
CA ASP D 175 -22.00 10.47 -5.45
C ASP D 175 -22.65 11.56 -4.62
N ALA D 176 -22.05 11.88 -3.48
CA ALA D 176 -22.57 12.95 -2.64
C ALA D 176 -22.34 14.32 -3.25
N MET D 177 -21.25 14.50 -3.99
CA MET D 177 -21.03 15.75 -4.70
C MET D 177 -22.15 16.01 -5.71
N PHE D 178 -22.50 14.98 -6.47
CA PHE D 178 -23.59 15.14 -7.44
C PHE D 178 -24.94 15.26 -6.74
N SER D 179 -25.14 14.55 -5.63
CA SER D 179 -26.38 14.66 -4.88
C SER D 179 -26.56 16.06 -4.30
N LEU D 180 -25.49 16.62 -3.73
CA LEU D 180 -25.55 17.98 -3.19
C LEU D 180 -25.73 19.01 -4.31
N ALA D 181 -25.11 18.79 -5.47
CA ALA D 181 -25.34 19.68 -6.59
C ALA D 181 -26.79 19.63 -7.05
N ASN D 182 -27.40 18.44 -6.97
CA ASN D 182 -28.82 18.33 -7.33
C ASN D 182 -29.71 18.99 -6.30
N LYS D 183 -29.35 18.90 -5.01
CA LYS D 183 -30.16 19.54 -3.98
C LYS D 183 -30.06 21.05 -4.05
N LEU D 184 -28.86 21.58 -4.26
CA LEU D 184 -28.68 23.01 -4.58
C LEU D 184 -28.84 23.18 -6.08
N GLN D 185 -30.11 23.14 -6.52
CA GLN D 185 -30.46 22.78 -7.90
C GLN D 185 -29.74 23.58 -8.98
N PRO D 186 -29.62 24.93 -8.91
CA PRO D 186 -28.74 25.58 -9.90
C PRO D 186 -27.29 25.60 -9.44
N CYS D 187 -26.61 24.47 -9.55
CA CYS D 187 -25.27 24.30 -9.05
C CYS D 187 -24.25 24.29 -10.19
N ILE D 188 -23.05 24.76 -9.88
CA ILE D 188 -21.90 24.62 -10.76
C ILE D 188 -20.82 23.89 -9.99
N ILE D 189 -20.39 22.74 -10.50
CA ILE D 189 -19.30 21.98 -9.93
C ILE D 189 -18.05 22.33 -10.73
N PHE D 190 -17.14 23.07 -10.12
CA PHE D 190 -15.93 23.49 -10.80
C PHE D 190 -14.75 22.63 -10.36
N ILE D 191 -14.08 22.03 -11.34
CA ILE D 191 -12.86 21.26 -11.11
C ILE D 191 -11.75 21.98 -11.84
N ASP D 192 -10.90 22.70 -11.11
CA ASP D 192 -9.74 23.32 -11.72
C ASP D 192 -8.71 22.26 -12.07
N GLN D 193 -8.02 22.46 -13.18
CA GLN D 193 -7.05 21.52 -13.73
C GLN D 193 -7.70 20.14 -13.92
N ILE D 194 -8.74 20.13 -14.75
CA ILE D 194 -9.57 18.95 -14.94
C ILE D 194 -8.90 17.88 -15.77
N ASP D 195 -7.73 18.17 -16.35
CA ASP D 195 -7.03 17.17 -17.15
C ASP D 195 -6.54 16.01 -16.29
N SER D 196 -6.25 16.27 -15.01
CA SER D 196 -5.79 15.19 -14.14
C SER D 196 -6.95 14.36 -13.62
N PHE D 197 -8.06 15.00 -13.27
CA PHE D 197 -9.28 14.31 -12.86
C PHE D 197 -9.76 13.46 -14.01
N LEU D 198 -10.16 14.10 -15.11
CA LEU D 198 -10.74 13.38 -16.23
C LEU D 198 -9.68 13.01 -17.26
N ARG D 199 -8.60 12.38 -16.81
CA ARG D 199 -7.53 12.00 -17.72
C ARG D 199 -7.99 10.83 -18.59
N GLU D 200 -7.25 10.62 -19.68
CA GLU D 200 -7.54 9.51 -20.59
C GLU D 200 -7.39 8.20 -19.85
N ARG D 201 -8.45 7.39 -19.87
CA ARG D 201 -8.45 6.13 -19.14
C ARG D 201 -7.47 5.15 -19.78
N SER D 202 -6.77 4.41 -18.92
CA SER D 202 -5.80 3.42 -19.36
C SER D 202 -5.90 2.20 -18.47
N SER D 203 -5.37 1.08 -18.96
CA SER D 203 -5.33 -0.13 -18.16
C SER D 203 -4.39 0.00 -16.95
N THR D 204 -3.45 0.95 -17.00
CA THR D 204 -2.53 1.19 -15.89
C THR D 204 -3.13 2.10 -14.83
N ASP D 205 -4.36 2.55 -15.00
CA ASP D 205 -5.00 3.40 -13.99
C ASP D 205 -5.26 2.62 -12.71
N HIS D 206 -5.21 3.33 -11.60
CA HIS D 206 -5.55 2.74 -10.31
C HIS D 206 -7.02 2.34 -10.29
N GLU D 207 -7.32 1.26 -9.57
CA GLU D 207 -8.68 0.76 -9.51
C GLU D 207 -9.63 1.78 -8.87
N VAL D 208 -9.19 2.42 -7.80
CA VAL D 208 -10.01 3.45 -7.16
C VAL D 208 -10.18 4.64 -8.11
N THR D 209 -9.12 5.03 -8.80
CA THR D 209 -9.20 6.14 -9.74
C THR D 209 -10.11 5.80 -10.92
N ALA D 210 -9.99 4.57 -11.46
CA ALA D 210 -10.84 4.17 -12.59
C ALA D 210 -12.30 4.10 -12.19
N THR D 211 -12.61 3.55 -11.02
CA THR D 211 -14.00 3.51 -10.58
C THR D 211 -14.50 4.90 -10.22
N LEU D 212 -13.62 5.78 -9.74
CA LEU D 212 -13.97 7.17 -9.51
C LEU D 212 -14.38 7.86 -10.81
N LYS D 213 -13.59 7.67 -11.86
CA LYS D 213 -13.89 8.27 -13.15
C LYS D 213 -15.18 7.70 -13.74
N ALA D 214 -15.40 6.40 -13.59
CA ALA D 214 -16.62 5.79 -14.09
C ALA D 214 -17.85 6.28 -13.32
N GLU D 215 -17.73 6.43 -12.00
CA GLU D 215 -18.82 6.98 -11.20
C GLU D 215 -19.11 8.41 -11.60
N PHE D 216 -18.05 9.19 -11.87
CA PHE D 216 -18.24 10.56 -12.35
C PHE D 216 -18.97 10.59 -13.68
N MET D 217 -18.60 9.68 -14.59
CA MET D 217 -19.31 9.59 -15.88
C MET D 217 -20.77 9.23 -15.69
N THR D 218 -21.05 8.26 -14.82
CA THR D 218 -22.43 7.81 -14.62
C THR D 218 -23.29 8.93 -14.05
N LEU D 219 -22.81 9.57 -12.98
CA LEU D 219 -23.58 10.66 -12.39
C LEU D 219 -23.64 11.88 -13.30
N TRP D 220 -22.65 12.07 -14.17
CA TRP D 220 -22.64 13.19 -15.10
C TRP D 220 -23.69 12.98 -16.19
N ASP D 221 -23.53 11.93 -17.01
CA ASP D 221 -24.51 11.61 -18.04
C ASP D 221 -24.76 10.10 -17.98
N GLY D 222 -25.65 9.69 -17.10
CA GLY D 222 -26.18 8.34 -17.10
C GLY D 222 -27.70 8.34 -17.10
N LEU D 223 -28.25 7.34 -16.43
CA LEU D 223 -29.71 7.17 -16.39
C LEU D 223 -30.38 8.32 -15.65
N LEU D 224 -29.89 8.65 -14.46
CA LEU D 224 -30.51 9.66 -13.63
C LEU D 224 -30.08 11.03 -14.11
N ASN D 225 -31.02 11.79 -14.66
CA ASN D 225 -30.73 13.13 -15.16
C ASN D 225 -30.45 14.08 -14.01
N ASN D 226 -29.50 14.99 -14.23
CA ASN D 226 -29.13 15.98 -13.23
C ASN D 226 -29.92 17.26 -13.50
N GLY D 227 -30.61 17.75 -12.47
CA GLY D 227 -31.44 18.93 -12.63
C GLY D 227 -30.67 20.22 -12.44
N ARG D 228 -30.38 20.90 -13.56
CA ARG D 228 -29.67 22.19 -13.58
C ARG D 228 -28.30 22.09 -12.91
N VAL D 229 -27.68 20.92 -12.96
CA VAL D 229 -26.35 20.70 -12.43
C VAL D 229 -25.36 20.84 -13.57
N MET D 230 -24.34 21.67 -13.37
CA MET D 230 -23.41 22.02 -14.43
C MET D 230 -21.98 21.79 -13.95
N ILE D 231 -21.18 21.15 -14.79
CA ILE D 231 -19.79 20.83 -14.45
C ILE D 231 -18.90 21.73 -15.30
N ILE D 232 -18.06 22.52 -14.65
CA ILE D 232 -17.19 23.46 -15.33
C ILE D 232 -15.75 23.08 -15.03
N GLY D 233 -14.94 22.98 -16.07
CA GLY D 233 -13.54 22.60 -15.90
C GLY D 233 -12.62 23.55 -16.64
N ALA D 234 -11.54 23.93 -15.97
CA ALA D 234 -10.48 24.73 -16.56
C ALA D 234 -9.25 23.86 -16.72
N THR D 235 -8.60 23.92 -17.87
CA THR D 235 -7.45 23.07 -18.13
C THR D 235 -6.54 23.72 -19.16
N ASN D 236 -5.28 23.30 -19.14
CA ASN D 236 -4.32 23.68 -20.18
C ASN D 236 -4.15 22.61 -21.25
N ARG D 237 -4.32 21.34 -20.87
CA ARG D 237 -4.11 20.21 -21.77
C ARG D 237 -5.48 19.57 -22.02
N ILE D 238 -6.18 20.06 -23.04
CA ILE D 238 -7.47 19.51 -23.40
C ILE D 238 -7.32 18.09 -23.94
N ASN D 239 -6.23 17.81 -24.65
CA ASN D 239 -6.01 16.48 -25.21
C ASN D 239 -5.73 15.44 -24.14
N ASP D 240 -5.40 15.86 -22.92
CA ASP D 240 -5.24 14.92 -21.82
C ASP D 240 -6.57 14.40 -21.29
N ILE D 241 -7.67 15.05 -21.64
CA ILE D 241 -8.98 14.66 -21.16
C ILE D 241 -9.49 13.47 -21.98
N ASP D 242 -10.13 12.53 -21.30
CA ASP D 242 -10.70 11.37 -21.97
C ASP D 242 -11.82 11.79 -22.92
N ASP D 243 -12.01 10.98 -23.96
CA ASP D 243 -12.97 11.33 -25.00
C ASP D 243 -14.40 11.34 -24.46
N ALA D 244 -14.73 10.41 -23.57
CA ALA D 244 -16.06 10.42 -22.94
C ALA D 244 -16.23 11.63 -22.05
N PHE D 245 -15.18 11.99 -21.29
CA PHE D 245 -15.25 13.20 -20.49
C PHE D 245 -15.27 14.44 -21.36
N LEU D 246 -14.59 14.41 -22.51
CA LEU D 246 -14.61 15.56 -23.41
C LEU D 246 -15.98 15.73 -24.05
N ARG D 247 -16.67 14.63 -24.34
CA ARG D 247 -18.04 14.72 -24.83
C ARG D 247 -19.01 15.08 -23.71
N ARG D 248 -18.65 14.84 -22.45
CA ARG D 248 -19.46 15.33 -21.34
C ARG D 248 -19.27 16.81 -21.10
N LEU D 249 -18.30 17.44 -21.77
CA LEU D 249 -18.12 18.89 -21.75
C LEU D 249 -18.39 19.44 -23.15
N PRO D 250 -19.66 19.61 -23.53
CA PRO D 250 -19.96 20.04 -24.91
C PRO D 250 -19.53 21.46 -25.22
N LYS D 251 -19.91 22.41 -24.37
CA LYS D 251 -19.55 23.80 -24.58
C LYS D 251 -18.12 24.03 -24.13
N ARG D 252 -17.25 24.42 -25.07
CA ARG D 252 -15.84 24.61 -24.79
C ARG D 252 -15.43 26.01 -25.21
N PHE D 253 -14.77 26.73 -24.30
CA PHE D 253 -14.29 28.08 -24.55
C PHE D 253 -12.77 28.07 -24.62
N LEU D 254 -12.23 28.52 -25.74
CA LEU D 254 -10.78 28.60 -25.91
C LEU D 254 -10.32 29.95 -25.39
N VAL D 255 -9.74 29.95 -24.19
CA VAL D 255 -9.15 31.17 -23.63
C VAL D 255 -7.70 31.20 -24.11
N SER D 256 -7.52 31.74 -25.31
CA SER D 256 -6.24 31.70 -25.99
C SER D 256 -5.36 32.87 -25.57
N LEU D 257 -4.15 32.93 -26.13
CA LEU D 257 -3.26 34.04 -25.87
C LEU D 257 -3.87 35.33 -26.41
N PRO D 258 -3.73 36.45 -25.70
CA PRO D 258 -4.38 37.69 -26.13
C PRO D 258 -3.78 38.25 -27.40
N GLY D 259 -4.61 38.90 -28.20
CA GLY D 259 -4.16 39.69 -29.32
C GLY D 259 -3.70 41.06 -28.85
N SER D 260 -3.42 41.93 -29.82
CA SER D 260 -2.95 43.27 -29.50
C SER D 260 -4.04 44.07 -28.77
N ASP D 261 -5.25 44.08 -29.33
CA ASP D 261 -6.36 44.77 -28.70
C ASP D 261 -6.72 44.12 -27.37
N GLN D 262 -6.70 42.77 -27.33
CA GLN D 262 -6.97 42.07 -26.08
C GLN D 262 -5.90 42.37 -25.04
N ARG D 263 -4.64 42.50 -25.47
CA ARG D 263 -3.58 42.88 -24.54
C ARG D 263 -3.79 44.29 -24.01
N TYR D 264 -4.23 45.22 -24.88
CA TYR D 264 -4.54 46.57 -24.41
C TYR D 264 -5.65 46.54 -23.37
N LYS D 265 -6.70 45.74 -23.63
CA LYS D 265 -7.81 45.65 -22.67
C LYS D 265 -7.36 45.06 -21.35
N ILE D 266 -6.53 44.00 -21.39
CA ILE D 266 -6.05 43.37 -20.16
C ILE D 266 -5.17 44.33 -19.38
N LEU D 267 -4.29 45.06 -20.08
CA LEU D 267 -3.43 46.04 -19.41
C LEU D 267 -4.25 47.17 -18.80
N SER D 268 -5.30 47.62 -19.50
CA SER D 268 -6.16 48.66 -18.96
C SER D 268 -6.91 48.20 -17.73
N VAL D 269 -7.37 46.94 -17.72
CA VAL D 269 -8.06 46.40 -16.56
C VAL D 269 -7.08 46.24 -15.38
N LEU D 270 -5.88 45.74 -15.66
CA LEU D 270 -4.88 45.53 -14.61
C LEU D 270 -4.42 46.84 -14.02
N LEU D 271 -4.32 47.90 -14.84
CA LEU D 271 -3.90 49.21 -14.38
C LEU D 271 -5.06 50.07 -13.89
N LYS D 272 -6.19 49.45 -13.55
CA LYS D 272 -7.25 50.20 -12.90
C LYS D 272 -6.83 50.57 -11.49
N ASP D 273 -7.37 51.71 -11.02
CA ASP D 273 -7.00 52.30 -9.73
C ASP D 273 -5.50 52.55 -9.64
N THR D 274 -4.93 53.03 -10.75
CA THR D 274 -3.51 53.33 -10.84
C THR D 274 -3.36 54.68 -11.53
N LYS D 275 -2.36 55.46 -11.12
CA LYS D 275 -2.21 56.83 -11.60
C LYS D 275 -1.91 56.87 -13.10
N LEU D 276 -1.08 55.94 -13.58
CA LEU D 276 -0.62 55.85 -14.98
C LEU D 276 0.10 57.17 -15.30
N ASP D 277 -0.25 57.88 -16.36
CA ASP D 277 0.31 59.18 -16.68
C ASP D 277 -0.68 59.90 -17.59
N GLU D 278 -0.24 61.01 -18.18
CA GLU D 278 -1.12 61.77 -19.07
C GLU D 278 -0.48 62.01 -20.44
N ASP D 279 0.83 62.24 -20.46
CA ASP D 279 1.54 62.52 -21.70
C ASP D 279 2.57 61.45 -22.06
N GLU D 280 3.37 61.01 -21.09
CA GLU D 280 4.40 60.02 -21.37
C GLU D 280 3.83 58.62 -21.56
N PHE D 281 2.66 58.31 -21.00
CA PHE D 281 2.14 56.96 -21.06
C PHE D 281 1.61 56.65 -22.46
N ASP D 282 1.97 55.46 -22.96
CA ASP D 282 1.52 54.97 -24.27
C ASP D 282 1.17 53.49 -24.09
N LEU D 283 -0.10 53.23 -23.80
CA LEU D 283 -0.54 51.86 -23.58
C LEU D 283 -0.47 51.03 -24.86
N GLN D 284 -0.70 51.66 -26.01
CA GLN D 284 -0.70 50.93 -27.28
C GLN D 284 0.68 50.37 -27.60
N LEU D 285 1.74 51.14 -27.33
CA LEU D 285 3.09 50.66 -27.59
C LEU D 285 3.42 49.46 -26.70
N ILE D 286 3.03 49.51 -25.43
CA ILE D 286 3.24 48.39 -24.52
C ILE D 286 2.47 47.16 -24.99
N ALA D 287 1.21 47.36 -25.41
CA ALA D 287 0.40 46.25 -25.87
C ALA D 287 0.97 45.63 -27.14
N ASP D 288 1.53 46.46 -28.03
CA ASP D 288 2.14 45.93 -29.24
C ASP D 288 3.45 45.20 -28.93
N ASN D 289 4.26 45.73 -28.02
CA ASN D 289 5.55 45.13 -27.72
C ASN D 289 5.46 43.93 -26.77
N THR D 290 4.31 43.70 -26.15
CA THR D 290 4.12 42.50 -25.34
C THR D 290 3.62 41.32 -26.17
N LYS D 291 4.30 41.02 -27.27
CA LYS D 291 3.85 39.95 -28.15
C LYS D 291 4.06 38.60 -27.50
N GLY D 292 3.01 37.78 -27.51
CA GLY D 292 3.05 36.48 -26.86
C GLY D 292 2.83 36.51 -25.37
N PHE D 293 2.57 37.68 -24.79
CA PHE D 293 2.37 37.79 -23.35
C PHE D 293 0.97 37.33 -22.98
N SER D 294 0.87 36.47 -21.98
CA SER D 294 -0.41 36.09 -21.43
C SER D 294 -0.85 37.13 -20.39
N GLY D 295 -2.00 36.90 -19.77
CA GLY D 295 -2.45 37.79 -18.72
C GLY D 295 -1.56 37.77 -17.50
N SER D 296 -1.00 36.60 -17.17
CA SER D 296 -0.02 36.52 -16.09
C SER D 296 1.24 37.30 -16.42
N ASP D 297 1.69 37.23 -17.67
CA ASP D 297 2.90 37.92 -18.08
C ASP D 297 2.73 39.43 -18.01
N LEU D 298 1.53 39.93 -18.30
CA LEU D 298 1.25 41.35 -18.14
C LEU D 298 1.04 41.72 -16.67
N LYS D 299 0.45 40.81 -15.88
CA LYS D 299 0.21 41.11 -14.47
C LYS D 299 1.51 41.31 -13.72
N GLU D 300 2.53 40.48 -13.99
CA GLU D 300 3.83 40.70 -13.38
C GLU D 300 4.52 41.90 -14.00
N LEU D 301 4.31 42.14 -15.29
CA LEU D 301 4.85 43.34 -15.93
C LEU D 301 4.25 44.59 -15.31
N CYS D 302 2.93 44.59 -15.08
CA CYS D 302 2.32 45.68 -14.34
C CYS D 302 2.82 45.73 -12.89
N ARG D 303 3.07 44.57 -12.30
CA ARG D 303 3.60 44.53 -10.94
C ARG D 303 5.03 45.05 -10.90
N GLU D 304 5.89 44.54 -11.78
CA GLU D 304 7.30 44.94 -11.77
C GLU D 304 7.48 46.39 -12.17
N ALA D 305 6.60 46.92 -13.02
CA ALA D 305 6.66 48.33 -13.36
C ALA D 305 6.19 49.23 -12.22
N ALA D 306 5.30 48.72 -11.37
CA ALA D 306 4.83 49.50 -10.23
C ALA D 306 5.80 49.47 -9.06
N LEU D 307 6.61 48.42 -8.94
CA LEU D 307 7.58 48.33 -7.85
C LEU D 307 8.62 49.44 -7.95
N ASP D 308 9.15 49.69 -9.14
CA ASP D 308 10.14 50.76 -9.28
C ASP D 308 9.49 52.14 -9.31
N ALA D 309 8.26 52.24 -9.80
CA ALA D 309 7.59 53.52 -9.89
C ALA D 309 7.35 54.13 -8.52
N ALA D 310 6.97 53.30 -7.55
CA ALA D 310 6.80 53.75 -6.17
C ALA D 310 8.03 53.49 -5.31
N LYS D 311 9.14 53.03 -5.91
CA LYS D 311 10.31 52.64 -5.13
C LYS D 311 10.89 53.81 -4.35
N GLU D 312 10.96 54.99 -4.97
CA GLU D 312 11.43 56.16 -4.25
C GLU D 312 10.44 56.60 -3.17
N TYR D 313 9.16 56.25 -3.36
CA TYR D 313 8.18 56.46 -2.30
C TYR D 313 8.28 55.37 -1.24
N ILE D 314 8.59 54.15 -1.66
CA ILE D 314 8.74 53.04 -0.73
C ILE D 314 9.99 53.22 0.11
N LYS D 315 11.09 53.68 -0.51
CA LYS D 315 12.34 53.87 0.21
C LYS D 315 12.20 54.89 1.32
N GLN D 316 11.46 55.98 1.07
CA GLN D 316 11.15 56.92 2.14
C GLN D 316 10.21 56.29 3.16
N LYS D 317 9.23 55.50 2.70
CA LYS D 317 8.28 54.90 3.61
C LYS D 317 8.91 53.79 4.45
N ARG D 318 9.88 53.07 3.88
CA ARG D 318 10.55 52.01 4.63
C ARG D 318 11.34 52.57 5.80
N GLN D 319 12.01 53.70 5.60
CA GLN D 319 12.73 54.35 6.69
C GLN D 319 11.77 54.84 7.77
N LEU D 320 10.63 55.40 7.36
CA LEU D 320 9.63 55.89 8.31
C LEU D 320 8.57 54.83 8.58
N ARG D 337 3.42 58.17 -7.10
CA ARG D 337 4.07 58.66 -8.30
C ARG D 337 3.39 58.08 -9.54
N PRO D 338 3.10 58.94 -10.52
CA PRO D 338 2.50 58.45 -11.77
C PRO D 338 3.46 57.54 -12.54
N LEU D 339 2.90 56.62 -13.31
CA LEU D 339 3.67 55.63 -14.04
C LEU D 339 4.20 56.23 -15.34
N LYS D 340 4.83 55.39 -16.17
CA LYS D 340 5.45 55.86 -17.40
C LYS D 340 5.57 54.71 -18.38
N THR D 341 5.65 55.06 -19.67
CA THR D 341 5.85 54.06 -20.71
C THR D 341 7.27 53.51 -20.69
N LYS D 342 8.25 54.41 -20.57
CA LYS D 342 9.65 54.00 -20.41
C LYS D 342 9.84 53.12 -19.19
N ASP D 343 9.05 53.40 -18.15
CA ASP D 343 9.07 52.59 -16.91
C ASP D 343 8.69 51.16 -17.29
N PHE D 344 7.57 51.00 -18.00
CA PHE D 344 7.16 49.68 -18.47
C PHE D 344 8.14 49.11 -19.48
N THR D 345 8.78 49.96 -20.28
CA THR D 345 9.72 49.49 -21.30
C THR D 345 11.01 48.99 -20.69
N LYS D 346 11.28 49.31 -19.42
CA LYS D 346 12.51 48.86 -18.77
C LYS D 346 12.54 47.34 -18.62
N LYS D 347 11.42 46.73 -18.22
CA LYS D 347 11.33 45.28 -18.17
C LYS D 347 10.99 44.66 -19.51
N LEU D 348 10.53 45.45 -20.48
CA LEU D 348 10.15 44.90 -21.77
C LEU D 348 11.37 44.73 -22.66
N ARG D 349 11.38 43.64 -23.44
CA ARG D 349 12.52 43.29 -24.29
C ARG D 349 12.24 43.54 -25.77
N MET D 350 11.38 44.51 -26.08
CA MET D 350 11.00 44.87 -27.45
C MET D 350 10.47 43.69 -28.24
N LYS E 42 -28.96 3.21 7.92
CA LYS E 42 -28.72 4.05 6.75
C LYS E 42 -29.29 5.45 6.97
N SER E 43 -29.13 6.31 5.97
CA SER E 43 -29.64 7.66 6.06
C SER E 43 -31.16 7.68 5.97
N ARG E 44 -31.78 8.71 6.57
CA ARG E 44 -33.23 8.83 6.53
C ARG E 44 -33.74 9.07 5.12
N GLU E 45 -33.03 9.89 4.34
CA GLU E 45 -33.39 10.10 2.94
C GLU E 45 -33.26 8.81 2.15
N SER E 46 -32.21 8.03 2.41
CA SER E 46 -32.04 6.75 1.74
C SER E 46 -33.16 5.79 2.08
N LYS E 47 -33.56 5.72 3.36
CA LYS E 47 -34.64 4.84 3.76
C LYS E 47 -35.97 5.28 3.15
N ALA E 48 -36.19 6.59 3.06
CA ALA E 48 -37.40 7.09 2.40
C ALA E 48 -37.42 6.71 0.93
N LYS E 49 -36.27 6.82 0.25
CA LYS E 49 -36.19 6.40 -1.14
C LYS E 49 -36.44 4.90 -1.29
N GLN E 50 -35.90 4.10 -0.37
CA GLN E 50 -36.12 2.66 -0.41
C GLN E 50 -37.60 2.31 -0.24
N SER E 51 -38.26 2.98 0.72
CA SER E 51 -39.68 2.72 0.94
C SER E 51 -40.51 3.15 -0.27
N LEU E 52 -40.18 4.31 -0.87
CA LEU E 52 -40.89 4.76 -2.05
C LEU E 52 -40.69 3.81 -3.23
N GLN E 53 -39.47 3.32 -3.42
CA GLN E 53 -39.19 2.38 -4.49
C GLN E 53 -39.93 1.06 -4.26
N TRP E 54 -39.99 0.58 -3.02
CA TRP E 54 -40.72 -0.65 -2.74
C TRP E 54 -42.21 -0.47 -2.96
N GLU E 55 -42.76 0.69 -2.59
CA GLU E 55 -44.16 0.96 -2.87
C GLU E 55 -44.43 1.00 -4.38
N LYS E 56 -43.52 1.61 -5.14
CA LYS E 56 -43.68 1.64 -6.59
C LYS E 56 -43.62 0.25 -7.20
N LEU E 57 -42.69 -0.59 -6.72
CA LEU E 57 -42.57 -1.94 -7.24
C LEU E 57 -43.77 -2.80 -6.88
N VAL E 58 -44.31 -2.62 -5.67
CA VAL E 58 -45.51 -3.35 -5.26
C VAL E 58 -46.70 -2.91 -6.11
N LYS E 59 -46.84 -1.60 -6.35
CA LYS E 59 -47.94 -1.10 -7.18
C LYS E 59 -47.83 -1.61 -8.61
N ARG E 60 -46.61 -1.63 -9.16
N ARG E 60 -46.61 -1.62 -9.17
CA ARG E 60 -46.44 -2.08 -10.54
CA ARG E 60 -46.43 -2.08 -10.54
C ARG E 60 -46.67 -3.58 -10.66
C ARG E 60 -46.69 -3.58 -10.66
N SER E 61 -46.12 -4.37 -9.75
CA SER E 61 -46.29 -5.82 -9.73
C SER E 61 -46.94 -6.23 -8.42
N PRO E 62 -48.25 -6.54 -8.41
CA PRO E 62 -48.92 -6.86 -7.15
C PRO E 62 -48.43 -8.15 -6.49
N ALA E 63 -47.72 -9.01 -7.22
CA ALA E 63 -47.28 -10.28 -6.67
C ALA E 63 -46.01 -10.15 -5.82
N LEU E 64 -45.47 -8.96 -5.69
CA LEU E 64 -44.26 -8.73 -4.91
C LEU E 64 -44.54 -8.37 -3.45
N ALA E 65 -45.81 -8.38 -3.04
CA ALA E 65 -46.16 -7.95 -1.68
C ALA E 65 -45.66 -8.94 -0.63
N GLU E 66 -45.78 -10.24 -0.90
CA GLU E 66 -45.35 -11.25 0.06
C GLU E 66 -43.84 -11.44 0.08
N VAL E 67 -43.11 -10.84 -0.86
CA VAL E 67 -41.66 -11.00 -0.92
C VAL E 67 -41.03 -10.11 0.14
N THR E 68 -40.17 -10.68 0.97
CA THR E 68 -39.48 -9.97 2.03
C THR E 68 -38.01 -9.86 1.73
N LEU E 69 -37.41 -8.73 2.14
CA LEU E 69 -36.01 -8.45 1.88
C LEU E 69 -35.28 -8.22 3.20
N ASP E 70 -34.01 -8.61 3.23
CA ASP E 70 -33.15 -8.34 4.37
C ASP E 70 -32.61 -6.92 4.25
N ALA E 71 -31.66 -6.56 5.12
CA ALA E 71 -31.16 -5.19 5.16
C ALA E 71 -30.40 -4.83 3.89
N TYR E 72 -29.54 -5.73 3.42
CA TYR E 72 -28.70 -5.44 2.26
C TYR E 72 -29.53 -5.29 0.99
N GLU E 73 -30.55 -6.13 0.82
CA GLU E 73 -31.47 -5.95 -0.30
C GLU E 73 -32.24 -4.64 -0.18
N ARG E 74 -32.52 -4.20 1.05
CA ARG E 74 -33.14 -2.89 1.23
C ARG E 74 -32.22 -1.77 0.78
N THR E 75 -30.91 -1.88 1.06
CA THR E 75 -29.98 -0.88 0.53
C THR E 75 -29.90 -0.95 -0.99
N ILE E 76 -30.02 -2.13 -1.57
CA ILE E 76 -30.04 -2.25 -3.03
C ILE E 76 -31.29 -1.61 -3.60
N LEU E 77 -32.40 -1.63 -2.84
CA LEU E 77 -33.68 -1.09 -3.31
C LEU E 77 -33.61 0.38 -3.70
N SER E 78 -32.68 1.15 -3.14
CA SER E 78 -32.56 2.56 -3.49
C SER E 78 -31.99 2.77 -4.89
N SER E 79 -31.48 1.72 -5.53
CA SER E 79 -30.97 1.80 -6.90
C SER E 79 -32.01 1.41 -7.94
N ILE E 80 -33.25 1.15 -7.51
CA ILE E 80 -34.30 0.77 -8.45
C ILE E 80 -34.71 2.00 -9.25
N VAL E 81 -34.75 1.84 -10.58
CA VAL E 81 -35.16 2.91 -11.49
C VAL E 81 -36.52 2.54 -12.05
N THR E 82 -37.55 3.23 -11.58
CA THR E 82 -38.90 3.06 -12.11
C THR E 82 -39.03 3.78 -13.44
N PRO E 83 -39.99 3.37 -14.28
CA PRO E 83 -40.19 4.07 -15.56
C PRO E 83 -40.55 5.54 -15.42
N ASP E 84 -41.11 5.97 -14.29
CA ASP E 84 -41.42 7.38 -14.10
C ASP E 84 -40.16 8.21 -13.89
N GLU E 85 -39.07 7.59 -13.42
CA GLU E 85 -37.82 8.30 -13.26
C GLU E 85 -37.18 8.64 -14.60
N ILE E 86 -37.36 7.78 -15.61
CA ILE E 86 -36.76 7.99 -16.92
C ILE E 86 -37.78 8.68 -17.82
N ASN E 87 -37.36 9.77 -18.45
CA ASN E 87 -38.21 10.53 -19.36
C ASN E 87 -37.82 10.34 -20.81
N ILE E 88 -37.21 9.21 -21.17
CA ILE E 88 -36.67 9.00 -22.50
C ILE E 88 -37.29 7.74 -23.09
N THR E 89 -37.82 7.85 -24.30
CA THR E 89 -38.59 6.81 -24.96
C THR E 89 -37.72 6.13 -26.03
N PHE E 90 -38.07 4.89 -26.37
CA PHE E 90 -37.38 4.21 -27.48
C PHE E 90 -37.53 4.97 -28.79
N GLN E 91 -38.60 5.74 -28.95
CA GLN E 91 -38.76 6.60 -30.11
C GLN E 91 -37.97 7.89 -30.01
N ASP E 92 -37.37 8.18 -28.85
CA ASP E 92 -36.47 9.32 -28.70
C ASP E 92 -35.04 9.00 -29.15
N ILE E 93 -34.79 7.78 -29.60
CA ILE E 93 -33.48 7.38 -30.11
C ILE E 93 -33.60 7.28 -31.62
N GLY E 94 -32.80 8.08 -32.33
CA GLY E 94 -32.77 8.00 -33.78
C GLY E 94 -31.52 7.32 -34.28
N GLY E 95 -31.56 6.83 -35.52
CA GLY E 95 -30.39 6.27 -36.14
C GLY E 95 -29.97 4.92 -35.62
N LEU E 96 -30.75 4.30 -34.75
CA LEU E 96 -30.43 3.00 -34.20
C LEU E 96 -31.61 2.04 -34.32
N ASP E 97 -32.47 2.26 -35.32
CA ASP E 97 -33.63 1.40 -35.50
C ASP E 97 -33.29 -0.07 -35.75
N PRO E 98 -32.32 -0.44 -36.59
CA PRO E 98 -31.90 -1.86 -36.60
C PRO E 98 -31.38 -2.34 -35.27
N LEU E 99 -30.60 -1.50 -34.57
CA LEU E 99 -30.10 -1.90 -33.26
C LEU E 99 -31.21 -1.99 -32.24
N ILE E 100 -32.18 -1.06 -32.29
CA ILE E 100 -33.31 -1.12 -31.37
C ILE E 100 -34.15 -2.36 -31.62
N SER E 101 -34.39 -2.69 -32.89
CA SER E 101 -35.16 -3.89 -33.22
C SER E 101 -34.43 -5.16 -32.79
N ASP E 102 -33.13 -5.23 -33.03
CA ASP E 102 -32.35 -6.39 -32.59
C ASP E 102 -32.36 -6.49 -31.07
N LEU E 103 -32.22 -5.36 -30.38
CA LEU E 103 -32.28 -5.35 -28.92
C LEU E 103 -33.64 -5.85 -28.43
N HIS E 104 -34.71 -5.42 -29.07
CA HIS E 104 -36.04 -5.90 -28.71
C HIS E 104 -36.14 -7.41 -28.88
N GLU E 105 -36.03 -7.89 -30.12
CA GLU E 105 -36.28 -9.31 -30.41
C GLU E 105 -35.24 -10.25 -29.80
N SER E 106 -34.10 -9.74 -29.34
CA SER E 106 -33.10 -10.62 -28.75
C SER E 106 -32.91 -10.43 -27.25
N VAL E 107 -33.48 -9.39 -26.65
CA VAL E 107 -33.26 -9.07 -25.26
C VAL E 107 -34.58 -8.93 -24.53
N ILE E 108 -35.46 -8.07 -25.05
CA ILE E 108 -36.63 -7.65 -24.30
C ILE E 108 -37.71 -8.72 -24.37
N TYR E 109 -38.09 -9.10 -25.59
CA TYR E 109 -39.13 -10.12 -25.76
C TYR E 109 -38.76 -11.49 -25.20
N PRO E 110 -37.53 -12.02 -25.37
CA PRO E 110 -37.20 -13.28 -24.68
C PRO E 110 -37.26 -13.18 -23.17
N LEU E 111 -37.00 -12.00 -22.60
CA LEU E 111 -37.04 -11.83 -21.15
C LEU E 111 -38.46 -11.51 -20.66
N MET E 112 -39.13 -10.58 -21.33
CA MET E 112 -40.44 -10.12 -20.89
C MET E 112 -41.60 -10.95 -21.40
N MET E 113 -41.36 -11.83 -22.37
CA MET E 113 -42.39 -12.74 -22.88
C MET E 113 -41.83 -14.15 -22.93
N PRO E 114 -41.61 -14.78 -21.76
CA PRO E 114 -41.08 -16.15 -21.77
C PRO E 114 -42.11 -17.18 -22.19
N GLU E 115 -43.40 -16.87 -22.11
CA GLU E 115 -44.42 -17.81 -22.58
C GLU E 115 -44.44 -17.90 -24.09
N VAL E 116 -44.08 -16.82 -24.79
CA VAL E 116 -43.99 -16.85 -26.24
C VAL E 116 -42.78 -17.67 -26.67
N TYR E 117 -41.66 -17.54 -25.98
CA TYR E 117 -40.41 -18.19 -26.35
C TYR E 117 -40.21 -19.54 -25.68
N SER E 118 -41.16 -20.00 -24.87
CA SER E 118 -41.03 -21.27 -24.17
C SER E 118 -41.45 -22.43 -25.08
N ASN E 119 -40.70 -22.58 -26.16
CA ASN E 119 -40.90 -23.68 -27.10
C ASN E 119 -39.58 -24.38 -27.39
N SER E 120 -38.48 -23.66 -27.21
CA SER E 120 -37.14 -24.19 -27.39
C SER E 120 -36.25 -23.74 -26.23
N PRO E 121 -35.29 -24.57 -25.83
CA PRO E 121 -34.39 -24.18 -24.73
C PRO E 121 -33.41 -23.08 -25.11
N LEU E 122 -33.17 -22.86 -26.39
CA LEU E 122 -32.23 -21.82 -26.85
C LEU E 122 -32.91 -20.50 -27.13
N LEU E 123 -34.21 -20.38 -26.85
CA LEU E 123 -34.96 -19.16 -27.11
C LEU E 123 -34.98 -18.22 -25.91
N GLN E 124 -34.07 -18.42 -24.95
CA GLN E 124 -34.08 -17.65 -23.72
C GLN E 124 -33.34 -16.33 -23.90
N ALA E 125 -33.57 -15.42 -22.96
CA ALA E 125 -32.86 -14.16 -22.93
C ALA E 125 -31.40 -14.40 -22.52
N PRO E 126 -30.48 -13.56 -23.00
CA PRO E 126 -29.08 -13.72 -22.60
C PRO E 126 -28.87 -13.39 -21.13
N SER E 127 -27.84 -14.00 -20.55
CA SER E 127 -27.51 -13.73 -19.15
C SER E 127 -26.97 -12.32 -18.96
N GLY E 128 -26.50 -11.68 -20.02
CA GLY E 128 -26.02 -10.31 -19.94
C GLY E 128 -25.96 -9.70 -21.32
N VAL E 129 -26.02 -8.38 -21.34
CA VAL E 129 -25.98 -7.61 -22.58
C VAL E 129 -24.97 -6.49 -22.42
N LEU E 130 -24.07 -6.34 -23.38
CA LEU E 130 -23.09 -5.28 -23.36
C LEU E 130 -23.40 -4.29 -24.47
N LEU E 131 -23.62 -3.03 -24.09
CA LEU E 131 -23.80 -1.94 -25.04
C LEU E 131 -22.49 -1.19 -25.11
N TYR E 132 -21.70 -1.45 -26.16
CA TYR E 132 -20.39 -0.83 -26.28
C TYR E 132 -20.31 -0.02 -27.57
N GLY E 133 -19.26 0.78 -27.65
CA GLY E 133 -19.06 1.66 -28.78
C GLY E 133 -18.40 2.96 -28.34
N PRO E 134 -18.13 3.85 -29.30
CA PRO E 134 -17.56 5.15 -28.94
C PRO E 134 -18.54 5.96 -28.13
N PRO E 135 -18.06 6.85 -27.26
CA PRO E 135 -18.98 7.62 -26.40
C PRO E 135 -19.86 8.57 -27.19
N GLY E 136 -21.08 8.74 -26.70
CA GLY E 136 -22.03 9.67 -27.27
C GLY E 136 -22.94 9.11 -28.33
N CYS E 137 -22.84 7.84 -28.66
CA CYS E 137 -23.62 7.28 -29.76
C CYS E 137 -24.98 6.73 -29.33
N GLY E 138 -25.25 6.68 -28.03
CA GLY E 138 -26.60 6.34 -27.58
C GLY E 138 -26.71 5.09 -26.73
N LYS E 139 -25.63 4.70 -26.05
CA LYS E 139 -25.69 3.52 -25.18
C LYS E 139 -26.58 3.79 -23.96
N THR E 140 -26.36 4.92 -23.29
CA THR E 140 -27.20 5.27 -22.15
C THR E 140 -28.61 5.66 -22.60
N MET E 141 -28.75 6.15 -23.83
CA MET E 141 -30.08 6.37 -24.38
C MET E 141 -30.86 5.06 -24.48
N LEU E 142 -30.20 4.02 -24.99
CA LEU E 142 -30.81 2.70 -25.07
C LEU E 142 -31.10 2.14 -23.68
N ALA E 143 -30.20 2.39 -22.72
CA ALA E 143 -30.42 1.92 -21.36
C ALA E 143 -31.60 2.64 -20.71
N LYS E 144 -31.75 3.94 -20.96
CA LYS E 144 -32.91 4.68 -20.45
C LYS E 144 -34.21 4.17 -21.06
N ALA E 145 -34.19 3.90 -22.37
CA ALA E 145 -35.37 3.34 -23.03
C ALA E 145 -35.71 1.95 -22.46
N LEU E 146 -34.68 1.15 -22.17
CA LEU E 146 -34.89 -0.14 -21.53
C LEU E 146 -35.47 0.02 -20.14
N ALA E 147 -34.99 1.00 -19.38
CA ALA E 147 -35.53 1.24 -18.05
C ALA E 147 -36.98 1.71 -18.10
N LYS E 148 -37.34 2.46 -19.14
CA LYS E 148 -38.70 3.01 -19.20
C LYS E 148 -39.71 2.00 -19.73
N GLU E 149 -39.42 1.39 -20.89
CA GLU E 149 -40.45 0.65 -21.61
C GLU E 149 -39.95 -0.71 -22.09
N SER E 150 -39.26 -1.43 -21.23
CA SER E 150 -39.09 -2.86 -21.44
C SER E 150 -40.10 -3.68 -20.65
N GLY E 151 -40.36 -3.30 -19.41
CA GLY E 151 -41.26 -4.02 -18.53
C GLY E 151 -40.57 -4.70 -17.38
N ALA E 152 -39.25 -4.77 -17.37
CA ALA E 152 -38.51 -5.38 -16.28
C ALA E 152 -38.19 -4.36 -15.20
N ASN E 153 -38.12 -4.84 -13.96
CA ASN E 153 -37.62 -4.02 -12.88
C ASN E 153 -36.16 -3.69 -13.14
N PHE E 154 -35.80 -2.43 -12.98
CA PHE E 154 -34.50 -1.94 -13.42
C PHE E 154 -33.65 -1.56 -12.21
N ILE E 155 -32.47 -2.17 -12.11
CA ILE E 155 -31.54 -1.84 -11.03
C ILE E 155 -30.31 -1.18 -11.64
N SER E 156 -30.32 0.15 -11.73
CA SER E 156 -29.16 0.89 -12.20
C SER E 156 -28.18 1.08 -11.04
N ILE E 157 -27.49 -0.01 -10.72
CA ILE E 157 -26.55 0.02 -9.60
C ILE E 157 -25.29 0.76 -10.02
N ARG E 158 -24.75 1.55 -9.09
CA ARG E 158 -23.51 2.26 -9.27
C ARG E 158 -22.46 1.68 -8.33
N MET E 159 -21.19 1.96 -8.65
CA MET E 159 -20.12 1.33 -7.88
C MET E 159 -19.98 1.94 -6.50
N SER E 160 -20.49 3.17 -6.29
CA SER E 160 -20.52 3.74 -4.96
C SER E 160 -21.48 3.00 -4.05
N SER E 161 -22.59 2.49 -4.61
CA SER E 161 -23.52 1.69 -3.82
C SER E 161 -22.99 0.30 -3.55
N ILE E 162 -22.02 -0.17 -4.34
CA ILE E 162 -21.47 -1.50 -4.16
C ILE E 162 -20.29 -1.49 -3.19
N MET E 163 -19.31 -0.62 -3.43
CA MET E 163 -18.14 -0.56 -2.57
C MET E 163 -18.49 -0.12 -1.16
N ASP E 164 -17.82 -0.73 -0.18
CA ASP E 164 -18.00 -0.38 1.22
C ASP E 164 -16.66 -0.51 1.92
N LYS E 165 -16.38 0.41 2.84
CA LYS E 165 -15.10 0.39 3.56
C LYS E 165 -15.03 -0.70 4.60
N TRP E 166 -16.13 -1.38 4.89
CA TRP E 166 -16.15 -2.45 5.87
C TRP E 166 -15.85 -3.78 5.20
N TYR E 167 -15.26 -4.70 5.97
CA TYR E 167 -14.85 -5.98 5.43
C TYR E 167 -16.07 -6.85 5.16
N GLY E 168 -16.13 -7.42 3.95
CA GLY E 168 -17.20 -8.32 3.60
C GLY E 168 -18.54 -7.67 3.30
N GLU E 169 -18.60 -6.35 3.28
CA GLU E 169 -19.86 -5.65 3.08
C GLU E 169 -20.21 -5.49 1.61
N SER E 170 -19.21 -5.28 0.75
CA SER E 170 -19.47 -5.14 -0.67
C SER E 170 -19.91 -6.46 -1.29
N ASN E 171 -19.33 -7.57 -0.82
CA ASN E 171 -19.74 -8.88 -1.30
C ASN E 171 -21.18 -9.20 -0.90
N LYS E 172 -21.56 -8.86 0.33
CA LYS E 172 -22.94 -9.01 0.74
C LYS E 172 -23.86 -8.09 -0.04
N ILE E 173 -23.38 -6.90 -0.41
CA ILE E 173 -24.17 -5.98 -1.23
C ILE E 173 -24.42 -6.57 -2.61
N VAL E 174 -23.39 -7.17 -3.22
CA VAL E 174 -23.56 -7.81 -4.53
C VAL E 174 -24.47 -9.02 -4.44
N ASP E 175 -24.32 -9.82 -3.38
CA ASP E 175 -25.20 -10.96 -3.17
C ASP E 175 -26.65 -10.53 -3.03
N ALA E 176 -26.88 -9.45 -2.28
CA ALA E 176 -28.23 -8.91 -2.14
C ALA E 176 -28.75 -8.32 -3.44
N MET E 177 -27.87 -7.72 -4.25
CA MET E 177 -28.30 -7.19 -5.53
C MET E 177 -28.82 -8.31 -6.43
N PHE E 178 -28.07 -9.42 -6.50
CA PHE E 178 -28.51 -10.56 -7.29
C PHE E 178 -29.76 -11.21 -6.69
N SER E 179 -29.83 -11.29 -5.36
CA SER E 179 -30.99 -11.88 -4.71
C SER E 179 -32.25 -11.04 -4.95
N LEU E 180 -32.13 -9.72 -4.86
CA LEU E 180 -33.26 -8.84 -5.13
C LEU E 180 -33.67 -8.92 -6.59
N ALA E 181 -32.70 -8.99 -7.50
CA ALA E 181 -33.05 -9.17 -8.91
C ALA E 181 -33.73 -10.50 -9.15
N ASN E 182 -33.43 -11.52 -8.35
CA ASN E 182 -34.15 -12.78 -8.47
C ASN E 182 -35.55 -12.68 -7.89
N LYS E 183 -35.72 -11.90 -6.82
CA LYS E 183 -37.04 -11.76 -6.21
C LYS E 183 -37.99 -10.98 -7.12
N LEU E 184 -37.51 -9.89 -7.71
CA LEU E 184 -38.26 -9.19 -8.76
C LEU E 184 -37.92 -9.88 -10.07
N GLN E 185 -38.69 -10.92 -10.39
CA GLN E 185 -38.21 -11.97 -11.30
C GLN E 185 -37.80 -11.48 -12.68
N PRO E 186 -38.59 -10.69 -13.43
CA PRO E 186 -38.01 -10.06 -14.62
C PRO E 186 -37.24 -8.82 -14.24
N CYS E 187 -35.90 -8.90 -14.23
CA CYS E 187 -35.08 -7.81 -13.72
C CYS E 187 -33.92 -7.56 -14.67
N ILE E 188 -33.52 -6.29 -14.74
CA ILE E 188 -32.33 -5.88 -15.46
C ILE E 188 -31.44 -5.12 -14.49
N ILE E 189 -30.23 -5.62 -14.29
CA ILE E 189 -29.23 -4.94 -13.47
C ILE E 189 -28.30 -4.18 -14.42
N PHE E 190 -28.29 -2.87 -14.30
CA PHE E 190 -27.52 -2.02 -15.20
C PHE E 190 -26.33 -1.43 -14.46
N ILE E 191 -25.15 -1.57 -15.05
CA ILE E 191 -23.94 -0.93 -14.57
C ILE E 191 -23.42 -0.07 -15.71
N ASP E 192 -23.65 1.24 -15.62
CA ASP E 192 -23.06 2.16 -16.59
C ASP E 192 -21.56 2.25 -16.37
N GLN E 193 -20.82 2.39 -17.45
CA GLN E 193 -19.35 2.37 -17.45
C GLN E 193 -18.85 1.10 -16.77
N ILE E 194 -19.23 -0.04 -17.37
CA ILE E 194 -18.96 -1.34 -16.77
C ILE E 194 -17.51 -1.78 -16.89
N ASP E 195 -16.70 -1.05 -17.65
CA ASP E 195 -15.29 -1.42 -17.80
C ASP E 195 -14.52 -1.25 -16.51
N SER E 196 -14.90 -0.28 -15.68
CA SER E 196 -14.24 -0.11 -14.39
C SER E 196 -14.64 -1.19 -13.41
N PHE E 197 -15.93 -1.52 -13.38
CA PHE E 197 -16.43 -2.58 -12.50
C PHE E 197 -15.81 -3.92 -12.89
N LEU E 198 -16.08 -4.37 -14.10
CA LEU E 198 -15.58 -5.67 -14.57
C LEU E 198 -14.25 -5.52 -15.30
N ARG E 199 -13.28 -4.85 -14.67
CA ARG E 199 -11.99 -4.67 -15.29
C ARG E 199 -11.23 -6.00 -15.33
N GLU E 200 -10.17 -6.02 -16.13
CA GLU E 200 -9.33 -7.20 -16.23
C GLU E 200 -8.68 -7.49 -14.88
N ARG E 201 -8.86 -8.71 -14.39
CA ARG E 201 -8.33 -9.10 -13.10
C ARG E 201 -6.81 -9.14 -13.14
N SER E 202 -6.18 -8.78 -12.03
CA SER E 202 -4.73 -8.77 -11.94
C SER E 202 -4.33 -9.04 -10.50
N SER E 203 -3.06 -9.39 -10.32
CA SER E 203 -2.52 -9.58 -8.97
C SER E 203 -2.42 -8.27 -8.20
N THR E 204 -2.42 -7.13 -8.90
CA THR E 204 -2.37 -5.83 -8.26
C THR E 204 -3.75 -5.32 -7.85
N ASP E 205 -4.80 -6.10 -8.10
CA ASP E 205 -6.14 -5.71 -7.67
C ASP E 205 -6.24 -5.76 -6.15
N HIS E 206 -7.06 -4.87 -5.60
CA HIS E 206 -7.35 -4.93 -4.17
C HIS E 206 -8.09 -6.23 -3.85
N GLU E 207 -7.83 -6.76 -2.66
CA GLU E 207 -8.45 -8.03 -2.27
C GLU E 207 -9.95 -7.90 -2.20
N VAL E 208 -10.45 -6.76 -1.73
CA VAL E 208 -11.88 -6.51 -1.74
C VAL E 208 -12.40 -6.44 -3.17
N THR E 209 -11.65 -5.80 -4.08
CA THR E 209 -12.09 -5.67 -5.47
C THR E 209 -12.06 -7.00 -6.20
N ALA E 210 -10.98 -7.78 -6.02
CA ALA E 210 -10.90 -9.08 -6.66
C ALA E 210 -11.95 -10.04 -6.12
N THR E 211 -12.16 -10.02 -4.80
CA THR E 211 -13.21 -10.82 -4.18
C THR E 211 -14.59 -10.40 -4.68
N LEU E 212 -14.80 -9.10 -4.84
CA LEU E 212 -16.06 -8.56 -5.37
C LEU E 212 -16.30 -9.05 -6.79
N LYS E 213 -15.27 -9.00 -7.63
CA LYS E 213 -15.41 -9.45 -9.02
C LYS E 213 -15.69 -10.95 -9.08
N ALA E 214 -15.02 -11.72 -8.22
CA ALA E 214 -15.27 -13.17 -8.19
C ALA E 214 -16.68 -13.48 -7.72
N GLU E 215 -17.18 -12.75 -6.71
CA GLU E 215 -18.55 -12.95 -6.25
C GLU E 215 -19.55 -12.57 -7.34
N PHE E 216 -19.28 -11.48 -8.06
CA PHE E 216 -20.13 -11.09 -9.17
C PHE E 216 -20.16 -12.16 -10.24
N MET E 217 -18.99 -12.76 -10.54
CA MET E 217 -18.93 -13.87 -11.50
C MET E 217 -19.76 -15.06 -11.03
N THR E 218 -19.61 -15.42 -9.75
CA THR E 218 -20.30 -16.59 -9.22
C THR E 218 -21.80 -16.42 -9.29
N LEU E 219 -22.29 -15.25 -8.85
CA LEU E 219 -23.74 -15.01 -8.90
C LEU E 219 -24.23 -14.82 -10.33
N TRP E 220 -23.39 -14.28 -11.20
CA TRP E 220 -23.78 -14.06 -12.60
C TRP E 220 -23.96 -15.39 -13.32
N ASP E 221 -22.97 -16.26 -13.26
CA ASP E 221 -23.12 -17.60 -13.83
C ASP E 221 -22.25 -18.57 -13.02
N GLY E 222 -22.84 -19.13 -11.97
CA GLY E 222 -22.27 -20.28 -11.30
C GLY E 222 -23.35 -21.27 -10.95
N LEU E 223 -23.24 -21.89 -9.79
CA LEU E 223 -24.34 -22.70 -9.30
C LEU E 223 -25.50 -21.80 -8.89
N LEU E 224 -26.70 -22.40 -8.86
CA LEU E 224 -27.95 -21.70 -8.52
C LEU E 224 -28.18 -20.52 -9.46
N ASN E 225 -28.38 -20.86 -10.73
CA ASN E 225 -28.50 -19.85 -11.78
C ASN E 225 -29.73 -18.98 -11.55
N ASN E 226 -29.59 -17.71 -11.92
CA ASN E 226 -30.68 -16.76 -11.77
C ASN E 226 -31.79 -17.06 -12.78
N GLY E 227 -33.02 -16.81 -12.37
CA GLY E 227 -34.17 -17.14 -13.20
C GLY E 227 -34.31 -16.28 -14.44
N ARG E 228 -34.64 -15.01 -14.25
CA ARG E 228 -34.82 -14.06 -15.35
C ARG E 228 -34.08 -12.76 -15.05
N VAL E 229 -32.84 -12.89 -14.57
CA VAL E 229 -32.00 -11.74 -14.26
C VAL E 229 -31.04 -11.53 -15.43
N MET E 230 -31.02 -10.32 -15.96
CA MET E 230 -30.12 -9.96 -17.04
C MET E 230 -29.26 -8.79 -16.60
N ILE E 231 -27.96 -8.88 -16.84
CA ILE E 231 -27.01 -7.86 -16.42
C ILE E 231 -26.62 -7.09 -17.67
N ILE E 232 -27.35 -6.01 -17.94
CA ILE E 232 -27.07 -5.16 -19.08
C ILE E 232 -26.00 -4.15 -18.68
N GLY E 233 -24.99 -3.98 -19.51
CA GLY E 233 -23.91 -3.07 -19.22
C GLY E 233 -23.59 -2.18 -20.40
N ALA E 234 -23.13 -0.98 -20.09
CA ALA E 234 -22.73 0.00 -21.09
C ALA E 234 -21.30 0.43 -20.83
N THR E 235 -20.50 0.53 -21.89
CA THR E 235 -19.12 0.93 -21.75
C THR E 235 -18.63 1.51 -23.07
N ASN E 236 -17.55 2.28 -23.00
CA ASN E 236 -16.82 2.72 -24.19
C ASN E 236 -15.42 2.15 -24.24
N ARG E 237 -15.06 1.27 -23.31
CA ARG E 237 -13.79 0.54 -23.32
C ARG E 237 -14.13 -0.95 -23.17
N ILE E 238 -14.42 -1.60 -24.29
CA ILE E 238 -14.77 -3.01 -24.24
C ILE E 238 -13.55 -3.88 -23.94
N ASN E 239 -12.36 -3.44 -24.33
CA ASN E 239 -11.16 -4.25 -24.14
C ASN E 239 -10.68 -4.26 -22.70
N ASP E 240 -11.16 -3.34 -21.87
CA ASP E 240 -10.83 -3.35 -20.45
C ASP E 240 -11.59 -4.41 -19.68
N ILE E 241 -12.69 -4.93 -20.24
CA ILE E 241 -13.51 -5.91 -19.55
C ILE E 241 -12.79 -7.25 -19.52
N ASP E 242 -12.84 -7.90 -18.35
CA ASP E 242 -12.19 -9.21 -18.19
C ASP E 242 -12.85 -10.23 -19.10
N ASP E 243 -12.06 -11.23 -19.50
CA ASP E 243 -12.52 -12.21 -20.49
C ASP E 243 -13.68 -13.04 -19.96
N ALA E 244 -13.66 -13.36 -18.66
CA ALA E 244 -14.79 -14.08 -18.08
C ALA E 244 -16.03 -13.19 -17.98
N PHE E 245 -15.83 -11.91 -17.68
CA PHE E 245 -16.97 -10.99 -17.63
C PHE E 245 -17.51 -10.71 -19.03
N LEU E 246 -16.64 -10.57 -20.02
CA LEU E 246 -17.08 -10.46 -21.40
C LEU E 246 -17.77 -11.74 -21.86
N ARG E 247 -17.33 -12.88 -21.33
CA ARG E 247 -18.00 -14.14 -21.57
C ARG E 247 -19.42 -14.13 -21.01
N ARG E 248 -19.58 -13.54 -19.82
CA ARG E 248 -20.91 -13.43 -19.22
C ARG E 248 -21.77 -12.36 -19.87
N LEU E 249 -21.23 -11.58 -20.81
CA LEU E 249 -22.00 -10.66 -21.62
C LEU E 249 -21.98 -11.14 -23.07
N PRO E 250 -22.80 -12.13 -23.44
CA PRO E 250 -22.71 -12.69 -24.78
C PRO E 250 -23.35 -11.83 -25.85
N LYS E 251 -24.42 -11.13 -25.50
CA LYS E 251 -25.14 -10.29 -26.46
C LYS E 251 -24.53 -8.90 -26.43
N ARG E 252 -23.58 -8.67 -27.33
CA ARG E 252 -22.89 -7.40 -27.43
C ARG E 252 -23.52 -6.55 -28.54
N PHE E 253 -23.86 -5.31 -28.21
CA PHE E 253 -24.43 -4.36 -29.15
C PHE E 253 -23.44 -3.23 -29.37
N LEU E 254 -22.89 -3.14 -30.58
CA LEU E 254 -21.95 -2.08 -30.93
C LEU E 254 -22.76 -0.86 -31.34
N VAL E 255 -22.83 0.13 -30.46
CA VAL E 255 -23.46 1.41 -30.77
C VAL E 255 -22.36 2.29 -31.35
N SER E 256 -22.13 2.13 -32.65
CA SER E 256 -21.00 2.77 -33.31
C SER E 256 -21.33 4.22 -33.68
N LEU E 257 -20.36 4.89 -34.29
CA LEU E 257 -20.56 6.28 -34.69
C LEU E 257 -21.59 6.34 -35.82
N PRO E 258 -22.45 7.35 -35.82
CA PRO E 258 -23.51 7.42 -36.83
C PRO E 258 -22.98 7.69 -38.23
N GLY E 259 -23.63 7.09 -39.21
CA GLY E 259 -23.37 7.39 -40.59
C GLY E 259 -24.15 8.61 -41.03
N SER E 260 -24.16 8.85 -42.34
CA SER E 260 -24.87 10.02 -42.88
C SER E 260 -26.36 9.91 -42.65
N ASP E 261 -26.95 8.76 -42.98
CA ASP E 261 -28.38 8.55 -42.74
C ASP E 261 -28.68 8.50 -41.24
N GLN E 262 -27.80 7.88 -40.46
CA GLN E 262 -27.99 7.84 -39.02
C GLN E 262 -27.86 9.23 -38.41
N ARG E 263 -26.93 10.05 -38.90
CA ARG E 263 -26.84 11.43 -38.45
C ARG E 263 -28.08 12.22 -38.82
N TYR E 264 -28.63 11.98 -40.01
CA TYR E 264 -29.87 12.62 -40.41
C TYR E 264 -31.01 12.25 -39.46
N LYS E 265 -31.13 10.96 -39.13
CA LYS E 265 -32.19 10.52 -38.24
C LYS E 265 -32.02 11.08 -36.82
N ILE E 266 -30.78 11.12 -36.33
CA ILE E 266 -30.51 11.66 -35.01
C ILE E 266 -30.81 13.16 -34.96
N LEU E 267 -30.42 13.89 -36.00
CA LEU E 267 -30.73 15.32 -36.07
C LEU E 267 -32.23 15.57 -36.17
N SER E 268 -32.94 14.71 -36.90
CA SER E 268 -34.39 14.85 -37.00
C SER E 268 -35.07 14.57 -35.66
N VAL E 269 -34.54 13.60 -34.90
CA VAL E 269 -35.11 13.30 -33.59
C VAL E 269 -34.82 14.43 -32.61
N LEU E 270 -33.58 14.94 -32.62
CA LEU E 270 -33.22 16.04 -31.72
C LEU E 270 -33.97 17.32 -32.05
N LEU E 271 -34.20 17.58 -33.34
CA LEU E 271 -34.90 18.77 -33.78
C LEU E 271 -36.41 18.58 -33.82
N LYS E 272 -36.92 17.52 -33.21
CA LYS E 272 -38.36 17.33 -33.10
C LYS E 272 -38.96 18.38 -32.17
N ASP E 273 -40.27 18.59 -32.31
CA ASP E 273 -41.07 19.66 -31.69
C ASP E 273 -40.35 21.01 -31.69
N THR E 274 -39.66 21.31 -32.80
CA THR E 274 -39.00 22.57 -33.03
C THR E 274 -39.52 23.14 -34.35
N LYS E 275 -39.41 24.45 -34.51
CA LYS E 275 -39.99 25.12 -35.68
C LYS E 275 -39.36 24.64 -36.98
N LEU E 276 -38.03 24.52 -37.00
CA LEU E 276 -37.24 24.14 -38.19
C LEU E 276 -37.56 25.13 -39.31
N ASP E 277 -37.67 24.69 -40.55
CA ASP E 277 -38.09 25.58 -41.64
C ASP E 277 -38.71 24.74 -42.74
N GLU E 278 -39.45 25.42 -43.61
CA GLU E 278 -40.11 24.77 -44.73
C GLU E 278 -39.32 24.86 -46.04
N ASP E 279 -38.51 25.89 -46.20
CA ASP E 279 -37.70 26.05 -47.42
C ASP E 279 -36.23 26.28 -47.12
N GLU E 280 -35.91 27.01 -46.06
CA GLU E 280 -34.51 27.36 -45.78
C GLU E 280 -33.73 26.15 -45.27
N PHE E 281 -34.32 25.39 -44.36
CA PHE E 281 -33.60 24.31 -43.71
C PHE E 281 -33.28 23.18 -44.68
N ASP E 282 -32.04 22.68 -44.59
CA ASP E 282 -31.57 21.54 -45.37
C ASP E 282 -30.89 20.60 -44.39
N LEU E 283 -31.66 19.66 -43.83
CA LEU E 283 -31.14 18.75 -42.82
C LEU E 283 -30.11 17.79 -43.40
N GLN E 284 -30.24 17.42 -44.67
CA GLN E 284 -29.29 16.50 -45.28
C GLN E 284 -27.91 17.13 -45.41
N LEU E 285 -27.84 18.45 -45.65
CA LEU E 285 -26.56 19.12 -45.74
C LEU E 285 -25.83 19.07 -44.40
N ILE E 286 -26.55 19.32 -43.30
CA ILE E 286 -25.95 19.24 -41.98
C ILE E 286 -25.57 17.80 -41.65
N ALA E 287 -26.39 16.84 -42.07
CA ALA E 287 -26.09 15.42 -41.82
C ALA E 287 -24.81 15.00 -42.53
N ASP E 288 -24.63 15.46 -43.78
CA ASP E 288 -23.40 15.14 -44.51
C ASP E 288 -22.20 15.90 -43.95
N ASN E 289 -22.40 17.15 -43.53
CA ASN E 289 -21.30 17.99 -43.07
C ASN E 289 -20.85 17.64 -41.66
N THR E 290 -21.68 16.93 -40.88
CA THR E 290 -21.30 16.52 -39.53
C THR E 290 -20.63 15.14 -39.55
N LYS E 291 -19.58 15.03 -40.37
CA LYS E 291 -18.85 13.77 -40.47
C LYS E 291 -18.05 13.53 -39.20
N GLY E 292 -18.16 12.32 -38.66
CA GLY E 292 -17.51 11.99 -37.41
C GLY E 292 -18.23 12.45 -36.17
N PHE E 293 -19.38 13.11 -36.32
CA PHE E 293 -20.14 13.59 -35.17
C PHE E 293 -20.87 12.44 -34.51
N SER E 294 -20.78 12.36 -33.18
CA SER E 294 -21.57 11.42 -32.43
C SER E 294 -22.96 12.01 -32.17
N GLY E 295 -23.82 11.24 -31.50
CA GLY E 295 -25.13 11.75 -31.16
C GLY E 295 -25.07 12.89 -30.16
N SER E 296 -24.12 12.82 -29.22
CA SER E 296 -23.95 13.91 -28.26
C SER E 296 -23.38 15.16 -28.93
N ASP E 297 -22.54 14.99 -29.95
CA ASP E 297 -22.02 16.14 -30.68
C ASP E 297 -23.12 16.87 -31.43
N LEU E 298 -24.06 16.13 -32.02
CA LEU E 298 -25.17 16.76 -32.71
C LEU E 298 -26.13 17.44 -31.75
N LYS E 299 -26.32 16.86 -30.56
CA LYS E 299 -27.20 17.48 -29.56
C LYS E 299 -26.67 18.84 -29.12
N GLU E 300 -25.35 18.94 -28.94
CA GLU E 300 -24.76 20.23 -28.61
C GLU E 300 -24.81 21.18 -29.79
N LEU E 301 -24.62 20.66 -31.01
CA LEU E 301 -24.74 21.49 -32.21
C LEU E 301 -26.18 22.00 -32.37
N CYS E 302 -27.16 21.15 -32.11
CA CYS E 302 -28.55 21.61 -32.10
C CYS E 302 -28.79 22.60 -30.97
N ARG E 303 -28.16 22.37 -29.80
CA ARG E 303 -28.30 23.29 -28.68
C ARG E 303 -27.70 24.65 -29.00
N GLU E 304 -26.53 24.67 -29.66
CA GLU E 304 -25.89 25.94 -29.99
C GLU E 304 -26.60 26.66 -31.13
N ALA E 305 -27.08 25.90 -32.12
CA ALA E 305 -27.78 26.52 -33.24
C ALA E 305 -29.11 27.11 -32.82
N ALA E 306 -29.85 26.41 -31.95
CA ALA E 306 -31.13 26.92 -31.47
C ALA E 306 -30.94 28.12 -30.57
N LEU E 307 -29.82 28.18 -29.83
CA LEU E 307 -29.55 29.36 -29.00
C LEU E 307 -29.30 30.59 -29.85
N ASP E 308 -28.58 30.44 -30.97
CA ASP E 308 -28.37 31.57 -31.87
C ASP E 308 -29.66 31.96 -32.58
N ALA E 309 -30.52 30.99 -32.89
CA ALA E 309 -31.81 31.30 -33.48
C ALA E 309 -32.71 32.05 -32.51
N ALA E 310 -32.51 31.84 -31.21
CA ALA E 310 -33.31 32.48 -30.17
C ALA E 310 -32.57 33.64 -29.51
N LYS E 311 -31.45 34.08 -30.08
CA LYS E 311 -30.68 35.17 -29.47
C LYS E 311 -31.48 36.46 -29.44
N GLU E 312 -32.20 36.74 -30.53
CA GLU E 312 -32.99 37.98 -30.59
C GLU E 312 -34.22 37.90 -29.70
N TYR E 313 -34.93 36.77 -29.72
CA TYR E 313 -36.17 36.65 -28.96
C TYR E 313 -35.92 36.66 -27.46
N ILE E 314 -34.88 35.95 -27.01
CA ILE E 314 -34.56 35.90 -25.59
C ILE E 314 -34.03 37.25 -25.10
N LYS E 315 -33.36 38.01 -25.98
CA LYS E 315 -32.95 39.36 -25.64
C LYS E 315 -34.15 40.23 -25.31
N GLN E 316 -35.25 40.07 -26.05
CA GLN E 316 -36.49 40.74 -25.69
C GLN E 316 -37.06 40.19 -24.39
N LYS E 317 -36.97 38.87 -24.19
CA LYS E 317 -37.57 38.25 -23.01
C LYS E 317 -36.77 38.54 -21.75
N ARG E 318 -35.45 38.70 -21.86
CA ARG E 318 -34.63 39.00 -20.69
C ARG E 318 -34.98 40.37 -20.12
N GLN E 319 -35.21 41.36 -20.99
CA GLN E 319 -35.61 42.68 -20.51
C GLN E 319 -36.97 42.65 -19.82
N LEU E 320 -37.91 41.88 -20.36
CA LEU E 320 -39.25 41.78 -19.79
C LEU E 320 -39.42 40.46 -19.04
N ILE E 336 -39.80 31.79 -30.40
CA ILE E 336 -38.49 31.63 -31.02
C ILE E 336 -38.58 32.16 -32.46
N ARG E 337 -38.08 31.39 -33.41
CA ARG E 337 -38.08 31.75 -34.82
C ARG E 337 -37.75 30.48 -35.62
N PRO E 338 -38.15 30.42 -36.88
CA PRO E 338 -37.83 29.24 -37.70
C PRO E 338 -36.32 29.09 -37.89
N LEU E 339 -35.81 27.92 -37.50
CA LEU E 339 -34.38 27.65 -37.61
C LEU E 339 -33.99 27.43 -39.07
N LYS E 340 -32.85 27.99 -39.45
CA LYS E 340 -32.33 27.87 -40.80
C LYS E 340 -31.05 27.04 -40.80
N THR E 341 -30.65 26.60 -41.99
CA THR E 341 -29.43 25.79 -42.11
C THR E 341 -28.19 26.61 -41.81
N LYS E 342 -28.23 27.93 -42.03
CA LYS E 342 -27.09 28.78 -41.73
C LYS E 342 -26.81 28.87 -40.25
N ASP E 343 -27.80 28.56 -39.40
CA ASP E 343 -27.56 28.52 -37.96
C ASP E 343 -26.72 27.31 -37.58
N PHE E 344 -26.97 26.18 -38.24
CA PHE E 344 -26.15 24.99 -38.02
C PHE E 344 -24.81 25.09 -38.75
N THR E 345 -24.80 25.73 -39.93
CA THR E 345 -23.59 25.76 -40.75
C THR E 345 -22.57 26.73 -40.18
N LYS E 346 -23.02 27.81 -39.54
CA LYS E 346 -22.09 28.78 -38.97
C LYS E 346 -21.33 28.22 -37.77
N LYS E 347 -21.87 27.19 -37.11
CA LYS E 347 -21.17 26.49 -36.04
C LYS E 347 -20.46 25.24 -36.53
N LEU E 348 -20.46 25.01 -37.84
CA LEU E 348 -19.91 23.79 -38.42
C LEU E 348 -18.64 24.10 -39.20
N ARG E 349 -17.67 23.21 -39.11
CA ARG E 349 -16.42 23.31 -39.85
C ARG E 349 -16.39 22.20 -40.91
N MET E 350 -16.11 22.58 -42.15
CA MET E 350 -16.13 21.63 -43.25
C MET E 350 -14.89 21.77 -44.14
N SER F 43 -31.85 -13.59 9.65
CA SER F 43 -33.12 -13.13 9.10
C SER F 43 -34.13 -14.27 9.04
N ARG F 44 -35.41 -13.90 8.90
CA ARG F 44 -36.47 -14.90 8.82
C ARG F 44 -36.34 -15.75 7.55
N GLU F 45 -36.07 -15.09 6.41
CA GLU F 45 -35.90 -15.82 5.16
C GLU F 45 -34.68 -16.74 5.21
N SER F 46 -33.57 -16.24 5.77
CA SER F 46 -32.37 -17.07 5.89
C SER F 46 -32.60 -18.26 6.82
N LYS F 47 -33.30 -18.03 7.94
CA LYS F 47 -33.59 -19.12 8.87
C LYS F 47 -34.51 -20.16 8.23
N ALA F 48 -35.50 -19.70 7.46
CA ALA F 48 -36.37 -20.64 6.75
C ALA F 48 -35.60 -21.45 5.72
N LYS F 49 -34.67 -20.80 5.02
CA LYS F 49 -33.83 -21.52 4.06
C LYS F 49 -32.96 -22.55 4.75
N GLN F 50 -32.39 -22.19 5.91
CA GLN F 50 -31.57 -23.15 6.66
C GLN F 50 -32.39 -24.33 7.14
N SER F 51 -33.59 -24.08 7.65
CA SER F 51 -34.46 -25.16 8.11
C SER F 51 -34.87 -26.08 6.96
N LEU F 52 -35.22 -25.50 5.81
CA LEU F 52 -35.61 -26.29 4.65
C LEU F 52 -34.43 -27.13 4.14
N GLN F 53 -33.23 -26.55 4.11
CA GLN F 53 -32.05 -27.28 3.65
C GLN F 53 -31.70 -28.40 4.62
N TRP F 54 -31.82 -28.16 5.93
CA TRP F 54 -31.57 -29.22 6.90
C TRP F 54 -32.59 -30.33 6.77
N GLU F 55 -33.87 -29.99 6.56
CA GLU F 55 -34.89 -31.01 6.37
C GLU F 55 -34.60 -31.85 5.13
N LYS F 56 -34.16 -31.19 4.04
CA LYS F 56 -33.78 -31.93 2.84
C LYS F 56 -32.58 -32.83 3.10
N LEU F 57 -31.64 -32.37 3.93
CA LEU F 57 -30.45 -33.17 4.23
C LEU F 57 -30.79 -34.42 5.02
N VAL F 58 -31.66 -34.29 6.03
CA VAL F 58 -32.09 -35.48 6.77
C VAL F 58 -32.99 -36.36 5.91
N LYS F 59 -33.73 -35.78 4.97
CA LYS F 59 -34.50 -36.60 4.03
C LYS F 59 -33.58 -37.43 3.15
N ARG F 60 -32.49 -36.81 2.68
CA ARG F 60 -31.49 -37.50 1.81
C ARG F 60 -30.75 -38.55 2.64
N SER F 61 -30.33 -38.19 3.86
CA SER F 61 -29.58 -39.07 4.76
C SER F 61 -30.31 -39.14 6.09
N PRO F 62 -31.07 -40.22 6.35
CA PRO F 62 -31.79 -40.33 7.62
C PRO F 62 -30.89 -40.43 8.84
N ALA F 63 -29.62 -40.80 8.68
CA ALA F 63 -28.72 -40.93 9.81
C ALA F 63 -28.38 -39.59 10.46
N LEU F 64 -28.53 -38.49 9.74
CA LEU F 64 -28.17 -37.17 10.25
C LEU F 64 -29.33 -36.54 11.02
N ALA F 65 -29.86 -37.27 12.01
CA ALA F 65 -30.92 -36.77 12.87
C ALA F 65 -30.46 -36.47 14.28
N GLU F 66 -29.58 -37.31 14.84
CA GLU F 66 -29.02 -37.05 16.15
C GLU F 66 -27.98 -35.93 16.13
N VAL F 67 -27.37 -35.68 14.97
CA VAL F 67 -26.32 -34.67 14.87
C VAL F 67 -26.93 -33.28 15.00
N THR F 68 -26.40 -32.49 15.92
CA THR F 68 -26.81 -31.11 16.12
C THR F 68 -25.70 -30.17 15.70
N LEU F 69 -26.07 -28.91 15.46
CA LEU F 69 -25.15 -27.91 14.97
C LEU F 69 -25.23 -26.65 15.83
N ASP F 70 -24.13 -25.91 15.87
CA ASP F 70 -24.12 -24.63 16.55
C ASP F 70 -24.67 -23.56 15.61
N ALA F 71 -24.60 -22.29 16.02
CA ALA F 71 -25.20 -21.22 15.22
C ALA F 71 -24.47 -21.03 13.91
N TYR F 72 -23.13 -21.03 13.93
CA TYR F 72 -22.36 -20.75 12.73
C TYR F 72 -22.54 -21.85 11.69
N GLU F 73 -22.65 -23.11 12.14
CA GLU F 73 -22.96 -24.19 11.21
C GLU F 73 -24.35 -24.03 10.61
N ARG F 74 -25.30 -23.51 11.40
CA ARG F 74 -26.63 -23.24 10.86
C ARG F 74 -26.56 -22.17 9.78
N THR F 75 -25.75 -21.11 9.98
CA THR F 75 -25.57 -20.12 8.93
C THR F 75 -24.92 -20.72 7.70
N ILE F 76 -23.97 -21.65 7.91
CA ILE F 76 -23.30 -22.31 6.80
C ILE F 76 -24.29 -23.19 6.03
N LEU F 77 -25.29 -23.72 6.72
CA LEU F 77 -26.27 -24.63 6.12
C LEU F 77 -27.04 -24.01 4.97
N SER F 78 -27.15 -22.68 4.93
CA SER F 78 -27.88 -22.02 3.85
C SER F 78 -27.17 -22.12 2.51
N SER F 79 -25.91 -22.54 2.49
CA SER F 79 -25.15 -22.71 1.26
C SER F 79 -25.18 -24.15 0.75
N ILE F 80 -25.95 -25.02 1.38
CA ILE F 80 -26.05 -26.41 0.93
C ILE F 80 -26.86 -26.46 -0.35
N VAL F 81 -26.32 -27.13 -1.36
CA VAL F 81 -26.97 -27.26 -2.67
C VAL F 81 -27.51 -28.68 -2.77
N THR F 82 -28.83 -28.81 -2.81
CA THR F 82 -29.47 -30.09 -3.02
C THR F 82 -29.55 -30.39 -4.50
N PRO F 83 -29.63 -31.67 -4.89
CA PRO F 83 -29.70 -32.01 -6.31
C PRO F 83 -30.95 -31.47 -7.02
N ASP F 84 -32.01 -31.15 -6.29
CA ASP F 84 -33.20 -30.59 -6.92
C ASP F 84 -33.01 -29.15 -7.35
N GLU F 85 -32.03 -28.44 -6.78
CA GLU F 85 -31.74 -27.08 -7.18
C GLU F 85 -30.94 -26.99 -8.48
N ILE F 86 -30.38 -28.11 -8.94
CA ILE F 86 -29.55 -28.13 -10.14
C ILE F 86 -30.28 -28.90 -11.22
N ASN F 87 -30.42 -28.28 -12.39
CA ASN F 87 -31.05 -28.90 -13.54
C ASN F 87 -30.04 -29.41 -14.57
N ILE F 88 -28.75 -29.40 -14.22
CA ILE F 88 -27.68 -29.79 -15.14
C ILE F 88 -27.18 -31.16 -14.73
N THR F 89 -27.23 -32.11 -15.66
CA THR F 89 -26.72 -33.46 -15.49
C THR F 89 -25.40 -33.59 -16.23
N PHE F 90 -24.68 -34.69 -15.97
CA PHE F 90 -23.45 -34.95 -16.71
C PHE F 90 -23.71 -35.20 -18.19
N GLN F 91 -24.93 -35.58 -18.56
CA GLN F 91 -25.29 -35.71 -19.97
C GLN F 91 -25.48 -34.37 -20.66
N ASP F 92 -25.56 -33.28 -19.90
CA ASP F 92 -25.66 -31.93 -20.47
C ASP F 92 -24.31 -31.32 -20.78
N ILE F 93 -23.22 -32.04 -20.54
CA ILE F 93 -21.88 -31.56 -20.83
C ILE F 93 -21.30 -32.42 -21.95
N GLY F 94 -20.91 -31.78 -23.05
CA GLY F 94 -20.31 -32.48 -24.15
C GLY F 94 -18.86 -32.11 -24.34
N GLY F 95 -18.11 -32.92 -25.09
CA GLY F 95 -16.72 -32.63 -25.35
C GLY F 95 -15.78 -33.07 -24.25
N LEU F 96 -16.23 -32.94 -22.99
CA LEU F 96 -15.42 -33.27 -21.83
C LEU F 96 -15.67 -34.69 -21.34
N ASP F 97 -16.09 -35.60 -22.22
CA ASP F 97 -16.35 -36.98 -21.82
C ASP F 97 -15.11 -37.69 -21.25
N PRO F 98 -13.91 -37.60 -21.85
CA PRO F 98 -12.73 -38.11 -21.13
C PRO F 98 -12.50 -37.42 -19.80
N LEU F 99 -12.71 -36.10 -19.74
CA LEU F 99 -12.55 -35.39 -18.48
C LEU F 99 -13.62 -35.79 -17.47
N ILE F 100 -14.85 -36.01 -17.94
CA ILE F 100 -15.92 -36.45 -17.04
C ILE F 100 -15.60 -37.85 -16.50
N SER F 101 -15.12 -38.74 -17.36
CA SER F 101 -14.78 -40.09 -16.90
C SER F 101 -13.62 -40.07 -15.92
N ASP F 102 -12.58 -39.26 -16.20
CA ASP F 102 -11.46 -39.14 -15.27
C ASP F 102 -11.93 -38.55 -13.94
N LEU F 103 -12.79 -37.53 -14.00
CA LEU F 103 -13.33 -36.93 -12.79
C LEU F 103 -14.10 -37.96 -11.97
N HIS F 104 -14.93 -38.77 -12.63
CA HIS F 104 -15.66 -39.83 -11.94
C HIS F 104 -14.69 -40.79 -11.26
N GLU F 105 -13.90 -41.51 -12.06
CA GLU F 105 -13.07 -42.61 -11.54
C GLU F 105 -12.01 -42.14 -10.55
N SER F 106 -11.61 -40.87 -10.59
CA SER F 106 -10.55 -40.41 -9.71
C SER F 106 -11.03 -39.49 -8.61
N VAL F 107 -12.28 -39.05 -8.62
CA VAL F 107 -12.75 -38.05 -7.68
C VAL F 107 -14.01 -38.53 -6.98
N ILE F 108 -15.00 -38.96 -7.76
CA ILE F 108 -16.34 -39.18 -7.22
C ILE F 108 -16.47 -40.57 -6.62
N TYR F 109 -16.11 -41.60 -7.38
CA TYR F 109 -16.18 -42.97 -6.87
C TYR F 109 -15.28 -43.22 -5.66
N PRO F 110 -14.03 -42.75 -5.60
CA PRO F 110 -13.29 -42.86 -4.32
C PRO F 110 -13.96 -42.13 -3.17
N LEU F 111 -14.61 -41.00 -3.43
CA LEU F 111 -15.27 -40.26 -2.36
C LEU F 111 -16.56 -40.93 -1.91
N MET F 112 -17.35 -41.44 -2.86
CA MET F 112 -18.68 -41.93 -2.55
C MET F 112 -18.73 -43.41 -2.22
N MET F 113 -17.74 -44.19 -2.64
CA MET F 113 -17.71 -45.64 -2.39
C MET F 113 -16.40 -46.01 -1.72
N PRO F 114 -16.27 -45.74 -0.42
CA PRO F 114 -15.07 -46.20 0.30
C PRO F 114 -14.99 -47.71 0.43
N GLU F 115 -16.10 -48.43 0.30
CA GLU F 115 -16.05 -49.89 0.37
C GLU F 115 -15.26 -50.47 -0.80
N VAL F 116 -15.45 -49.90 -2.00
CA VAL F 116 -14.73 -50.39 -3.17
C VAL F 116 -13.24 -50.07 -3.06
N TYR F 117 -12.91 -48.90 -2.51
CA TYR F 117 -11.54 -48.38 -2.52
C TYR F 117 -10.81 -48.58 -1.21
N SER F 118 -11.39 -49.32 -0.26
CA SER F 118 -10.81 -49.46 1.07
C SER F 118 -9.76 -50.56 1.15
N ASN F 119 -9.51 -51.29 0.07
CA ASN F 119 -8.48 -52.33 0.12
C ASN F 119 -7.08 -51.72 0.16
N SER F 120 -6.90 -50.50 -0.34
CA SER F 120 -5.62 -49.84 -0.27
C SER F 120 -5.76 -48.48 0.41
N PRO F 121 -4.81 -48.10 1.27
CA PRO F 121 -4.87 -46.77 1.88
C PRO F 121 -4.61 -45.64 0.91
N LEU F 122 -4.04 -45.92 -0.26
CA LEU F 122 -3.81 -44.89 -1.27
C LEU F 122 -5.03 -44.62 -2.14
N LEU F 123 -6.02 -45.50 -2.13
CA LEU F 123 -7.21 -45.34 -2.96
C LEU F 123 -8.24 -44.49 -2.21
N GLN F 124 -7.96 -43.19 -2.16
CA GLN F 124 -8.83 -42.24 -1.48
C GLN F 124 -9.17 -41.08 -2.41
N ALA F 125 -10.22 -40.35 -2.04
CA ALA F 125 -10.55 -39.12 -2.73
C ALA F 125 -9.48 -38.07 -2.46
N PRO F 126 -9.25 -37.15 -3.39
CA PRO F 126 -8.29 -36.07 -3.14
C PRO F 126 -8.77 -35.14 -2.04
N SER F 127 -7.81 -34.54 -1.34
CA SER F 127 -8.15 -33.50 -0.38
C SER F 127 -8.71 -32.26 -1.07
N GLY F 128 -8.38 -32.05 -2.33
CA GLY F 128 -8.91 -30.94 -3.08
C GLY F 128 -8.93 -31.25 -4.56
N VAL F 129 -9.88 -30.65 -5.27
CA VAL F 129 -9.99 -30.76 -6.72
C VAL F 129 -10.08 -29.36 -7.29
N LEU F 130 -9.31 -29.09 -8.35
CA LEU F 130 -9.32 -27.80 -9.01
C LEU F 130 -9.76 -27.97 -10.45
N LEU F 131 -10.77 -27.21 -10.84
CA LEU F 131 -11.28 -27.19 -12.22
C LEU F 131 -10.85 -25.84 -12.82
N TYR F 132 -9.69 -25.83 -13.46
CA TYR F 132 -9.14 -24.59 -14.00
C TYR F 132 -9.09 -24.64 -15.52
N GLY F 133 -9.18 -23.47 -16.13
CA GLY F 133 -9.15 -23.35 -17.57
C GLY F 133 -9.66 -22.00 -18.04
N PRO F 134 -9.69 -21.80 -19.35
CA PRO F 134 -10.28 -20.56 -19.88
C PRO F 134 -11.76 -20.51 -19.61
N PRO F 135 -12.33 -19.31 -19.50
CA PRO F 135 -13.75 -19.21 -19.13
C PRO F 135 -14.68 -19.75 -20.21
N GLY F 136 -15.77 -20.39 -19.77
CA GLY F 136 -16.79 -20.87 -20.66
C GLY F 136 -16.65 -22.29 -21.12
N CYS F 137 -15.60 -23.00 -20.71
CA CYS F 137 -15.36 -24.34 -21.19
C CYS F 137 -16.10 -25.41 -20.40
N GLY F 138 -16.69 -25.06 -19.26
CA GLY F 138 -17.57 -25.99 -18.57
C GLY F 138 -17.15 -26.41 -17.18
N LYS F 139 -16.37 -25.59 -16.48
CA LYS F 139 -15.99 -25.91 -15.10
C LYS F 139 -17.20 -25.85 -14.18
N THR F 140 -17.98 -24.76 -14.27
CA THR F 140 -19.20 -24.66 -13.49
C THR F 140 -20.24 -25.66 -13.93
N MET F 141 -20.24 -26.02 -15.22
CA MET F 141 -21.09 -27.11 -15.69
C MET F 141 -20.74 -28.42 -15.01
N LEU F 142 -19.44 -28.71 -14.88
CA LEU F 142 -19.00 -29.89 -14.17
C LEU F 142 -19.38 -29.82 -12.69
N ALA F 143 -19.29 -28.64 -12.09
CA ALA F 143 -19.68 -28.48 -10.69
C ALA F 143 -21.17 -28.72 -10.48
N LYS F 144 -22.00 -28.22 -11.40
CA LYS F 144 -23.44 -28.45 -11.32
C LYS F 144 -23.77 -29.93 -11.49
N ALA F 145 -23.13 -30.59 -12.47
CA ALA F 145 -23.34 -32.02 -12.65
C ALA F 145 -22.82 -32.81 -11.46
N LEU F 146 -21.82 -32.29 -10.76
CA LEU F 146 -21.32 -32.95 -9.56
C LEU F 146 -22.29 -32.79 -8.40
N ALA F 147 -22.88 -31.60 -8.27
CA ALA F 147 -23.87 -31.37 -7.21
C ALA F 147 -25.12 -32.19 -7.45
N LYS F 148 -25.49 -32.40 -8.71
CA LYS F 148 -26.71 -33.15 -9.01
C LYS F 148 -26.48 -34.66 -9.00
N GLU F 149 -25.40 -35.13 -9.62
CA GLU F 149 -25.24 -36.56 -9.86
C GLU F 149 -24.64 -37.27 -8.64
N SER F 150 -23.49 -36.79 -8.17
CA SER F 150 -22.82 -37.44 -7.04
C SER F 150 -23.65 -37.27 -5.77
N GLY F 151 -23.66 -38.31 -4.94
CA GLY F 151 -24.46 -38.32 -3.73
C GLY F 151 -23.89 -37.52 -2.59
N ALA F 152 -22.71 -36.93 -2.76
CA ALA F 152 -22.11 -36.12 -1.71
C ALA F 152 -22.92 -34.84 -1.50
N ASN F 153 -23.05 -34.44 -0.24
CA ASN F 153 -23.67 -33.17 0.08
C ASN F 153 -22.80 -32.02 -0.43
N PHE F 154 -23.42 -31.03 -1.04
CA PHE F 154 -22.71 -29.99 -1.77
C PHE F 154 -22.83 -28.68 -1.01
N ILE F 155 -21.71 -28.18 -0.49
CA ILE F 155 -21.65 -26.86 0.11
C ILE F 155 -21.00 -25.95 -0.94
N SER F 156 -21.83 -25.36 -1.80
CA SER F 156 -21.34 -24.38 -2.77
C SER F 156 -21.27 -23.03 -2.05
N ILE F 157 -20.22 -22.88 -1.25
CA ILE F 157 -20.09 -21.69 -0.42
C ILE F 157 -19.59 -20.53 -1.26
N ARG F 158 -20.21 -19.37 -1.06
CA ARG F 158 -19.76 -18.13 -1.66
C ARG F 158 -19.02 -17.31 -0.62
N MET F 159 -18.11 -16.46 -1.09
CA MET F 159 -17.18 -15.81 -0.19
C MET F 159 -17.86 -14.67 0.57
N SER F 160 -19.01 -14.20 0.07
CA SER F 160 -19.79 -13.19 0.79
C SER F 160 -20.27 -13.73 2.13
N SER F 161 -20.71 -14.98 2.18
CA SER F 161 -21.13 -15.58 3.44
C SER F 161 -19.93 -15.88 4.34
N ILE F 162 -18.76 -16.10 3.76
CA ILE F 162 -17.57 -16.37 4.56
C ILE F 162 -17.09 -15.10 5.25
N MET F 163 -16.92 -14.02 4.48
CA MET F 163 -16.38 -12.78 5.04
C MET F 163 -17.41 -12.06 5.88
N ASP F 164 -17.00 -11.64 7.08
CA ASP F 164 -17.86 -10.94 8.00
C ASP F 164 -17.15 -9.70 8.52
N LYS F 165 -17.92 -8.64 8.77
CA LYS F 165 -17.35 -7.38 9.22
C LYS F 165 -16.93 -7.43 10.69
N TRP F 166 -17.48 -8.36 11.46
CA TRP F 166 -17.13 -8.45 12.87
C TRP F 166 -15.83 -9.23 13.05
N TYR F 167 -15.20 -9.03 14.20
CA TYR F 167 -13.86 -9.55 14.43
C TYR F 167 -13.91 -11.05 14.69
N GLY F 168 -13.17 -11.82 13.89
CA GLY F 168 -13.06 -13.24 14.11
C GLY F 168 -14.27 -14.05 13.75
N GLU F 169 -15.30 -13.45 13.15
CA GLU F 169 -16.47 -14.21 12.75
C GLU F 169 -16.21 -15.03 11.51
N SER F 170 -15.41 -14.50 10.58
CA SER F 170 -15.12 -15.21 9.34
C SER F 170 -14.32 -16.47 9.60
N ASN F 171 -13.37 -16.42 10.54
CA ASN F 171 -12.64 -17.61 10.93
C ASN F 171 -13.58 -18.65 11.54
N LYS F 172 -14.51 -18.20 12.38
CA LYS F 172 -15.50 -19.12 12.93
C LYS F 172 -16.44 -19.64 11.86
N ILE F 173 -16.74 -18.83 10.84
CA ILE F 173 -17.59 -19.28 9.74
C ILE F 173 -16.90 -20.39 8.96
N VAL F 174 -15.59 -20.24 8.69
CA VAL F 174 -14.85 -21.28 7.99
C VAL F 174 -14.72 -22.53 8.85
N ASP F 175 -14.52 -22.34 10.17
CA ASP F 175 -14.44 -23.47 11.09
C ASP F 175 -15.75 -24.25 11.08
N ALA F 176 -16.88 -23.54 11.11
CA ALA F 176 -18.18 -24.20 11.04
C ALA F 176 -18.42 -24.85 9.70
N MET F 177 -17.93 -24.25 8.62
CA MET F 177 -18.06 -24.86 7.29
C MET F 177 -17.36 -26.22 7.26
N PHE F 178 -16.13 -26.27 7.78
CA PHE F 178 -15.42 -27.53 7.82
C PHE F 178 -16.03 -28.51 8.80
N SER F 179 -16.57 -28.03 9.93
CA SER F 179 -17.20 -28.93 10.89
C SER F 179 -18.50 -29.52 10.33
N LEU F 180 -19.30 -28.72 9.63
CA LEU F 180 -20.50 -29.24 9.00
C LEU F 180 -20.16 -30.19 7.87
N ALA F 181 -19.10 -29.91 7.11
CA ALA F 181 -18.64 -30.86 6.11
C ALA F 181 -18.16 -32.16 6.74
N ASN F 182 -17.58 -32.08 7.94
CA ASN F 182 -17.24 -33.30 8.69
C ASN F 182 -18.50 -34.04 9.11
N LYS F 183 -19.54 -33.31 9.53
CA LYS F 183 -20.75 -33.96 10.04
C LYS F 183 -21.52 -34.67 8.92
N LEU F 184 -21.71 -33.99 7.80
CA LEU F 184 -22.24 -34.64 6.60
C LEU F 184 -21.07 -35.29 5.89
N GLN F 185 -20.79 -36.55 6.24
CA GLN F 185 -19.47 -37.13 6.00
C GLN F 185 -19.04 -37.13 4.54
N PRO F 186 -19.83 -37.65 3.56
CA PRO F 186 -19.43 -37.40 2.16
C PRO F 186 -19.88 -36.01 1.74
N CYS F 187 -18.94 -35.07 1.65
CA CYS F 187 -19.27 -33.68 1.41
C CYS F 187 -18.31 -33.09 0.40
N ILE F 188 -18.82 -32.13 -0.38
CA ILE F 188 -18.01 -31.36 -1.31
C ILE F 188 -18.23 -29.88 -1.01
N ILE F 189 -17.15 -29.20 -0.60
CA ILE F 189 -17.19 -27.75 -0.42
C ILE F 189 -16.73 -27.11 -1.72
N PHE F 190 -17.62 -26.36 -2.36
CA PHE F 190 -17.32 -25.75 -3.65
C PHE F 190 -17.20 -24.25 -3.51
N ILE F 191 -16.07 -23.70 -3.96
CA ILE F 191 -15.86 -22.26 -4.04
C ILE F 191 -15.61 -21.92 -5.50
N ASP F 192 -16.62 -21.38 -6.17
CA ASP F 192 -16.45 -20.89 -7.52
C ASP F 192 -15.57 -19.65 -7.51
N GLN F 193 -14.74 -19.51 -8.54
CA GLN F 193 -13.73 -18.47 -8.63
C GLN F 193 -12.84 -18.46 -7.38
N ILE F 194 -12.22 -19.62 -7.16
CA ILE F 194 -11.45 -19.86 -5.94
C ILE F 194 -10.14 -19.08 -5.90
N ASP F 195 -9.76 -18.44 -7.02
CA ASP F 195 -8.52 -17.67 -7.02
C ASP F 195 -8.61 -16.44 -6.12
N SER F 196 -9.81 -15.90 -5.91
CA SER F 196 -9.96 -14.76 -5.02
C SER F 196 -9.87 -15.19 -3.55
N PHE F 197 -10.51 -16.31 -3.20
CA PHE F 197 -10.44 -16.81 -1.84
C PHE F 197 -9.01 -17.25 -1.50
N LEU F 198 -8.40 -18.04 -2.38
CA LEU F 198 -7.10 -18.63 -2.11
C LEU F 198 -5.98 -17.92 -2.83
N ARG F 199 -6.05 -16.59 -2.92
CA ARG F 199 -5.04 -15.81 -3.62
C ARG F 199 -3.70 -15.89 -2.89
N GLU F 200 -2.65 -15.49 -3.60
CA GLU F 200 -1.30 -15.53 -3.04
C GLU F 200 -1.21 -14.60 -1.84
N ARG F 201 -0.67 -15.13 -0.75
CA ARG F 201 -0.57 -14.35 0.48
C ARG F 201 0.51 -13.30 0.35
N SER F 202 0.28 -12.16 1.01
CA SER F 202 1.21 -11.05 0.98
C SER F 202 0.99 -10.22 2.24
N SER F 203 1.95 -9.33 2.52
CA SER F 203 1.82 -8.44 3.66
C SER F 203 0.77 -7.37 3.44
N THR F 204 0.39 -7.10 2.19
CA THR F 204 -0.67 -6.16 1.89
C THR F 204 -2.06 -6.72 2.17
N ASP F 205 -2.16 -8.02 2.46
CA ASP F 205 -3.44 -8.63 2.78
C ASP F 205 -3.98 -8.09 4.11
N HIS F 206 -5.30 -8.02 4.19
CA HIS F 206 -5.95 -7.63 5.44
C HIS F 206 -5.72 -8.70 6.50
N GLU F 207 -5.85 -8.30 7.77
CA GLU F 207 -5.70 -9.24 8.86
C GLU F 207 -6.76 -10.33 8.81
N VAL F 208 -8.00 -9.94 8.53
CA VAL F 208 -9.09 -10.91 8.52
C VAL F 208 -8.91 -11.93 7.41
N THR F 209 -8.51 -11.48 6.21
CA THR F 209 -8.33 -12.42 5.11
C THR F 209 -7.08 -13.28 5.29
N ALA F 210 -6.05 -12.75 5.95
CA ALA F 210 -4.86 -13.56 6.21
C ALA F 210 -5.15 -14.66 7.22
N THR F 211 -5.78 -14.31 8.33
CA THR F 211 -6.18 -15.32 9.30
C THR F 211 -7.23 -16.27 8.72
N LEU F 212 -8.08 -15.78 7.82
CA LEU F 212 -9.06 -16.62 7.16
C LEU F 212 -8.39 -17.67 6.27
N LYS F 213 -7.42 -17.25 5.47
CA LYS F 213 -6.69 -18.18 4.62
C LYS F 213 -5.91 -19.18 5.47
N ALA F 214 -5.29 -18.72 6.55
CA ALA F 214 -4.56 -19.64 7.43
C ALA F 214 -5.48 -20.65 8.10
N GLU F 215 -6.65 -20.20 8.54
CA GLU F 215 -7.62 -21.11 9.16
C GLU F 215 -8.14 -22.11 8.13
N PHE F 216 -8.35 -21.67 6.89
CA PHE F 216 -8.74 -22.57 5.82
C PHE F 216 -7.66 -23.62 5.56
N MET F 217 -6.39 -23.21 5.58
CA MET F 217 -5.30 -24.17 5.43
C MET F 217 -5.27 -25.18 6.58
N THR F 218 -5.44 -24.70 7.80
CA THR F 218 -5.39 -25.58 8.96
C THR F 218 -6.52 -26.61 8.91
N LEU F 219 -7.74 -26.15 8.66
CA LEU F 219 -8.86 -27.08 8.60
C LEU F 219 -8.83 -27.94 7.35
N TRP F 220 -8.11 -27.51 6.30
CA TRP F 220 -8.00 -28.29 5.09
C TRP F 220 -7.01 -29.44 5.28
N ASP F 221 -5.76 -29.12 5.61
CA ASP F 221 -4.76 -30.13 5.93
C ASP F 221 -3.95 -29.61 7.13
N GLY F 222 -4.45 -29.88 8.33
CA GLY F 222 -3.71 -29.59 9.54
C GLY F 222 -3.63 -30.79 10.45
N LEU F 223 -3.79 -30.54 11.75
CA LEU F 223 -3.65 -31.58 12.75
C LEU F 223 -4.80 -32.58 12.66
N LEU F 224 -6.03 -32.10 12.86
CA LEU F 224 -7.20 -32.95 12.75
C LEU F 224 -7.51 -33.24 11.29
N ASN F 225 -7.98 -34.46 11.02
CA ASN F 225 -8.21 -34.93 9.67
C ASN F 225 -9.70 -34.91 9.35
N ASN F 226 -10.06 -34.25 8.25
CA ASN F 226 -11.41 -34.36 7.73
C ASN F 226 -11.62 -35.73 7.13
N GLY F 227 -12.76 -36.34 7.43
CA GLY F 227 -13.00 -37.73 7.07
C GLY F 227 -13.16 -37.95 5.57
N ARG F 228 -14.27 -37.47 5.00
CA ARG F 228 -14.51 -37.55 3.57
C ARG F 228 -14.87 -36.19 3.00
N VAL F 229 -14.25 -35.14 3.52
CA VAL F 229 -14.47 -33.79 3.03
C VAL F 229 -13.55 -33.54 1.83
N MET F 230 -14.07 -32.84 0.83
CA MET F 230 -13.31 -32.58 -0.38
C MET F 230 -13.66 -31.17 -0.84
N ILE F 231 -12.66 -30.30 -0.95
CA ILE F 231 -12.88 -28.92 -1.35
C ILE F 231 -12.60 -28.83 -2.85
N ILE F 232 -13.59 -28.38 -3.61
CA ILE F 232 -13.50 -28.33 -5.06
C ILE F 232 -13.61 -26.88 -5.50
N GLY F 233 -12.68 -26.45 -6.33
CA GLY F 233 -12.66 -25.07 -6.80
C GLY F 233 -12.62 -24.99 -8.30
N ALA F 234 -13.45 -24.10 -8.84
CA ALA F 234 -13.41 -23.75 -10.26
C ALA F 234 -12.82 -22.36 -10.38
N THR F 235 -11.77 -22.23 -11.18
CA THR F 235 -11.07 -20.96 -11.31
C THR F 235 -10.64 -20.75 -12.75
N ASN F 236 -10.44 -19.49 -13.10
CA ASN F 236 -9.86 -19.14 -14.40
C ASN F 236 -8.41 -18.73 -14.30
N ARG F 237 -8.00 -18.14 -13.18
CA ARG F 237 -6.62 -17.76 -12.93
C ARG F 237 -6.04 -18.75 -11.92
N ILE F 238 -5.48 -19.85 -12.41
CA ILE F 238 -4.86 -20.84 -11.52
C ILE F 238 -3.60 -20.26 -10.88
N ASN F 239 -2.85 -19.45 -11.64
CA ASN F 239 -1.59 -18.89 -11.14
C ASN F 239 -1.81 -17.88 -10.03
N ASP F 240 -3.03 -17.40 -9.82
CA ASP F 240 -3.32 -16.51 -8.70
C ASP F 240 -3.43 -17.24 -7.38
N ILE F 241 -3.61 -18.56 -7.41
CA ILE F 241 -3.79 -19.34 -6.20
C ILE F 241 -2.46 -19.50 -5.49
N ASP F 242 -2.48 -19.43 -4.17
CA ASP F 242 -1.29 -19.58 -3.36
C ASP F 242 -0.72 -21.01 -3.51
N ASP F 243 0.58 -21.12 -3.27
CA ASP F 243 1.28 -22.39 -3.46
C ASP F 243 0.76 -23.45 -2.49
N ALA F 244 0.53 -23.07 -1.24
CA ALA F 244 0.00 -24.02 -0.27
C ALA F 244 -1.44 -24.40 -0.59
N PHE F 245 -2.24 -23.44 -1.04
CA PHE F 245 -3.59 -23.76 -1.47
C PHE F 245 -3.57 -24.60 -2.74
N LEU F 246 -2.59 -24.41 -3.61
CA LEU F 246 -2.47 -25.25 -4.80
C LEU F 246 -2.07 -26.67 -4.43
N ARG F 247 -1.20 -26.84 -3.43
CA ARG F 247 -0.85 -28.18 -2.98
C ARG F 247 -2.00 -28.81 -2.21
N ARG F 248 -2.92 -28.00 -1.69
CA ARG F 248 -4.13 -28.57 -1.09
C ARG F 248 -5.17 -28.92 -2.15
N LEU F 249 -4.93 -28.60 -3.42
CA LEU F 249 -5.76 -29.02 -4.54
C LEU F 249 -4.89 -29.88 -5.44
N PRO F 250 -4.63 -31.14 -5.07
CA PRO F 250 -3.70 -31.96 -5.86
C PRO F 250 -4.29 -32.44 -7.16
N LYS F 251 -5.60 -32.73 -7.22
CA LYS F 251 -6.24 -33.20 -8.44
C LYS F 251 -6.68 -31.99 -9.24
N ARG F 252 -5.95 -31.68 -10.30
CA ARG F 252 -6.22 -30.52 -11.14
C ARG F 252 -6.76 -30.97 -12.49
N PHE F 253 -7.87 -30.38 -12.90
CA PHE F 253 -8.50 -30.68 -14.18
C PHE F 253 -8.42 -29.46 -15.07
N LEU F 254 -7.78 -29.62 -16.23
CA LEU F 254 -7.66 -28.53 -17.21
C LEU F 254 -8.85 -28.61 -18.15
N VAL F 255 -9.85 -27.76 -17.90
CA VAL F 255 -11.01 -27.67 -18.80
C VAL F 255 -10.63 -26.60 -19.83
N SER F 256 -9.92 -27.04 -20.86
CA SER F 256 -9.35 -26.13 -21.85
C SER F 256 -10.38 -25.79 -22.92
N LEU F 257 -9.97 -24.97 -23.88
CA LEU F 257 -10.85 -24.58 -24.96
C LEU F 257 -11.18 -25.79 -25.83
N PRO F 258 -12.41 -25.90 -26.32
CA PRO F 258 -12.81 -27.11 -27.04
C PRO F 258 -12.16 -27.22 -28.40
N GLY F 259 -11.75 -28.44 -28.74
CA GLY F 259 -11.30 -28.75 -30.09
C GLY F 259 -12.46 -28.89 -31.04
N SER F 260 -12.12 -29.15 -32.30
CA SER F 260 -13.15 -29.23 -33.34
C SER F 260 -14.13 -30.37 -33.06
N ASP F 261 -13.62 -31.55 -32.70
CA ASP F 261 -14.50 -32.64 -32.29
C ASP F 261 -15.24 -32.29 -31.00
N GLN F 262 -14.53 -31.67 -30.04
CA GLN F 262 -15.17 -31.22 -28.82
C GLN F 262 -16.23 -30.16 -29.10
N ARG F 263 -15.95 -29.25 -30.05
CA ARG F 263 -16.94 -28.25 -30.42
C ARG F 263 -18.16 -28.90 -31.07
N TYR F 264 -17.96 -29.92 -31.89
CA TYR F 264 -19.08 -30.66 -32.46
C TYR F 264 -19.92 -31.31 -31.37
N LYS F 265 -19.26 -31.91 -30.37
CA LYS F 265 -19.99 -32.55 -29.28
C LYS F 265 -20.78 -31.53 -28.46
N ILE F 266 -20.17 -30.37 -28.19
CA ILE F 266 -20.84 -29.34 -27.41
C ILE F 266 -22.02 -28.77 -28.19
N LEU F 267 -21.85 -28.56 -29.50
CA LEU F 267 -22.95 -28.07 -30.32
C LEU F 267 -24.08 -29.08 -30.40
N SER F 268 -23.75 -30.37 -30.47
CA SER F 268 -24.78 -31.41 -30.47
C SER F 268 -25.53 -31.44 -29.15
N VAL F 269 -24.82 -31.24 -28.03
CA VAL F 269 -25.47 -31.21 -26.73
C VAL F 269 -26.38 -29.99 -26.61
N LEU F 270 -25.89 -28.83 -27.04
CA LEU F 270 -26.66 -27.60 -26.91
C LEU F 270 -27.89 -27.61 -27.82
N LEU F 271 -27.75 -28.18 -29.02
CA LEU F 271 -28.85 -28.23 -29.98
C LEU F 271 -29.78 -29.42 -29.75
N LYS F 272 -29.71 -30.07 -28.59
CA LYS F 272 -30.70 -31.07 -28.25
C LYS F 272 -32.02 -30.39 -27.87
N ASP F 273 -33.11 -31.15 -28.04
CA ASP F 273 -34.48 -30.63 -27.92
C ASP F 273 -34.66 -29.42 -28.85
N THR F 274 -34.15 -29.56 -30.07
CA THR F 274 -34.29 -28.55 -31.12
C THR F 274 -34.54 -29.30 -32.42
N LYS F 275 -35.45 -28.76 -33.24
CA LYS F 275 -35.87 -29.45 -34.45
C LYS F 275 -34.72 -29.66 -35.42
N LEU F 276 -33.90 -28.63 -35.62
CA LEU F 276 -32.76 -28.62 -36.55
C LEU F 276 -33.27 -28.94 -37.95
N ASP F 277 -32.41 -29.53 -38.78
CA ASP F 277 -32.81 -29.98 -40.11
C ASP F 277 -32.22 -31.37 -40.32
N GLU F 278 -32.36 -31.89 -41.53
CA GLU F 278 -31.86 -33.21 -41.87
C GLU F 278 -30.87 -33.22 -43.02
N ASP F 279 -31.07 -32.37 -44.02
CA ASP F 279 -30.20 -32.33 -45.19
C ASP F 279 -29.44 -31.03 -45.32
N GLU F 280 -30.08 -29.88 -45.07
CA GLU F 280 -29.39 -28.61 -45.17
C GLU F 280 -28.40 -28.40 -44.04
N PHE F 281 -28.80 -28.76 -42.81
CA PHE F 281 -27.96 -28.50 -41.65
C PHE F 281 -26.71 -29.38 -41.66
N ASP F 282 -25.60 -28.79 -41.23
CA ASP F 282 -24.31 -29.48 -41.17
C ASP F 282 -23.59 -29.02 -39.90
N LEU F 283 -23.63 -29.85 -38.86
CA LEU F 283 -22.96 -29.51 -37.60
C LEU F 283 -21.45 -29.45 -37.77
N GLN F 284 -20.91 -30.28 -38.66
CA GLN F 284 -19.46 -30.36 -38.84
C GLN F 284 -18.90 -29.03 -39.36
N LEU F 285 -19.58 -28.42 -40.33
CA LEU F 285 -19.08 -27.17 -40.90
C LEU F 285 -19.03 -26.06 -39.86
N ILE F 286 -20.07 -25.98 -39.00
CA ILE F 286 -20.05 -25.03 -37.90
C ILE F 286 -18.94 -25.39 -36.91
N ALA F 287 -18.65 -26.68 -36.75
CA ALA F 287 -17.58 -27.10 -35.84
C ALA F 287 -16.22 -26.61 -36.32
N ASP F 288 -15.92 -26.71 -37.62
CA ASP F 288 -14.67 -26.12 -38.10
C ASP F 288 -14.70 -24.60 -38.07
N ASN F 289 -15.83 -24.00 -38.44
CA ASN F 289 -15.89 -22.54 -38.52
C ASN F 289 -15.83 -21.87 -37.15
N THR F 290 -16.16 -22.58 -36.09
CA THR F 290 -16.14 -22.02 -34.73
C THR F 290 -14.77 -22.18 -34.08
N LYS F 291 -13.72 -21.74 -34.77
CA LYS F 291 -12.36 -21.87 -34.23
C LYS F 291 -12.16 -20.88 -33.09
N GLY F 292 -11.65 -21.37 -31.97
CA GLY F 292 -11.47 -20.54 -30.79
C GLY F 292 -12.72 -20.27 -29.99
N PHE F 293 -13.83 -20.90 -30.34
CA PHE F 293 -15.08 -20.70 -29.62
C PHE F 293 -15.11 -21.55 -28.36
N SER F 294 -15.42 -20.92 -27.23
CA SER F 294 -15.64 -21.65 -26.00
C SER F 294 -17.04 -22.25 -26.00
N GLY F 295 -17.36 -22.99 -24.93
CA GLY F 295 -18.68 -23.60 -24.85
C GLY F 295 -19.79 -22.57 -24.71
N SER F 296 -19.51 -21.47 -24.00
CA SER F 296 -20.51 -20.40 -23.88
C SER F 296 -20.62 -19.60 -25.16
N ASP F 297 -19.54 -19.53 -25.94
CA ASP F 297 -19.61 -18.88 -27.25
C ASP F 297 -20.55 -19.62 -28.17
N LEU F 298 -20.53 -20.96 -28.14
CA LEU F 298 -21.43 -21.75 -28.97
C LEU F 298 -22.87 -21.64 -28.48
N LYS F 299 -23.07 -21.57 -27.16
CA LYS F 299 -24.43 -21.42 -26.63
C LYS F 299 -25.06 -20.11 -27.08
N GLU F 300 -24.29 -19.02 -27.01
CA GLU F 300 -24.77 -17.74 -27.51
C GLU F 300 -24.97 -17.79 -29.02
N LEU F 301 -24.06 -18.45 -29.73
CA LEU F 301 -24.22 -18.64 -31.17
C LEU F 301 -25.48 -19.45 -31.47
N CYS F 302 -25.73 -20.51 -30.69
CA CYS F 302 -26.97 -21.27 -30.86
C CYS F 302 -28.18 -20.46 -30.40
N ARG F 303 -27.98 -19.51 -29.48
CA ARG F 303 -29.10 -18.71 -28.98
C ARG F 303 -29.65 -17.80 -30.06
N GLU F 304 -28.78 -17.05 -30.74
CA GLU F 304 -29.24 -16.14 -31.78
C GLU F 304 -29.59 -16.86 -33.07
N ALA F 305 -28.94 -17.99 -33.34
CA ALA F 305 -29.32 -18.79 -34.51
C ALA F 305 -30.73 -19.34 -34.37
N ALA F 306 -31.08 -19.84 -33.19
CA ALA F 306 -32.44 -20.30 -32.95
C ALA F 306 -33.40 -19.13 -32.88
N LEU F 307 -32.94 -17.97 -32.41
CA LEU F 307 -33.79 -16.79 -32.38
C LEU F 307 -34.17 -16.33 -33.77
N ASP F 308 -33.21 -16.32 -34.71
CA ASP F 308 -33.50 -15.95 -36.08
C ASP F 308 -34.29 -17.02 -36.81
N ALA F 309 -34.18 -18.29 -36.38
CA ALA F 309 -35.04 -19.33 -36.92
C ALA F 309 -36.49 -19.13 -36.47
N ALA F 310 -36.69 -18.48 -35.34
CA ALA F 310 -38.03 -18.21 -34.82
C ALA F 310 -38.50 -16.80 -35.15
N LYS F 311 -37.78 -16.07 -35.99
CA LYS F 311 -38.17 -14.70 -36.34
C LYS F 311 -39.50 -14.64 -37.05
N GLU F 312 -39.91 -15.73 -37.70
CA GLU F 312 -41.22 -15.79 -38.34
C GLU F 312 -42.28 -16.38 -37.42
N TYR F 313 -41.90 -17.35 -36.58
CA TYR F 313 -42.86 -17.99 -35.69
C TYR F 313 -43.23 -17.09 -34.53
N ILE F 314 -42.24 -16.41 -33.95
CA ILE F 314 -42.51 -15.53 -32.81
C ILE F 314 -43.36 -14.33 -33.23
N LYS F 315 -43.12 -13.83 -34.45
CA LYS F 315 -43.92 -12.71 -34.97
C LYS F 315 -45.38 -13.08 -35.08
N GLN F 316 -45.68 -14.31 -35.54
CA GLN F 316 -47.04 -14.80 -35.51
C GLN F 316 -47.53 -14.98 -34.07
N LYS F 317 -46.67 -15.48 -33.19
CA LYS F 317 -47.07 -15.71 -31.81
C LYS F 317 -47.25 -14.41 -31.04
N ARG F 318 -46.42 -13.40 -31.35
CA ARG F 318 -46.61 -12.09 -30.71
C ARG F 318 -47.87 -11.41 -31.21
N GLN F 319 -48.26 -11.65 -32.46
CA GLN F 319 -49.53 -11.13 -32.95
C GLN F 319 -50.71 -11.83 -32.29
N LEU F 320 -50.53 -13.07 -31.86
CA LEU F 320 -51.57 -13.78 -31.13
C LEU F 320 -51.86 -13.12 -29.79
N ILE F 321 -50.80 -12.70 -29.09
CA ILE F 321 -50.95 -12.03 -27.80
C ILE F 321 -50.84 -10.53 -27.97
N LYS F 335 -45.41 -23.37 -35.07
CA LYS F 335 -44.37 -24.33 -35.48
C LYS F 335 -43.02 -23.65 -35.65
N ILE F 336 -42.00 -24.23 -35.03
CA ILE F 336 -40.64 -23.70 -35.13
C ILE F 336 -40.07 -24.08 -36.50
N ARG F 337 -39.54 -23.09 -37.20
CA ARG F 337 -38.92 -23.33 -38.49
C ARG F 337 -37.69 -24.23 -38.31
N PRO F 338 -37.48 -25.21 -39.19
CA PRO F 338 -36.32 -26.09 -39.05
C PRO F 338 -35.01 -25.33 -39.14
N LEU F 339 -34.11 -25.62 -38.20
CA LEU F 339 -32.86 -24.87 -38.11
C LEU F 339 -31.86 -25.40 -39.13
N LYS F 340 -31.48 -24.54 -40.07
CA LYS F 340 -30.47 -24.86 -41.08
C LYS F 340 -29.21 -24.07 -40.81
N THR F 341 -28.08 -24.59 -41.30
CA THR F 341 -26.80 -23.95 -41.01
C THR F 341 -26.60 -22.63 -41.75
N LYS F 342 -27.49 -22.29 -42.69
CA LYS F 342 -27.50 -20.91 -43.20
C LYS F 342 -27.72 -19.92 -42.07
N ASP F 343 -28.61 -20.27 -41.13
CA ASP F 343 -28.82 -19.43 -39.96
C ASP F 343 -27.59 -19.38 -39.07
N PHE F 344 -26.91 -20.52 -38.93
CA PHE F 344 -25.69 -20.54 -38.12
C PHE F 344 -24.54 -19.81 -38.80
N THR F 345 -24.34 -20.06 -40.10
CA THR F 345 -23.20 -19.47 -40.81
C THR F 345 -23.32 -17.95 -40.89
N LYS F 346 -24.54 -17.44 -41.06
CA LYS F 346 -24.76 -16.00 -41.10
C LYS F 346 -24.45 -15.29 -39.79
N LYS F 347 -24.32 -16.04 -38.68
CA LYS F 347 -24.01 -15.42 -37.40
C LYS F 347 -22.54 -15.09 -37.28
N LEU F 348 -21.67 -16.09 -37.35
CA LEU F 348 -20.23 -15.86 -37.26
C LEU F 348 -19.71 -15.48 -38.64
N ARG F 349 -18.89 -14.42 -38.69
CA ARG F 349 -18.32 -13.93 -39.93
C ARG F 349 -17.04 -14.66 -40.33
N MET F 350 -16.74 -15.78 -39.66
CA MET F 350 -15.55 -16.64 -39.86
C MET F 350 -14.26 -15.91 -40.23
N SER G 43 -22.11 -24.30 22.67
CA SER G 43 -23.16 -25.25 22.36
C SER G 43 -23.03 -26.52 23.20
N ARG G 44 -24.07 -27.36 23.16
CA ARG G 44 -24.07 -28.58 23.97
C ARG G 44 -23.04 -29.59 23.45
N GLU G 45 -22.95 -29.74 22.13
CA GLU G 45 -21.95 -30.64 21.55
C GLU G 45 -20.55 -30.16 21.85
N SER G 46 -20.34 -28.84 21.84
CA SER G 46 -19.04 -28.28 22.19
C SER G 46 -18.67 -28.65 23.61
N LYS G 47 -19.56 -28.39 24.58
CA LYS G 47 -19.27 -28.69 25.98
C LYS G 47 -19.09 -30.18 26.22
N ALA G 48 -19.82 -31.02 25.46
CA ALA G 48 -19.56 -32.46 25.52
C ALA G 48 -18.15 -32.78 25.07
N LYS G 49 -17.67 -32.11 24.01
CA LYS G 49 -16.29 -32.32 23.56
C LYS G 49 -15.28 -31.85 24.61
N GLN G 50 -15.55 -30.72 25.26
CA GLN G 50 -14.67 -30.25 26.33
C GLN G 50 -14.61 -31.24 27.49
N SER G 51 -15.76 -31.78 27.88
CA SER G 51 -15.80 -32.75 28.97
C SER G 51 -15.08 -34.04 28.58
N LEU G 52 -15.24 -34.49 27.34
CA LEU G 52 -14.57 -35.70 26.88
C LEU G 52 -13.06 -35.50 26.81
N GLN G 53 -12.62 -34.31 26.37
CA GLN G 53 -11.19 -33.98 26.40
C GLN G 53 -10.64 -33.95 27.81
N TRP G 54 -11.41 -33.40 28.77
CA TRP G 54 -10.97 -33.42 30.16
C TRP G 54 -10.88 -34.84 30.70
N GLU G 55 -11.82 -35.70 30.29
CA GLU G 55 -11.77 -37.10 30.72
C GLU G 55 -10.54 -37.81 30.17
N LYS G 56 -10.21 -37.56 28.90
CA LYS G 56 -9.00 -38.14 28.33
C LYS G 56 -7.74 -37.61 29.01
N LEU G 57 -7.72 -36.32 29.35
CA LEU G 57 -6.56 -35.76 30.03
C LEU G 57 -6.41 -36.33 31.44
N VAL G 58 -7.52 -36.55 32.14
CA VAL G 58 -7.47 -37.17 33.46
C VAL G 58 -6.99 -38.61 33.35
N LYS G 59 -7.46 -39.34 32.33
CA LYS G 59 -7.02 -40.72 32.13
C LYS G 59 -5.53 -40.77 31.79
N ARG G 60 -5.04 -39.80 31.02
CA ARG G 60 -3.62 -39.77 30.65
C ARG G 60 -2.74 -39.48 31.85
N SER G 61 -3.08 -38.46 32.62
CA SER G 61 -2.32 -38.07 33.81
C SER G 61 -3.25 -38.04 35.02
N PRO G 62 -3.16 -39.01 35.92
CA PRO G 62 -4.02 -38.98 37.13
C PRO G 62 -3.74 -37.80 38.04
N ALA G 63 -2.57 -37.18 37.95
CA ALA G 63 -2.27 -36.02 38.78
C ALA G 63 -3.04 -34.78 38.35
N LEU G 64 -3.62 -34.78 37.14
CA LEU G 64 -4.42 -33.65 36.68
C LEU G 64 -5.75 -33.55 37.39
N ALA G 65 -6.14 -34.55 38.17
CA ALA G 65 -7.36 -34.48 38.96
C ALA G 65 -7.18 -33.52 40.13
N GLU G 66 -8.29 -33.17 40.76
CA GLU G 66 -8.34 -32.25 41.90
C GLU G 66 -7.76 -30.88 41.56
N VAL G 67 -7.89 -30.46 40.31
CA VAL G 67 -7.55 -29.12 39.88
C VAL G 67 -8.75 -28.54 39.15
N THR G 68 -8.85 -27.22 39.16
CA THR G 68 -9.99 -26.53 38.56
C THR G 68 -9.54 -25.68 37.38
N LEU G 69 -10.50 -25.34 36.53
CA LEU G 69 -10.26 -24.51 35.37
C LEU G 69 -11.30 -23.39 35.33
N ASP G 70 -10.87 -22.23 34.84
CA ASP G 70 -11.81 -21.14 34.61
C ASP G 70 -12.72 -21.48 33.43
N ALA G 71 -13.74 -20.65 33.24
CA ALA G 71 -14.64 -20.85 32.10
C ALA G 71 -13.91 -20.71 30.78
N TYR G 72 -13.08 -19.66 30.67
CA TYR G 72 -12.29 -19.47 29.45
C TYR G 72 -11.31 -20.61 29.25
N GLU G 73 -10.70 -21.09 30.34
CA GLU G 73 -9.85 -22.27 30.26
C GLU G 73 -10.63 -23.49 29.82
N ARG G 74 -11.89 -23.60 30.26
CA ARG G 74 -12.73 -24.72 29.87
C ARG G 74 -12.99 -24.72 28.37
N THR G 75 -13.32 -23.55 27.82
CA THR G 75 -13.52 -23.47 26.36
C THR G 75 -12.22 -23.66 25.60
N ILE G 76 -11.10 -23.23 26.16
CA ILE G 76 -9.80 -23.47 25.54
C ILE G 76 -9.49 -24.96 25.49
N LEU G 77 -9.96 -25.70 26.50
CA LEU G 77 -9.74 -27.14 26.57
C LEU G 77 -10.38 -27.90 25.41
N SER G 78 -11.33 -27.29 24.70
CA SER G 78 -11.92 -27.93 23.53
C SER G 78 -10.94 -28.06 22.37
N SER G 79 -9.82 -27.33 22.41
CA SER G 79 -8.79 -27.41 21.38
C SER G 79 -7.71 -28.43 21.72
N ILE G 80 -7.87 -29.18 22.81
CA ILE G 80 -6.90 -30.22 23.16
C ILE G 80 -7.04 -31.38 22.18
N VAL G 81 -5.92 -31.76 21.58
CA VAL G 81 -5.86 -32.94 20.71
C VAL G 81 -5.05 -34.01 21.44
N THR G 82 -5.65 -35.15 21.60
CA THR G 82 -5.25 -36.37 22.27
C THR G 82 -4.66 -37.35 21.25
N PRO G 83 -3.74 -38.22 21.64
CA PRO G 83 -3.10 -39.12 20.65
C PRO G 83 -4.05 -40.06 19.91
N ASP G 84 -5.25 -40.33 20.43
CA ASP G 84 -6.15 -41.21 19.68
C ASP G 84 -6.73 -40.51 18.46
N GLU G 85 -6.82 -39.18 18.50
CA GLU G 85 -7.32 -38.43 17.34
C GLU G 85 -6.32 -38.47 16.18
N ILE G 86 -5.03 -38.48 16.49
CA ILE G 86 -4.00 -38.47 15.47
C ILE G 86 -3.65 -39.91 15.10
N ASN G 87 -3.73 -40.24 13.82
CA ASN G 87 -3.36 -41.55 13.32
C ASN G 87 -1.98 -41.58 12.68
N ILE G 88 -1.19 -40.53 12.84
CA ILE G 88 0.12 -40.40 12.20
C ILE G 88 1.19 -40.71 13.22
N THR G 89 2.11 -41.60 12.84
CA THR G 89 3.19 -42.07 13.70
C THR G 89 4.49 -41.44 13.20
N PHE G 90 5.52 -41.44 14.05
CA PHE G 90 6.79 -40.80 13.67
C PHE G 90 7.48 -41.55 12.54
N GLN G 91 7.34 -42.87 12.49
CA GLN G 91 7.86 -43.63 11.37
C GLN G 91 6.90 -43.69 10.19
N ASP G 92 5.78 -42.98 10.26
CA ASP G 92 4.97 -42.71 9.09
C ASP G 92 5.47 -41.50 8.31
N ILE G 93 6.52 -40.84 8.79
CA ILE G 93 7.14 -39.71 8.12
C ILE G 93 8.46 -40.19 7.52
N GLY G 94 8.65 -39.93 6.23
CA GLY G 94 9.86 -40.34 5.56
C GLY G 94 10.72 -39.18 5.10
N GLY G 95 12.01 -39.41 4.94
CA GLY G 95 12.90 -38.42 4.39
C GLY G 95 13.33 -37.32 5.35
N LEU G 96 12.96 -37.42 6.62
CA LEU G 96 13.30 -36.40 7.60
C LEU G 96 13.96 -36.99 8.83
N ASP G 97 14.58 -38.16 8.71
CA ASP G 97 15.12 -38.86 9.88
C ASP G 97 16.15 -38.06 10.68
N PRO G 98 17.10 -37.33 10.09
CA PRO G 98 17.90 -36.40 10.92
C PRO G 98 17.05 -35.34 11.59
N LEU G 99 16.02 -34.83 10.92
CA LEU G 99 15.15 -33.84 11.55
C LEU G 99 14.28 -34.47 12.63
N ILE G 100 13.82 -35.70 12.42
CA ILE G 100 13.09 -36.41 13.48
C ILE G 100 13.97 -36.59 14.70
N SER G 101 15.23 -37.00 14.48
CA SER G 101 16.16 -37.18 15.59
C SER G 101 16.43 -35.87 16.32
N ASP G 102 16.65 -34.80 15.57
CA ASP G 102 16.89 -33.49 16.19
C ASP G 102 15.67 -33.03 16.99
N LEU G 103 14.48 -33.18 16.42
CA LEU G 103 13.25 -32.82 17.11
C LEU G 103 13.04 -33.67 18.35
N HIS G 104 13.59 -34.89 18.36
CA HIS G 104 13.55 -35.67 19.59
C HIS G 104 14.51 -35.09 20.61
N GLU G 105 15.82 -35.13 20.32
CA GLU G 105 16.83 -34.85 21.34
C GLU G 105 16.79 -33.40 21.82
N SER G 106 16.56 -32.43 20.93
CA SER G 106 16.64 -31.04 21.35
C SER G 106 15.31 -30.47 21.82
N VAL G 107 14.19 -31.17 21.60
CA VAL G 107 12.88 -30.59 21.85
C VAL G 107 12.05 -31.48 22.76
N ILE G 108 11.86 -32.75 22.38
CA ILE G 108 10.87 -33.59 23.05
C ILE G 108 11.42 -34.13 24.36
N TYR G 109 12.61 -34.72 24.31
CA TYR G 109 13.22 -35.28 25.52
C TYR G 109 13.50 -34.25 26.61
N PRO G 110 14.06 -33.05 26.34
CA PRO G 110 14.19 -32.07 27.44
C PRO G 110 12.87 -31.65 28.05
N LEU G 111 11.81 -31.57 27.26
CA LEU G 111 10.51 -31.21 27.79
C LEU G 111 9.89 -32.35 28.59
N MET G 112 9.98 -33.57 28.08
CA MET G 112 9.18 -34.67 28.63
C MET G 112 9.76 -35.20 29.93
N MET G 113 11.09 -35.30 30.03
CA MET G 113 11.74 -35.89 31.19
C MET G 113 12.79 -34.91 31.73
N PRO G 114 12.35 -33.95 32.56
CA PRO G 114 13.32 -33.04 33.17
C PRO G 114 14.12 -33.65 34.31
N GLU G 115 13.80 -34.88 34.74
CA GLU G 115 14.56 -35.53 35.80
C GLU G 115 15.99 -35.79 35.38
N VAL G 116 16.19 -36.23 34.13
CA VAL G 116 17.54 -36.50 33.65
C VAL G 116 18.24 -35.25 33.14
N TYR G 117 17.48 -34.22 32.78
CA TYR G 117 18.04 -32.96 32.32
C TYR G 117 18.16 -31.93 33.45
N SER G 118 17.83 -32.30 34.68
CA SER G 118 17.87 -31.38 35.80
C SER G 118 19.26 -31.25 36.42
N ASN G 119 20.25 -31.98 35.92
CA ASN G 119 21.62 -31.81 36.41
C ASN G 119 22.14 -30.42 36.08
N SER G 120 21.78 -29.90 34.90
CA SER G 120 22.07 -28.52 34.53
C SER G 120 20.74 -27.82 34.21
N PRO G 121 20.42 -26.71 34.88
CA PRO G 121 19.16 -26.02 34.59
C PRO G 121 19.16 -25.31 33.24
N LEU G 122 20.30 -25.26 32.56
CA LEU G 122 20.42 -24.68 31.24
C LEU G 122 20.04 -25.68 30.13
N LEU G 123 19.78 -26.93 30.49
CA LEU G 123 19.46 -27.98 29.53
C LEU G 123 17.95 -28.16 29.33
N GLN G 124 17.16 -27.10 29.50
CA GLN G 124 15.72 -27.22 29.40
C GLN G 124 15.26 -27.22 27.95
N ALA G 125 13.95 -27.36 27.77
CA ALA G 125 13.31 -27.31 26.46
C ALA G 125 13.20 -25.86 25.97
N PRO G 126 13.14 -25.65 24.66
CA PRO G 126 12.99 -24.29 24.14
C PRO G 126 11.62 -23.72 24.48
N SER G 127 11.56 -22.39 24.50
CA SER G 127 10.27 -21.72 24.70
C SER G 127 9.40 -21.80 23.46
N GLY G 128 10.00 -21.92 22.29
CA GLY G 128 9.25 -22.03 21.05
C GLY G 128 10.00 -22.85 20.04
N VAL G 129 9.25 -23.52 19.16
CA VAL G 129 9.80 -24.33 18.08
C VAL G 129 9.06 -23.97 16.80
N LEU G 130 9.82 -23.68 15.74
CA LEU G 130 9.25 -23.29 14.46
C LEU G 130 9.52 -24.37 13.43
N LEU G 131 8.45 -24.90 12.84
CA LEU G 131 8.56 -25.89 11.75
C LEU G 131 8.27 -25.18 10.44
N TYR G 132 9.28 -24.48 9.92
CA TYR G 132 9.12 -23.70 8.70
C TYR G 132 9.73 -24.42 7.51
N GLY G 133 9.25 -24.05 6.32
CA GLY G 133 9.69 -24.64 5.09
C GLY G 133 8.68 -24.43 3.98
N PRO G 134 8.99 -24.89 2.76
CA PRO G 134 8.03 -24.76 1.68
C PRO G 134 6.83 -25.64 1.92
N PRO G 135 5.66 -25.28 1.38
CA PRO G 135 4.49 -26.15 1.54
C PRO G 135 4.67 -27.47 0.82
N GLY G 136 4.16 -28.54 1.44
CA GLY G 136 4.27 -29.85 0.86
C GLY G 136 5.05 -30.84 1.70
N CYS G 137 6.07 -30.35 2.40
CA CYS G 137 6.87 -31.19 3.27
C CYS G 137 6.09 -31.56 4.52
N GLY G 138 6.72 -32.34 5.40
CA GLY G 138 6.00 -32.90 6.52
C GLY G 138 6.02 -32.12 7.81
N LYS G 139 5.87 -30.80 7.74
CA LYS G 139 5.87 -29.98 8.95
C LYS G 139 4.62 -30.25 9.79
N THR G 140 3.45 -30.22 9.15
CA THR G 140 2.23 -30.54 9.88
C THR G 140 2.18 -32.01 10.26
N MET G 141 2.79 -32.89 9.45
CA MET G 141 2.88 -34.29 9.86
C MET G 141 3.85 -34.45 11.01
N LEU G 142 4.90 -33.63 11.06
CA LEU G 142 5.76 -33.58 12.23
C LEU G 142 4.96 -33.20 13.47
N ALA G 143 4.06 -32.22 13.33
CA ALA G 143 3.18 -31.85 14.43
C ALA G 143 2.25 -33.00 14.80
N LYS G 144 1.76 -33.73 13.81
CA LYS G 144 0.87 -34.87 14.07
C LYS G 144 1.58 -35.94 14.89
N ALA G 145 2.77 -36.34 14.45
CA ALA G 145 3.53 -37.36 15.17
C ALA G 145 3.95 -36.87 16.54
N LEU G 146 4.31 -35.59 16.66
CA LEU G 146 4.69 -35.02 17.94
C LEU G 146 3.50 -35.00 18.90
N ALA G 147 2.31 -34.74 18.38
CA ALA G 147 1.11 -34.80 19.22
C ALA G 147 0.81 -36.23 19.64
N LYS G 148 0.99 -37.18 18.72
CA LYS G 148 0.61 -38.56 19.01
C LYS G 148 1.55 -39.21 20.02
N GLU G 149 2.85 -39.07 19.83
CA GLU G 149 3.78 -39.89 20.62
C GLU G 149 4.94 -39.06 21.16
N SER G 150 4.62 -37.90 21.74
CA SER G 150 5.53 -37.29 22.70
C SER G 150 5.06 -37.47 24.13
N GLY G 151 3.77 -37.74 24.35
CA GLY G 151 3.24 -37.86 25.69
C GLY G 151 2.89 -36.54 26.34
N ALA G 152 3.08 -35.43 25.65
CA ALA G 152 2.78 -34.10 26.17
C ALA G 152 1.35 -33.72 25.81
N ASN G 153 0.72 -32.93 26.68
CA ASN G 153 -0.59 -32.38 26.37
C ASN G 153 -0.47 -31.41 25.21
N PHE G 154 -1.35 -31.55 24.23
CA PHE G 154 -1.24 -30.82 22.97
C PHE G 154 -2.45 -29.91 22.84
N ILE G 155 -2.20 -28.62 22.61
CA ILE G 155 -3.24 -27.64 22.38
C ILE G 155 -3.16 -27.22 20.93
N SER G 156 -4.04 -27.78 20.10
CA SER G 156 -4.12 -27.44 18.69
C SER G 156 -5.01 -26.20 18.53
N ILE G 157 -4.48 -25.06 18.97
CA ILE G 157 -5.25 -23.83 18.89
C ILE G 157 -5.35 -23.38 17.44
N ARG G 158 -6.46 -22.73 17.12
CA ARG G 158 -6.69 -22.14 15.82
C ARG G 158 -7.08 -20.69 16.03
N MET G 159 -6.95 -19.89 14.98
CA MET G 159 -7.17 -18.46 15.13
C MET G 159 -8.64 -18.15 15.34
N SER G 160 -9.54 -19.05 14.92
CA SER G 160 -10.97 -18.88 15.19
C SER G 160 -11.28 -19.04 16.67
N SER G 161 -10.66 -20.02 17.33
CA SER G 161 -10.87 -20.21 18.75
C SER G 161 -10.22 -19.11 19.58
N ILE G 162 -9.26 -18.39 19.01
CA ILE G 162 -8.59 -17.30 19.71
C ILE G 162 -9.36 -15.99 19.54
N MET G 163 -9.74 -15.65 18.32
CA MET G 163 -10.50 -14.44 18.07
C MET G 163 -11.91 -14.55 18.64
N ASP G 164 -12.35 -13.49 19.31
CA ASP G 164 -13.73 -13.36 19.76
C ASP G 164 -14.25 -12.00 19.33
N LYS G 165 -15.50 -11.98 18.86
CA LYS G 165 -16.10 -10.73 18.41
C LYS G 165 -16.28 -9.77 19.58
N TRP G 166 -16.58 -10.28 20.77
CA TRP G 166 -16.84 -9.44 21.92
C TRP G 166 -15.54 -8.85 22.47
N TYR G 167 -15.69 -7.81 23.26
CA TYR G 167 -14.58 -6.97 23.66
C TYR G 167 -13.74 -7.63 24.75
N GLY G 168 -12.44 -7.70 24.53
CA GLY G 168 -11.51 -8.20 25.52
C GLY G 168 -11.58 -9.69 25.80
N GLU G 169 -12.42 -10.43 25.08
CA GLU G 169 -12.54 -11.86 25.32
C GLU G 169 -11.37 -12.64 24.73
N SER G 170 -10.84 -12.17 23.59
CA SER G 170 -9.73 -12.88 22.94
C SER G 170 -8.49 -12.88 23.81
N ASN G 171 -8.20 -11.75 24.47
CA ASN G 171 -7.06 -11.69 25.39
C ASN G 171 -7.27 -12.61 26.58
N LYS G 172 -8.50 -12.67 27.10
CA LYS G 172 -8.81 -13.63 28.15
C LYS G 172 -8.71 -15.07 27.64
N ILE G 173 -9.04 -15.30 26.37
CA ILE G 173 -8.88 -16.63 25.80
C ILE G 173 -7.42 -17.04 25.73
N VAL G 174 -6.54 -16.11 25.33
CA VAL G 174 -5.11 -16.43 25.25
C VAL G 174 -4.53 -16.61 26.65
N ASP G 175 -4.96 -15.78 27.61
CA ASP G 175 -4.55 -15.95 29.00
C ASP G 175 -4.98 -17.30 29.54
N ALA G 176 -6.19 -17.73 29.21
CA ALA G 176 -6.68 -19.03 29.62
C ALA G 176 -5.90 -20.14 28.95
N MET G 177 -5.50 -19.95 27.70
CA MET G 177 -4.71 -20.95 26.99
C MET G 177 -3.37 -21.17 27.68
N PHE G 178 -2.70 -20.06 28.04
CA PHE G 178 -1.42 -20.20 28.74
C PHE G 178 -1.59 -20.73 30.16
N SER G 179 -2.68 -20.35 30.83
CA SER G 179 -2.94 -20.87 32.17
C SER G 179 -3.21 -22.37 32.14
N LEU G 180 -3.96 -22.85 31.15
CA LEU G 180 -4.21 -24.28 31.01
C LEU G 180 -2.93 -25.02 30.63
N ALA G 181 -2.09 -24.40 29.80
CA ALA G 181 -0.80 -24.99 29.48
C ALA G 181 0.07 -25.10 30.74
N ASN G 182 -0.04 -24.12 31.64
CA ASN G 182 0.66 -24.22 32.92
C ASN G 182 0.08 -25.32 33.80
N LYS G 183 -1.25 -25.49 33.76
CA LYS G 183 -1.89 -26.49 34.60
C LYS G 183 -1.52 -27.90 34.15
N LEU G 184 -1.65 -28.18 32.86
CA LEU G 184 -1.15 -29.43 32.29
C LEU G 184 0.33 -29.23 32.03
N GLN G 185 1.14 -29.53 33.05
CA GLN G 185 2.53 -29.05 33.11
C GLN G 185 3.38 -29.36 31.90
N PRO G 186 3.41 -30.61 31.35
CA PRO G 186 4.11 -30.76 30.06
C PRO G 186 3.18 -30.53 28.86
N CYS G 187 2.93 -29.25 28.56
CA CYS G 187 2.01 -28.86 27.51
C CYS G 187 2.76 -28.34 26.30
N ILE G 188 2.23 -28.65 25.12
CA ILE G 188 2.73 -28.11 23.85
C ILE G 188 1.56 -27.45 23.14
N ILE G 189 1.72 -26.18 22.79
CA ILE G 189 0.68 -25.42 22.11
C ILE G 189 1.10 -25.27 20.66
N PHE G 190 0.34 -25.88 19.75
CA PHE G 190 0.64 -25.85 18.34
C PHE G 190 -0.30 -24.88 17.63
N ILE G 191 0.27 -23.93 16.90
CA ILE G 191 -0.49 -22.97 16.10
C ILE G 191 -0.08 -23.18 14.66
N ASP G 192 -0.87 -23.96 13.91
CA ASP G 192 -0.60 -24.15 12.50
C ASP G 192 -0.80 -22.85 11.73
N GLN G 193 0.02 -22.66 10.70
CA GLN G 193 0.08 -21.42 9.92
C GLN G 193 0.32 -20.23 10.85
N ILE G 194 1.48 -20.27 11.51
CA ILE G 194 1.81 -19.34 12.57
C ILE G 194 2.04 -17.93 12.03
N ASP G 195 2.30 -17.80 10.72
CA ASP G 195 2.61 -16.49 10.15
C ASP G 195 1.43 -15.53 10.23
N SER G 196 0.21 -16.05 10.13
CA SER G 196 -0.96 -15.17 10.20
C SER G 196 -1.21 -14.68 11.63
N PHE G 197 -1.10 -15.58 12.60
CA PHE G 197 -1.31 -15.21 14.00
C PHE G 197 -0.20 -14.25 14.45
N LEU G 198 1.04 -14.68 14.35
CA LEU G 198 2.18 -13.87 14.79
C LEU G 198 2.75 -13.05 13.64
N ARG G 199 1.91 -12.32 12.94
CA ARG G 199 2.39 -11.49 11.84
C ARG G 199 3.07 -10.25 12.38
N GLU G 200 3.76 -9.53 11.48
CA GLU G 200 4.43 -8.30 11.86
C GLU G 200 3.41 -7.25 12.27
N ARG G 201 3.66 -6.61 13.40
CA ARG G 201 2.78 -5.55 13.88
C ARG G 201 2.90 -4.32 12.97
N SER G 202 1.78 -3.65 12.75
CA SER G 202 1.73 -2.53 11.84
C SER G 202 0.64 -1.56 12.28
N SER G 203 0.61 -0.39 11.63
CA SER G 203 -0.42 0.60 11.92
C SER G 203 -1.79 0.13 11.44
N THR G 204 -1.84 -0.65 10.37
CA THR G 204 -3.10 -1.16 9.85
C THR G 204 -3.68 -2.28 10.70
N ASP G 205 -2.92 -2.78 11.68
CA ASP G 205 -3.40 -3.85 12.54
C ASP G 205 -4.58 -3.37 13.38
N HIS G 206 -5.56 -4.26 13.56
CA HIS G 206 -6.68 -3.97 14.44
C HIS G 206 -6.19 -3.85 15.88
N GLU G 207 -6.92 -3.08 16.68
CA GLU G 207 -6.55 -2.89 18.07
C GLU G 207 -6.60 -4.22 18.84
N VAL G 208 -7.61 -5.03 18.55
CA VAL G 208 -7.71 -6.34 19.20
C VAL G 208 -6.57 -7.26 18.76
N THR G 209 -6.15 -7.16 17.50
CA THR G 209 -5.06 -8.01 17.03
C THR G 209 -3.73 -7.65 17.66
N ALA G 210 -3.40 -6.36 17.71
CA ALA G 210 -2.16 -5.93 18.35
C ALA G 210 -2.20 -6.22 19.85
N THR G 211 -3.36 -6.03 20.47
CA THR G 211 -3.54 -6.39 21.87
C THR G 211 -3.32 -7.88 22.09
N LEU G 212 -3.86 -8.71 21.19
CA LEU G 212 -3.68 -10.17 21.28
C LEU G 212 -2.23 -10.56 21.13
N LYS G 213 -1.52 -9.94 20.18
CA LYS G 213 -0.12 -10.28 19.96
C LYS G 213 0.73 -9.88 21.16
N ALA G 214 0.50 -8.69 21.72
CA ALA G 214 1.25 -8.27 22.89
C ALA G 214 0.94 -9.15 24.10
N GLU G 215 -0.33 -9.55 24.25
CA GLU G 215 -0.70 -10.47 25.32
C GLU G 215 0.00 -11.81 25.16
N PHE G 216 0.09 -12.28 23.91
CA PHE G 216 0.79 -13.53 23.63
C PHE G 216 2.26 -13.43 23.99
N MET G 217 2.91 -12.31 23.67
CA MET G 217 4.30 -12.11 24.06
C MET G 217 4.45 -12.10 25.58
N THR G 218 3.56 -11.39 26.27
CA THR G 218 3.66 -11.25 27.72
C THR G 218 3.51 -12.60 28.41
N LEU G 219 2.58 -13.43 27.95
CA LEU G 219 2.45 -14.76 28.52
C LEU G 219 3.54 -15.71 28.04
N TRP G 220 4.07 -15.49 26.83
CA TRP G 220 5.07 -16.39 26.28
C TRP G 220 6.38 -16.30 27.04
N ASP G 221 6.85 -15.08 27.29
CA ASP G 221 8.08 -14.94 28.05
C ASP G 221 7.97 -13.79 29.03
N GLY G 222 8.74 -13.88 30.11
CA GLY G 222 8.84 -12.79 31.06
C GLY G 222 8.25 -13.07 32.41
N LEU G 223 7.51 -12.09 32.94
CA LEU G 223 6.95 -12.21 34.29
C LEU G 223 5.88 -13.28 34.34
N LEU G 224 5.83 -14.00 35.45
CA LEU G 224 5.03 -15.21 35.62
C LEU G 224 5.35 -16.19 34.48
N ASN G 225 6.59 -16.65 34.49
CA ASN G 225 7.09 -17.51 33.42
C ASN G 225 6.38 -18.85 33.46
N ASN G 226 6.21 -19.44 32.28
CA ASN G 226 5.52 -20.71 32.15
C ASN G 226 6.42 -21.85 32.62
N GLY G 227 5.81 -23.01 32.80
CA GLY G 227 6.53 -24.19 33.23
C GLY G 227 7.11 -24.93 32.04
N ARG G 228 6.74 -26.19 31.87
CA ARG G 228 7.17 -26.97 30.71
C ARG G 228 6.18 -26.78 29.55
N VAL G 229 6.06 -25.52 29.13
CA VAL G 229 5.13 -25.10 28.09
C VAL G 229 5.93 -24.74 26.85
N MET G 230 5.57 -25.35 25.72
CA MET G 230 6.22 -25.07 24.44
C MET G 230 5.19 -24.55 23.46
N ILE G 231 5.55 -23.49 22.74
CA ILE G 231 4.69 -22.89 21.72
C ILE G 231 5.30 -23.27 20.38
N ILE G 232 4.74 -24.29 19.73
CA ILE G 232 5.26 -24.81 18.48
C ILE G 232 4.46 -24.22 17.33
N GLY G 233 5.15 -23.66 16.34
CA GLY G 233 4.52 -23.09 15.17
C GLY G 233 5.01 -23.74 13.90
N ALA G 234 4.16 -23.74 12.88
CA ALA G 234 4.51 -24.22 11.55
C ALA G 234 4.05 -23.19 10.53
N THR G 235 4.88 -22.94 9.52
CA THR G 235 4.55 -21.93 8.53
C THR G 235 5.21 -22.26 7.20
N ASN G 236 4.63 -21.72 6.13
CA ASN G 236 5.26 -21.69 4.82
C ASN G 236 5.77 -20.31 4.44
N ARG G 237 5.53 -19.31 5.28
CA ARG G 237 6.10 -17.96 5.13
C ARG G 237 6.73 -17.58 6.47
N ILE G 238 8.00 -17.94 6.64
CA ILE G 238 8.71 -17.57 7.86
C ILE G 238 8.91 -16.06 7.94
N ASN G 239 9.13 -15.41 6.80
CA ASN G 239 9.44 -13.98 6.78
C ASN G 239 8.27 -13.11 7.23
N ASP G 240 7.05 -13.65 7.25
CA ASP G 240 5.90 -12.88 7.69
C ASP G 240 5.74 -12.83 9.20
N ILE G 241 6.56 -13.56 9.94
CA ILE G 241 6.44 -13.61 11.40
C ILE G 241 7.14 -12.40 12.01
N ASP G 242 6.55 -11.86 13.07
CA ASP G 242 7.09 -10.68 13.74
C ASP G 242 8.43 -11.01 14.37
N ASP G 243 9.29 -9.99 14.46
CA ASP G 243 10.65 -10.20 14.94
C ASP G 243 10.69 -10.61 16.40
N ALA G 244 9.80 -10.04 17.23
CA ALA G 244 9.71 -10.49 18.62
C ALA G 244 9.16 -11.90 18.69
N PHE G 245 8.18 -12.22 17.86
CA PHE G 245 7.64 -13.57 17.82
C PHE G 245 8.63 -14.56 17.21
N LEU G 246 9.42 -14.10 16.23
CA LEU G 246 10.51 -14.93 15.71
C LEU G 246 11.56 -15.16 16.78
N ARG G 247 11.80 -14.17 17.63
CA ARG G 247 12.68 -14.33 18.78
C ARG G 247 12.13 -15.38 19.74
N ARG G 248 10.83 -15.34 19.99
CA ARG G 248 10.22 -16.29 20.93
C ARG G 248 10.18 -17.71 20.39
N LEU G 249 10.50 -17.92 19.11
CA LEU G 249 10.68 -19.24 18.55
C LEU G 249 12.16 -19.46 18.22
N PRO G 250 13.00 -19.76 19.20
CA PRO G 250 14.45 -19.83 18.94
C PRO G 250 14.86 -21.10 18.21
N LYS G 251 14.22 -22.22 18.53
CA LYS G 251 14.49 -23.48 17.84
C LYS G 251 13.73 -23.48 16.52
N ARG G 252 14.45 -23.58 15.42
CA ARG G 252 13.87 -23.51 14.08
C ARG G 252 14.25 -24.77 13.30
N PHE G 253 13.24 -25.45 12.77
CA PHE G 253 13.44 -26.65 11.98
C PHE G 253 13.05 -26.34 10.54
N LEU G 254 14.01 -26.37 9.64
CA LEU G 254 13.76 -26.13 8.22
C LEU G 254 13.36 -27.46 7.58
N VAL G 255 12.09 -27.60 7.29
CA VAL G 255 11.57 -28.78 6.60
C VAL G 255 11.50 -28.40 5.12
N SER G 256 12.61 -28.60 4.42
CA SER G 256 12.75 -28.12 3.05
C SER G 256 12.27 -29.18 2.06
N LEU G 257 12.38 -28.84 0.78
CA LEU G 257 11.95 -29.75 -0.27
C LEU G 257 12.85 -31.00 -0.28
N PRO G 258 12.28 -32.17 -0.54
CA PRO G 258 13.08 -33.40 -0.45
C PRO G 258 14.11 -33.51 -1.57
N GLY G 259 15.23 -34.13 -1.23
CA GLY G 259 16.21 -34.51 -2.23
C GLY G 259 15.82 -35.84 -2.86
N SER G 260 16.74 -36.36 -3.68
CA SER G 260 16.46 -37.62 -4.38
C SER G 260 16.34 -38.78 -3.39
N ASP G 261 17.27 -38.86 -2.43
CA ASP G 261 17.17 -39.88 -1.40
C ASP G 261 15.98 -39.63 -0.48
N GLN G 262 15.72 -38.36 -0.15
CA GLN G 262 14.55 -38.03 0.66
C GLN G 262 13.26 -38.35 -0.09
N ARG G 263 13.21 -38.07 -1.39
CA ARG G 263 12.03 -38.44 -2.18
C ARG G 263 11.86 -39.95 -2.23
N TYR G 264 12.97 -40.69 -2.33
CA TYR G 264 12.90 -42.15 -2.29
C TYR G 264 12.32 -42.64 -0.97
N LYS G 265 12.78 -42.06 0.15
CA LYS G 265 12.25 -42.46 1.45
C LYS G 265 10.78 -42.11 1.59
N ILE G 266 10.38 -40.94 1.11
CA ILE G 266 8.98 -40.51 1.17
C ILE G 266 8.10 -41.45 0.36
N LEU G 267 8.54 -41.80 -0.85
CA LEU G 267 7.77 -42.71 -1.69
C LEU G 267 7.72 -44.10 -1.08
N SER G 268 8.81 -44.53 -0.43
CA SER G 268 8.81 -45.84 0.23
C SER G 268 7.82 -45.87 1.40
N VAL G 269 7.77 -44.79 2.18
CA VAL G 269 6.83 -44.78 3.31
C VAL G 269 5.39 -44.51 2.85
N LEU G 270 5.20 -43.91 1.67
CA LEU G 270 3.86 -43.74 1.14
C LEU G 270 3.33 -45.00 0.51
N LEU G 271 4.19 -45.79 -0.12
CA LEU G 271 3.81 -47.03 -0.78
C LEU G 271 3.78 -48.22 0.17
N LYS G 272 3.97 -47.99 1.46
CA LYS G 272 3.78 -49.04 2.45
C LYS G 272 2.32 -49.46 2.46
N ASP G 273 2.09 -50.77 2.60
CA ASP G 273 0.76 -51.40 2.57
C ASP G 273 0.12 -51.13 1.20
N THR G 274 0.78 -51.66 0.17
CA THR G 274 0.23 -51.73 -1.18
C THR G 274 1.01 -52.80 -1.94
N LYS G 275 0.43 -53.28 -3.03
CA LYS G 275 1.04 -54.38 -3.78
C LYS G 275 2.13 -53.83 -4.69
N LEU G 276 3.38 -54.14 -4.38
CA LEU G 276 4.53 -53.71 -5.15
C LEU G 276 4.84 -54.72 -6.25
N ASP G 277 5.90 -54.44 -7.02
CA ASP G 277 6.42 -55.37 -8.01
C ASP G 277 7.85 -55.73 -7.64
N GLU G 278 8.14 -57.03 -7.63
CA GLU G 278 9.48 -57.49 -7.29
C GLU G 278 10.49 -57.22 -8.40
N ASP G 279 10.03 -57.08 -9.65
CA ASP G 279 10.93 -56.85 -10.78
C ASP G 279 10.65 -55.55 -11.50
N GLU G 280 9.39 -55.29 -11.87
CA GLU G 280 9.09 -54.19 -12.78
C GLU G 280 9.13 -52.83 -12.09
N PHE G 281 8.87 -52.78 -10.78
CA PHE G 281 8.86 -51.50 -10.08
C PHE G 281 10.28 -51.00 -9.85
N ASP G 282 10.51 -49.72 -10.16
CA ASP G 282 11.80 -49.06 -9.97
C ASP G 282 11.54 -47.76 -9.20
N LEU G 283 11.67 -47.83 -7.87
CA LEU G 283 11.46 -46.66 -7.04
C LEU G 283 12.52 -45.58 -7.27
N GLN G 284 13.74 -46.00 -7.59
CA GLN G 284 14.84 -45.05 -7.76
C GLN G 284 14.61 -44.17 -8.98
N LEU G 285 14.09 -44.75 -10.06
CA LEU G 285 13.78 -43.96 -11.26
C LEU G 285 12.68 -42.94 -10.99
N ILE G 286 11.65 -43.33 -10.25
CA ILE G 286 10.58 -42.40 -9.91
C ILE G 286 11.11 -41.28 -9.03
N ALA G 287 11.97 -41.62 -8.06
CA ALA G 287 12.55 -40.61 -7.18
C ALA G 287 13.42 -39.64 -7.96
N ASP G 288 14.17 -40.14 -8.94
CA ASP G 288 15.00 -39.25 -9.77
C ASP G 288 14.13 -38.37 -10.66
N ASN G 289 13.07 -38.92 -11.25
CA ASN G 289 12.26 -38.15 -12.17
C ASN G 289 11.37 -37.14 -11.46
N THR G 290 11.04 -37.36 -10.19
CA THR G 290 10.19 -36.44 -9.43
C THR G 290 11.02 -35.28 -8.88
N LYS G 291 11.60 -34.51 -9.81
CA LYS G 291 12.43 -33.37 -9.44
C LYS G 291 11.55 -32.22 -8.94
N GLY G 292 11.95 -31.64 -7.82
CA GLY G 292 11.18 -30.57 -7.21
C GLY G 292 9.81 -30.98 -6.74
N PHE G 293 9.66 -32.23 -6.32
CA PHE G 293 8.39 -32.76 -5.84
C PHE G 293 8.36 -32.76 -4.33
N SER G 294 7.33 -32.13 -3.76
CA SER G 294 7.12 -32.16 -2.33
C SER G 294 6.44 -33.48 -1.95
N GLY G 295 6.30 -33.72 -0.64
CA GLY G 295 5.68 -34.94 -0.18
C GLY G 295 4.23 -35.06 -0.58
N SER G 296 3.50 -33.95 -0.56
CA SER G 296 2.11 -33.96 -1.00
C SER G 296 2.01 -34.21 -2.50
N ASP G 297 2.97 -33.71 -3.27
CA ASP G 297 3.01 -33.99 -4.70
C ASP G 297 3.25 -35.47 -4.96
N LEU G 298 4.11 -36.10 -4.17
CA LEU G 298 4.35 -37.54 -4.32
C LEU G 298 3.16 -38.36 -3.87
N LYS G 299 2.43 -37.90 -2.85
CA LYS G 299 1.24 -38.61 -2.40
C LYS G 299 0.17 -38.63 -3.48
N GLU G 300 -0.04 -37.49 -4.15
CA GLU G 300 -1.00 -37.45 -5.25
C GLU G 300 -0.54 -38.31 -6.42
N LEU G 301 0.76 -38.30 -6.70
CA LEU G 301 1.31 -39.20 -7.71
C LEU G 301 1.11 -40.66 -7.32
N CYS G 302 1.34 -40.99 -6.05
CA CYS G 302 1.07 -42.34 -5.57
C CYS G 302 -0.42 -42.66 -5.64
N ARG G 303 -1.27 -41.71 -5.27
CA ARG G 303 -2.71 -41.92 -5.34
C ARG G 303 -3.20 -42.06 -6.78
N GLU G 304 -2.67 -41.22 -7.68
CA GLU G 304 -3.07 -41.30 -9.08
C GLU G 304 -2.58 -42.59 -9.73
N ALA G 305 -1.36 -43.01 -9.41
CA ALA G 305 -0.82 -44.23 -9.99
C ALA G 305 -1.55 -45.47 -9.47
N ALA G 306 -1.83 -45.50 -8.16
CA ALA G 306 -2.54 -46.65 -7.59
C ALA G 306 -3.98 -46.71 -8.07
N LEU G 307 -4.59 -45.57 -8.37
CA LEU G 307 -5.94 -45.56 -8.92
C LEU G 307 -5.95 -46.18 -10.31
N ASP G 308 -4.96 -45.86 -11.14
CA ASP G 308 -4.83 -46.46 -12.46
C ASP G 308 -4.33 -47.90 -12.36
N ALA G 309 -3.60 -48.24 -11.30
CA ALA G 309 -3.16 -49.60 -11.08
C ALA G 309 -4.26 -50.52 -10.57
N ALA G 310 -5.47 -49.99 -10.35
CA ALA G 310 -6.56 -50.80 -9.81
C ALA G 310 -7.87 -50.59 -10.56
N LYS G 311 -7.87 -49.84 -11.67
CA LYS G 311 -9.12 -49.60 -12.39
C LYS G 311 -9.67 -50.87 -13.03
N GLU G 312 -8.82 -51.86 -13.30
CA GLU G 312 -9.32 -53.17 -13.67
C GLU G 312 -10.07 -53.82 -12.52
N TYR G 313 -9.55 -53.69 -11.30
CA TYR G 313 -10.21 -54.26 -10.13
C TYR G 313 -11.48 -53.48 -9.81
N ILE G 314 -11.38 -52.15 -9.77
CA ILE G 314 -12.48 -51.32 -9.28
C ILE G 314 -13.69 -51.43 -10.19
N LYS G 315 -13.48 -51.40 -11.50
CA LYS G 315 -14.59 -51.59 -12.44
C LYS G 315 -15.21 -52.98 -12.32
N GLN G 316 -14.41 -53.97 -11.91
CA GLN G 316 -14.95 -55.31 -11.68
C GLN G 316 -15.81 -55.35 -10.41
N LYS G 317 -15.36 -54.69 -9.34
CA LYS G 317 -16.14 -54.70 -8.10
C LYS G 317 -17.38 -53.82 -8.22
N ARG G 318 -17.25 -52.64 -8.84
CA ARG G 318 -18.37 -51.71 -8.93
C ARG G 318 -19.52 -52.29 -9.75
N GLN G 319 -19.20 -53.04 -10.81
CA GLN G 319 -20.23 -53.68 -11.60
C GLN G 319 -20.94 -54.80 -10.86
N LEU G 320 -20.37 -55.31 -9.77
CA LEU G 320 -21.00 -56.37 -8.98
C LEU G 320 -22.09 -55.79 -8.08
N ILE G 336 -5.45 -56.47 -5.35
CA ILE G 336 -5.37 -55.31 -6.23
C ILE G 336 -4.69 -55.74 -7.53
N ARG G 337 -3.44 -55.32 -7.69
CA ARG G 337 -2.58 -55.59 -8.84
C ARG G 337 -1.19 -55.08 -8.48
N PRO G 338 -0.11 -55.77 -8.85
CA PRO G 338 1.23 -55.26 -8.55
C PRO G 338 1.49 -53.96 -9.30
N LEU G 339 1.77 -52.90 -8.53
CA LEU G 339 2.05 -51.60 -9.10
C LEU G 339 3.36 -51.64 -9.90
N LYS G 340 3.40 -50.87 -10.98
CA LYS G 340 4.55 -50.85 -11.87
C LYS G 340 5.10 -49.44 -12.01
N THR G 341 6.35 -49.37 -12.50
CA THR G 341 6.95 -48.08 -12.82
C THR G 341 6.23 -47.41 -13.98
N LYS G 342 5.69 -48.20 -14.91
CA LYS G 342 4.94 -47.64 -16.03
C LYS G 342 3.70 -46.91 -15.55
N ASP G 343 3.06 -47.41 -14.49
CA ASP G 343 1.90 -46.74 -13.93
C ASP G 343 2.28 -45.42 -13.29
N PHE G 344 3.44 -45.38 -12.61
CA PHE G 344 3.88 -44.13 -11.98
C PHE G 344 4.38 -43.13 -13.03
N THR G 345 5.15 -43.61 -14.00
CA THR G 345 5.74 -42.72 -14.99
C THR G 345 4.75 -42.25 -16.05
N LYS G 346 3.60 -42.91 -16.17
CA LYS G 346 2.58 -42.44 -17.10
C LYS G 346 2.03 -41.09 -16.68
N LYS G 347 1.77 -40.92 -15.38
CA LYS G 347 1.32 -39.64 -14.84
C LYS G 347 2.47 -38.70 -14.53
N LEU G 348 3.71 -39.13 -14.76
CA LEU G 348 4.89 -38.32 -14.52
C LEU G 348 5.34 -37.67 -15.82
N ARG G 349 5.68 -36.38 -15.75
CA ARG G 349 6.05 -35.61 -16.92
C ARG G 349 7.56 -35.45 -17.08
N MET G 350 8.35 -36.14 -16.26
CA MET G 350 9.81 -36.07 -16.26
C MET G 350 10.31 -34.63 -16.08
N ARG H 44 -13.46 -18.59 41.72
CA ARG H 44 -12.98 -19.71 42.54
C ARG H 44 -11.46 -19.67 42.67
N GLU H 45 -10.76 -20.11 41.62
CA GLU H 45 -9.30 -20.10 41.64
C GLU H 45 -8.75 -18.68 41.64
N SER H 46 -9.45 -17.74 41.00
CA SER H 46 -9.04 -16.33 41.06
C SER H 46 -9.19 -15.79 42.47
N LYS H 47 -10.28 -16.14 43.15
CA LYS H 47 -10.46 -15.71 44.53
C LYS H 47 -9.42 -16.34 45.46
N ALA H 48 -9.08 -17.60 45.22
CA ALA H 48 -8.04 -18.26 46.02
C ALA H 48 -6.68 -17.58 45.81
N LYS H 49 -6.36 -17.24 44.56
CA LYS H 49 -5.10 -16.54 44.28
C LYS H 49 -5.10 -15.15 44.91
N GLN H 50 -6.25 -14.46 44.88
CA GLN H 50 -6.34 -13.15 45.52
C GLN H 50 -6.12 -13.25 47.02
N SER H 51 -6.74 -14.24 47.66
CA SER H 51 -6.57 -14.42 49.10
C SER H 51 -5.12 -14.77 49.44
N LEU H 52 -4.50 -15.63 48.64
CA LEU H 52 -3.10 -15.99 48.89
C LEU H 52 -2.17 -14.80 48.71
N GLN H 53 -2.40 -14.00 47.67
CA GLN H 53 -1.60 -12.79 47.46
C GLN H 53 -1.81 -11.79 48.58
N TRP H 54 -3.05 -11.64 49.05
CA TRP H 54 -3.32 -10.73 50.16
C TRP H 54 -2.66 -11.20 51.45
N GLU H 55 -2.63 -12.51 51.68
CA GLU H 55 -1.93 -13.04 52.86
C GLU H 55 -0.43 -12.78 52.76
N LYS H 56 0.16 -12.97 51.58
CA LYS H 56 1.58 -12.68 51.41
C LYS H 56 1.88 -11.19 51.58
N LEU H 57 0.99 -10.32 51.09
CA LEU H 57 1.19 -8.90 51.26
C LEU H 57 1.03 -8.47 52.71
N VAL H 58 0.12 -9.10 53.45
CA VAL H 58 0.00 -8.84 54.88
C VAL H 58 1.26 -9.27 55.60
N LYS H 59 1.81 -10.43 55.24
CA LYS H 59 3.07 -10.88 55.83
C LYS H 59 4.23 -9.97 55.45
N ARG H 60 4.17 -9.33 54.28
CA ARG H 60 5.24 -8.44 53.85
C ARG H 60 5.11 -7.06 54.48
N SER H 61 4.00 -6.37 54.21
CA SER H 61 3.80 -5.01 54.68
C SER H 61 2.80 -4.98 55.82
N PRO H 62 3.20 -4.68 57.06
CA PRO H 62 2.23 -4.59 58.15
C PRO H 62 1.23 -3.46 58.01
N ALA H 63 1.51 -2.46 57.17
CA ALA H 63 0.59 -1.34 56.98
C ALA H 63 -0.67 -1.73 56.22
N LEU H 64 -0.73 -2.93 55.65
CA LEU H 64 -1.91 -3.41 54.94
C LEU H 64 -2.92 -4.10 55.83
N ALA H 65 -2.63 -4.24 57.13
CA ALA H 65 -3.60 -4.82 58.06
C ALA H 65 -4.83 -3.94 58.17
N GLU H 66 -4.63 -2.63 58.26
CA GLU H 66 -5.74 -1.68 58.34
C GLU H 66 -6.24 -1.23 56.97
N VAL H 67 -5.62 -1.71 55.89
CA VAL H 67 -5.99 -1.27 54.55
C VAL H 67 -7.26 -1.99 54.12
N THR H 68 -8.25 -1.22 53.65
CA THR H 68 -9.57 -1.74 53.31
C THR H 68 -9.79 -1.67 51.80
N LEU H 69 -10.53 -2.66 51.28
CA LEU H 69 -10.59 -2.98 49.86
C LEU H 69 -12.01 -3.21 49.39
N ASP H 70 -12.30 -2.75 48.17
CA ASP H 70 -13.60 -2.98 47.54
C ASP H 70 -13.51 -4.13 46.55
N ALA H 71 -14.61 -4.34 45.79
CA ALA H 71 -14.71 -5.51 44.91
C ALA H 71 -13.72 -5.44 43.75
N TYR H 72 -13.61 -4.28 43.11
CA TYR H 72 -12.76 -4.14 41.92
C TYR H 72 -11.26 -4.23 42.28
N GLU H 73 -10.87 -3.59 43.40
CA GLU H 73 -9.49 -3.70 43.86
C GLU H 73 -9.13 -5.12 44.27
N ARG H 74 -10.05 -5.79 45.01
CA ARG H 74 -9.83 -7.18 45.38
C ARG H 74 -9.71 -8.05 44.15
N THR H 75 -10.50 -7.75 43.12
CA THR H 75 -10.37 -8.44 41.85
C THR H 75 -8.98 -8.28 41.26
N ILE H 76 -8.42 -7.07 41.35
CA ILE H 76 -7.18 -6.80 40.61
C ILE H 76 -5.90 -7.12 41.40
N LEU H 77 -5.97 -7.52 42.68
CA LEU H 77 -4.74 -8.06 43.31
C LEU H 77 -4.28 -9.38 42.71
N SER H 78 -5.09 -10.05 41.91
CA SER H 78 -4.62 -11.25 41.24
C SER H 78 -3.49 -10.93 40.26
N SER H 79 -3.40 -9.68 39.83
CA SER H 79 -2.28 -9.22 39.02
C SER H 79 -1.06 -8.82 39.83
N ILE H 80 -1.19 -8.63 41.14
CA ILE H 80 -0.05 -8.32 41.98
C ILE H 80 0.84 -9.55 42.08
N VAL H 81 2.11 -9.38 41.73
CA VAL H 81 3.10 -10.45 41.82
C VAL H 81 4.05 -10.11 42.97
N THR H 82 4.59 -11.13 43.59
CA THR H 82 5.48 -11.03 44.73
C THR H 82 6.86 -11.58 44.35
N PRO H 83 7.93 -11.19 45.06
CA PRO H 83 9.26 -11.69 44.71
C PRO H 83 9.51 -13.17 45.01
N ASP H 84 8.48 -13.90 45.44
CA ASP H 84 8.67 -15.33 45.70
C ASP H 84 8.68 -16.14 44.41
N GLU H 85 7.70 -15.89 43.53
CA GLU H 85 7.63 -16.68 42.30
C GLU H 85 8.68 -16.27 41.28
N ILE H 86 9.14 -15.02 41.33
CA ILE H 86 10.18 -14.57 40.42
C ILE H 86 11.51 -15.18 40.86
N ASN H 87 12.17 -15.87 39.94
CA ASN H 87 13.40 -16.60 40.25
C ASN H 87 14.65 -15.92 39.69
N ILE H 88 14.52 -14.69 39.20
CA ILE H 88 15.65 -13.96 38.61
C ILE H 88 15.84 -12.66 39.38
N THR H 89 17.02 -12.47 39.93
CA THR H 89 17.41 -11.24 40.59
C THR H 89 18.28 -10.41 39.63
N PHE H 90 18.86 -9.32 40.16
CA PHE H 90 19.69 -8.45 39.33
C PHE H 90 21.00 -9.10 38.90
N GLN H 91 21.40 -10.19 39.55
CA GLN H 91 22.69 -10.82 39.25
C GLN H 91 22.62 -11.77 38.06
N ASP H 92 21.43 -12.18 37.63
CA ASP H 92 21.32 -13.06 36.47
C ASP H 92 21.36 -12.32 35.16
N ILE H 93 21.39 -10.99 35.18
CA ILE H 93 21.47 -10.18 33.97
C ILE H 93 22.91 -9.76 33.76
N GLY H 94 23.45 -10.08 32.58
CA GLY H 94 24.79 -9.67 32.22
C GLY H 94 24.78 -8.67 31.08
N GLY H 95 25.86 -7.90 30.94
CA GLY H 95 25.95 -6.95 29.87
C GLY H 95 25.09 -5.71 30.00
N LEU H 96 24.46 -5.53 31.17
CA LEU H 96 23.61 -4.37 31.42
C LEU H 96 23.98 -3.66 32.71
N ASP H 97 25.21 -3.86 33.20
CA ASP H 97 25.71 -3.30 34.44
C ASP H 97 25.63 -1.76 34.50
N PRO H 98 26.05 -1.00 33.47
CA PRO H 98 25.76 0.45 33.54
C PRO H 98 24.27 0.76 33.53
N LEU H 99 23.48 0.00 32.78
CA LEU H 99 22.04 0.22 32.81
C LEU H 99 21.46 -0.19 34.15
N ILE H 100 22.04 -1.21 34.80
CA ILE H 100 21.63 -1.56 36.15
C ILE H 100 21.97 -0.44 37.12
N SER H 101 23.11 0.24 36.90
CA SER H 101 23.49 1.36 37.76
C SER H 101 22.52 2.53 37.61
N ASP H 102 22.19 2.88 36.37
CA ASP H 102 21.17 3.92 36.17
C ASP H 102 19.79 3.49 36.68
N LEU H 103 19.49 2.19 36.61
CA LEU H 103 18.25 1.68 37.19
C LEU H 103 18.23 1.91 38.70
N HIS H 104 19.32 1.54 39.39
CA HIS H 104 19.39 1.77 40.82
C HIS H 104 19.35 3.25 41.16
N GLU H 105 19.93 4.10 40.30
CA GLU H 105 19.91 5.54 40.56
C GLU H 105 18.51 6.13 40.37
N SER H 106 17.74 5.63 39.40
CA SER H 106 16.48 6.27 39.02
C SER H 106 15.24 5.59 39.59
N VAL H 107 15.09 4.28 39.37
CA VAL H 107 13.84 3.60 39.68
C VAL H 107 13.88 2.88 41.02
N ILE H 108 15.06 2.43 41.46
CA ILE H 108 15.13 1.58 42.65
C ILE H 108 15.25 2.44 43.91
N TYR H 109 16.34 3.22 44.01
CA TYR H 109 16.60 3.96 45.25
C TYR H 109 15.59 5.06 45.53
N PRO H 110 15.20 5.94 44.58
CA PRO H 110 14.19 6.95 44.93
C PRO H 110 12.84 6.38 45.33
N LEU H 111 12.45 5.22 44.81
CA LEU H 111 11.17 4.64 45.19
C LEU H 111 11.24 4.01 46.58
N MET H 112 12.32 3.30 46.91
CA MET H 112 12.44 2.64 48.20
C MET H 112 13.14 3.46 49.26
N MET H 113 13.90 4.48 48.86
CA MET H 113 14.54 5.40 49.80
C MET H 113 14.22 6.83 49.40
N PRO H 114 12.97 7.26 49.59
CA PRO H 114 12.62 8.64 49.22
C PRO H 114 13.22 9.67 50.16
N GLU H 115 13.56 9.29 51.39
CA GLU H 115 14.19 10.23 52.31
C GLU H 115 15.62 10.55 51.92
N VAL H 116 16.31 9.61 51.25
CA VAL H 116 17.64 9.90 50.75
C VAL H 116 17.58 10.87 49.58
N TYR H 117 16.63 10.65 48.66
CA TYR H 117 16.46 11.53 47.50
C TYR H 117 15.37 12.56 47.78
N SER H 118 15.59 13.34 48.84
CA SER H 118 14.64 14.36 49.27
C SER H 118 15.31 15.70 49.53
N ASN H 119 16.55 15.90 49.06
CA ASN H 119 17.19 17.20 49.21
C ASN H 119 16.50 18.25 48.36
N SER H 120 16.05 17.87 47.16
CA SER H 120 15.30 18.74 46.28
C SER H 120 13.93 18.15 45.99
N PRO H 121 12.89 18.98 45.85
CA PRO H 121 11.54 18.45 45.58
C PRO H 121 11.42 17.75 44.23
N LEU H 122 12.32 18.01 43.28
CA LEU H 122 12.27 17.39 41.97
C LEU H 122 13.11 16.12 41.90
N LEU H 123 13.52 15.58 43.05
CA LEU H 123 14.28 14.34 43.11
C LEU H 123 13.37 13.13 43.32
N GLN H 124 12.07 13.28 43.11
CA GLN H 124 11.14 12.16 43.23
C GLN H 124 11.36 11.16 42.11
N ALA H 125 10.86 9.95 42.33
CA ALA H 125 10.92 8.92 41.30
C ALA H 125 10.04 9.32 40.11
N PRO H 126 10.46 9.01 38.89
CA PRO H 126 9.67 9.43 37.71
C PRO H 126 8.34 8.71 37.63
N SER H 127 7.37 9.40 37.03
CA SER H 127 6.05 8.79 36.85
C SER H 127 6.08 7.65 35.85
N GLY H 128 6.94 7.74 34.84
CA GLY H 128 7.00 6.73 33.81
C GLY H 128 8.40 6.30 33.42
N VAL H 129 8.64 5.00 33.39
CA VAL H 129 9.91 4.40 32.95
C VAL H 129 9.62 3.51 31.74
N LEU H 130 10.42 3.67 30.70
CA LEU H 130 10.25 2.92 29.45
C LEU H 130 11.50 2.08 29.22
N LEU H 131 11.41 0.78 29.49
CA LEU H 131 12.51 -0.15 29.22
C LEU H 131 12.28 -0.76 27.84
N TYR H 132 12.67 0.00 26.81
CA TYR H 132 12.47 -0.38 25.43
C TYR H 132 13.77 -0.91 24.83
N GLY H 133 13.69 -1.32 23.56
CA GLY H 133 14.84 -1.79 22.84
C GLY H 133 14.48 -2.89 21.85
N PRO H 134 15.48 -3.42 21.15
CA PRO H 134 15.23 -4.58 20.30
C PRO H 134 14.79 -5.77 21.13
N PRO H 135 13.95 -6.64 20.58
CA PRO H 135 13.36 -7.72 21.39
C PRO H 135 14.41 -8.72 21.87
N GLY H 136 14.20 -9.18 23.10
CA GLY H 136 15.04 -10.22 23.68
C GLY H 136 16.36 -9.74 24.25
N CYS H 137 16.49 -8.46 24.56
CA CYS H 137 17.73 -7.93 25.12
C CYS H 137 17.71 -7.79 26.63
N GLY H 138 16.63 -8.22 27.29
CA GLY H 138 16.61 -8.31 28.74
C GLY H 138 15.73 -7.32 29.46
N LYS H 139 14.77 -6.68 28.78
CA LYS H 139 13.93 -5.69 29.45
C LYS H 139 12.96 -6.34 30.43
N THR H 140 12.34 -7.44 30.02
CA THR H 140 11.41 -8.11 30.94
C THR H 140 12.18 -8.80 32.06
N MET H 141 13.42 -9.21 31.82
CA MET H 141 14.25 -9.66 32.93
C MET H 141 14.64 -8.52 33.84
N LEU H 142 14.75 -7.30 33.31
CA LEU H 142 14.94 -6.14 34.17
C LEU H 142 13.73 -5.93 35.06
N ALA H 143 12.53 -6.14 34.52
CA ALA H 143 11.33 -6.10 35.36
C ALA H 143 11.32 -7.21 36.39
N LYS H 144 11.78 -8.41 36.01
CA LYS H 144 11.91 -9.51 36.95
C LYS H 144 12.85 -9.15 38.09
N ALA H 145 14.00 -8.55 37.76
CA ALA H 145 14.96 -8.15 38.78
C ALA H 145 14.41 -7.03 39.65
N LEU H 146 13.61 -6.12 39.05
CA LEU H 146 12.97 -5.08 39.83
C LEU H 146 12.02 -5.67 40.86
N ALA H 147 11.20 -6.63 40.44
CA ALA H 147 10.28 -7.29 41.37
C ALA H 147 11.03 -8.09 42.42
N LYS H 148 12.16 -8.71 42.04
CA LYS H 148 12.92 -9.53 42.97
C LYS H 148 13.62 -8.69 44.03
N GLU H 149 14.29 -7.62 43.63
CA GLU H 149 15.18 -6.87 44.51
C GLU H 149 14.52 -5.64 45.12
N SER H 150 13.80 -4.85 44.33
CA SER H 150 13.15 -3.66 44.87
C SER H 150 12.05 -4.06 45.83
N GLY H 151 12.03 -3.40 46.99
CA GLY H 151 11.05 -3.71 48.01
C GLY H 151 9.62 -3.35 47.65
N ALA H 152 9.43 -2.55 46.60
CA ALA H 152 8.09 -2.20 46.18
C ALA H 152 7.39 -3.39 45.56
N ASN H 153 6.06 -3.37 45.63
CA ASN H 153 5.27 -4.40 44.99
C ASN H 153 5.33 -4.24 43.47
N PHE H 154 5.02 -5.33 42.78
CA PHE H 154 5.04 -5.34 41.32
C PHE H 154 3.63 -5.72 40.85
N ILE H 155 2.77 -4.72 40.70
CA ILE H 155 1.44 -4.97 40.16
C ILE H 155 1.62 -4.99 38.64
N SER H 156 1.97 -6.17 38.12
CA SER H 156 2.12 -6.38 36.69
C SER H 156 0.82 -6.95 36.18
N ILE H 157 -0.08 -6.05 35.75
CA ILE H 157 -1.39 -6.49 35.27
C ILE H 157 -1.18 -7.18 33.93
N ARG H 158 -2.22 -7.80 33.41
CA ARG H 158 -2.20 -8.25 32.04
C ARG H 158 -3.41 -7.65 31.35
N MET H 159 -3.29 -7.43 30.04
CA MET H 159 -4.27 -6.64 29.32
C MET H 159 -5.66 -7.27 29.36
N SER H 160 -5.75 -8.59 29.50
CA SER H 160 -7.06 -9.23 29.68
C SER H 160 -7.70 -8.82 31.00
N SER H 161 -6.90 -8.58 32.05
CA SER H 161 -7.45 -8.17 33.33
C SER H 161 -8.07 -6.79 33.25
N ILE H 162 -7.40 -5.84 32.58
CA ILE H 162 -7.95 -4.50 32.43
C ILE H 162 -9.14 -4.54 31.47
N MET H 163 -9.01 -5.28 30.38
CA MET H 163 -10.01 -5.26 29.32
C MET H 163 -11.25 -5.99 29.79
N ASP H 164 -12.44 -5.46 29.45
CA ASP H 164 -13.68 -6.08 29.91
C ASP H 164 -14.77 -5.93 28.86
N LYS H 165 -15.60 -6.97 28.72
CA LYS H 165 -16.64 -6.97 27.70
C LYS H 165 -17.76 -6.00 28.03
N TRP H 166 -18.17 -5.93 29.30
CA TRP H 166 -19.24 -5.02 29.69
C TRP H 166 -18.72 -3.59 29.66
N TYR H 167 -19.44 -2.71 28.96
CA TYR H 167 -19.03 -1.32 28.83
C TYR H 167 -19.15 -0.61 30.17
N GLY H 168 -18.14 0.18 30.51
CA GLY H 168 -18.12 0.89 31.78
C GLY H 168 -17.28 0.20 32.83
N GLU H 169 -17.34 -1.14 32.86
CA GLU H 169 -16.59 -1.88 33.88
C GLU H 169 -15.09 -1.83 33.65
N SER H 170 -14.65 -1.70 32.40
CA SER H 170 -13.21 -1.65 32.12
C SER H 170 -12.57 -0.42 32.76
N ASN H 171 -13.25 0.72 32.68
CA ASN H 171 -12.78 1.92 33.38
C ASN H 171 -12.75 1.70 34.88
N LYS H 172 -13.67 0.88 35.41
CA LYS H 172 -13.62 0.53 36.82
C LYS H 172 -12.37 -0.29 37.14
N ILE H 173 -11.96 -1.17 36.22
CA ILE H 173 -10.70 -1.91 36.44
C ILE H 173 -9.51 -0.95 36.43
N VAL H 174 -9.51 0.03 35.52
CA VAL H 174 -8.39 0.99 35.48
C VAL H 174 -8.34 1.84 36.75
N ASP H 175 -9.49 2.34 37.21
CA ASP H 175 -9.45 3.16 38.41
C ASP H 175 -9.19 2.32 39.66
N ALA H 176 -9.59 1.04 39.65
CA ALA H 176 -9.18 0.14 40.72
C ALA H 176 -7.68 -0.07 40.73
N MET H 177 -7.08 -0.22 39.54
CA MET H 177 -5.62 -0.31 39.42
C MET H 177 -4.95 0.91 40.05
N PHE H 178 -5.38 2.10 39.64
CA PHE H 178 -4.74 3.32 40.13
C PHE H 178 -4.99 3.54 41.63
N SER H 179 -6.20 3.22 42.11
CA SER H 179 -6.52 3.42 43.52
C SER H 179 -5.80 2.42 44.40
N LEU H 180 -5.69 1.17 43.97
CA LEU H 180 -4.92 0.18 44.72
C LEU H 180 -3.45 0.54 44.71
N ALA H 181 -2.94 1.05 43.58
CA ALA H 181 -1.54 1.44 43.49
C ALA H 181 -1.24 2.61 44.39
N ASN H 182 -2.19 3.55 44.53
CA ASN H 182 -2.00 4.67 45.45
C ASN H 182 -2.12 4.22 46.90
N LYS H 183 -3.12 3.37 47.20
CA LYS H 183 -3.37 2.95 48.58
C LYS H 183 -2.28 2.03 49.10
N LEU H 184 -1.88 1.05 48.30
CA LEU H 184 -0.72 0.22 48.63
C LEU H 184 0.49 0.99 48.10
N GLN H 185 1.11 1.75 49.00
CA GLN H 185 1.98 2.86 48.59
C GLN H 185 3.21 2.42 47.80
N PRO H 186 4.13 1.55 48.32
CA PRO H 186 5.30 1.20 47.51
C PRO H 186 4.97 0.12 46.49
N CYS H 187 4.89 0.51 45.22
CA CYS H 187 4.51 -0.43 44.18
C CYS H 187 5.00 0.08 42.83
N ILE H 188 5.03 -0.83 41.86
CA ILE H 188 5.39 -0.51 40.48
C ILE H 188 4.27 -1.02 39.58
N ILE H 189 3.61 -0.11 38.87
CA ILE H 189 2.65 -0.48 37.83
C ILE H 189 3.48 -0.87 36.61
N PHE H 190 3.61 -2.16 36.36
CA PHE H 190 4.34 -2.64 35.19
C PHE H 190 3.36 -2.94 34.07
N ILE H 191 3.51 -2.25 32.96
CA ILE H 191 2.61 -2.40 31.83
C ILE H 191 3.43 -3.16 30.79
N ASP H 192 3.31 -4.48 30.74
CA ASP H 192 4.10 -5.24 29.78
C ASP H 192 3.59 -5.01 28.37
N GLN H 193 4.54 -4.81 27.44
CA GLN H 193 4.25 -4.48 26.05
C GLN H 193 3.41 -3.20 25.95
N ILE H 194 4.10 -2.09 26.25
CA ILE H 194 3.54 -0.75 26.17
C ILE H 194 2.99 -0.40 24.79
N ASP H 195 3.27 -1.20 23.77
CA ASP H 195 2.88 -0.81 22.38
C ASP H 195 1.39 -1.05 22.11
N SER H 196 0.80 -2.13 22.60
CA SER H 196 -0.58 -2.46 22.23
C SER H 196 -1.56 -1.48 22.83
N PHE H 197 -1.63 -1.44 24.16
CA PHE H 197 -2.32 -0.35 24.82
C PHE H 197 -1.56 0.94 24.57
N LEU H 198 -2.27 2.07 24.69
CA LEU H 198 -1.74 3.41 24.43
C LEU H 198 -0.99 3.46 23.10
N ARG H 199 -1.59 2.85 22.07
CA ARG H 199 -1.02 2.79 20.73
C ARG H 199 -1.24 4.15 20.04
N GLU H 200 -0.84 4.24 18.76
CA GLU H 200 -1.08 5.44 17.97
C GLU H 200 -2.58 5.60 17.77
N ARG H 201 -3.17 6.55 18.48
CA ARG H 201 -4.62 6.68 18.52
C ARG H 201 -5.17 7.20 17.20
N SER H 202 -6.37 6.74 16.88
CA SER H 202 -7.08 7.18 15.68
C SER H 202 -8.57 6.92 15.88
N SER H 203 -9.38 7.55 15.04
CA SER H 203 -10.82 7.36 15.12
C SER H 203 -11.26 5.98 14.64
N THR H 204 -10.39 5.27 13.90
CA THR H 204 -10.73 3.93 13.43
C THR H 204 -10.74 2.91 14.57
N ASP H 205 -10.10 3.21 15.69
CA ASP H 205 -10.11 2.30 16.82
C ASP H 205 -11.46 2.34 17.53
N HIS H 206 -11.65 1.42 18.47
CA HIS H 206 -12.91 1.32 19.19
C HIS H 206 -13.11 2.52 20.11
N GLU H 207 -14.39 2.85 20.34
CA GLU H 207 -14.70 3.93 21.28
C GLU H 207 -14.35 3.54 22.71
N VAL H 208 -14.55 2.26 23.06
CA VAL H 208 -14.23 1.80 24.40
C VAL H 208 -12.74 1.89 24.66
N THR H 209 -11.92 1.50 23.69
CA THR H 209 -10.47 1.59 23.88
C THR H 209 -10.01 3.04 23.90
N ALA H 210 -10.66 3.94 23.16
CA ALA H 210 -10.31 5.34 23.22
C ALA H 210 -10.63 5.94 24.59
N THR H 211 -11.79 5.57 25.14
CA THR H 211 -12.15 6.01 26.48
C THR H 211 -11.20 5.44 27.53
N LEU H 212 -10.77 4.19 27.35
CA LEU H 212 -9.82 3.59 28.27
C LEU H 212 -8.46 4.29 28.23
N LYS H 213 -7.99 4.63 27.02
CA LYS H 213 -6.75 5.39 26.89
C LYS H 213 -6.88 6.77 27.52
N ALA H 214 -8.05 7.41 27.34
CA ALA H 214 -8.28 8.72 27.94
C ALA H 214 -8.26 8.65 29.46
N GLU H 215 -8.89 7.62 30.03
CA GLU H 215 -8.87 7.45 31.48
C GLU H 215 -7.47 7.13 32.00
N PHE H 216 -6.70 6.33 31.26
CA PHE H 216 -5.32 6.06 31.65
C PHE H 216 -4.50 7.34 31.65
N MET H 217 -4.69 8.20 30.65
CA MET H 217 -4.05 9.51 30.66
C MET H 217 -4.53 10.35 31.83
N THR H 218 -5.82 10.24 32.17
CA THR H 218 -6.39 11.09 33.21
C THR H 218 -5.83 10.75 34.59
N LEU H 219 -5.86 9.47 34.98
CA LEU H 219 -5.26 9.09 36.25
C LEU H 219 -3.74 8.96 36.18
N TRP H 220 -3.14 9.06 34.99
CA TRP H 220 -1.69 9.20 34.93
C TRP H 220 -1.27 10.62 35.29
N ASP H 221 -2.15 11.61 35.08
CA ASP H 221 -1.85 12.97 35.50
C ASP H 221 -1.75 13.08 37.02
N GLY H 222 -2.66 12.43 37.74
CA GLY H 222 -2.59 12.38 39.19
C GLY H 222 -1.62 11.37 39.74
N LEU H 223 -0.99 10.58 38.86
CA LEU H 223 -0.07 9.54 39.30
C LEU H 223 1.22 10.15 39.85
N LEU H 224 1.68 11.25 39.26
CA LEU H 224 3.00 11.79 39.59
C LEU H 224 3.04 12.43 40.97
N ASN H 225 1.93 13.03 41.43
CA ASN H 225 1.96 13.72 42.71
C ASN H 225 2.02 12.77 43.89
N ASN H 226 1.54 11.54 43.75
CA ASN H 226 1.66 10.55 44.81
C ASN H 226 3.11 10.08 44.92
N GLY H 227 3.52 9.77 46.15
CA GLY H 227 4.92 9.53 46.46
C GLY H 227 5.55 8.27 45.88
N ARG H 228 5.11 7.11 46.36
CA ARG H 228 5.79 5.85 46.05
C ARG H 228 5.10 5.07 44.92
N VAL H 229 4.29 5.73 44.12
CA VAL H 229 3.57 5.09 43.03
C VAL H 229 4.25 5.45 41.72
N MET H 230 4.11 4.56 40.73
CA MET H 230 4.95 4.63 39.54
C MET H 230 4.44 3.65 38.49
N ILE H 231 4.50 4.05 37.22
CA ILE H 231 4.08 3.23 36.09
C ILE H 231 5.28 2.95 35.21
N ILE H 232 5.48 1.67 34.86
CA ILE H 232 6.63 1.23 34.07
C ILE H 232 6.13 0.43 32.87
N GLY H 233 6.65 0.73 31.69
CA GLY H 233 6.37 -0.05 30.52
C GLY H 233 7.64 -0.58 29.88
N ALA H 234 7.53 -1.77 29.29
CA ALA H 234 8.64 -2.40 28.59
C ALA H 234 8.13 -2.96 27.27
N THR H 235 8.81 -2.63 26.18
CA THR H 235 8.33 -2.96 24.84
C THR H 235 9.51 -3.30 23.93
N ASN H 236 9.19 -3.85 22.77
CA ASN H 236 10.16 -4.17 21.75
C ASN H 236 10.13 -3.22 20.56
N ARG H 237 9.11 -2.37 20.44
CA ARG H 237 9.06 -1.34 19.42
C ARG H 237 8.55 -0.04 20.01
N ILE H 238 9.12 1.07 19.55
CA ILE H 238 8.85 2.38 20.14
C ILE H 238 7.96 3.24 19.25
N ASN H 239 7.96 3.02 17.93
CA ASN H 239 7.16 3.83 17.02
C ASN H 239 5.66 3.64 17.25
N ASP H 240 5.24 2.50 17.78
CA ASP H 240 3.82 2.27 18.02
C ASP H 240 3.30 2.96 19.28
N ILE H 241 4.19 3.49 20.11
CA ILE H 241 3.78 4.17 21.34
C ILE H 241 3.17 5.52 21.00
N ASP H 242 2.08 5.86 21.70
CA ASP H 242 1.44 7.16 21.51
C ASP H 242 2.36 8.27 21.98
N ASP H 243 2.37 9.38 21.22
CA ASP H 243 3.27 10.49 21.52
C ASP H 243 2.92 11.15 22.85
N ALA H 244 1.63 11.33 23.13
CA ALA H 244 1.22 11.86 24.43
C ALA H 244 1.61 10.89 25.54
N PHE H 245 1.40 9.59 25.32
CA PHE H 245 1.83 8.59 26.29
C PHE H 245 3.34 8.45 26.32
N LEU H 246 4.03 8.78 25.22
CA LEU H 246 5.48 8.86 25.24
C LEU H 246 5.95 9.98 26.16
N ARG H 247 5.26 11.12 26.11
CA ARG H 247 5.53 12.19 27.08
C ARG H 247 5.16 11.78 28.49
N ARG H 248 4.16 10.89 28.63
CA ARG H 248 3.74 10.41 29.95
C ARG H 248 4.79 9.53 30.62
N LEU H 249 5.82 9.09 29.91
CA LEU H 249 6.92 8.32 30.48
C LEU H 249 8.19 9.16 30.41
N PRO H 250 8.44 10.02 31.41
CA PRO H 250 9.60 10.92 31.39
C PRO H 250 10.89 10.27 31.91
N LYS H 251 11.13 9.02 31.50
CA LYS H 251 12.39 8.35 31.78
C LYS H 251 12.48 7.19 30.81
N ARG H 252 13.48 7.23 29.93
CA ARG H 252 13.63 6.24 28.86
C ARG H 252 14.95 5.51 29.02
N PHE H 253 14.92 4.19 28.88
CA PHE H 253 16.10 3.35 28.98
C PHE H 253 16.39 2.69 27.64
N LEU H 254 17.67 2.43 27.40
CA LEU H 254 18.14 1.94 26.11
C LEU H 254 18.70 0.53 26.29
N VAL H 255 17.81 -0.46 26.24
CA VAL H 255 18.22 -1.87 26.28
C VAL H 255 18.43 -2.29 24.83
N SER H 256 19.63 -1.98 24.32
CA SER H 256 19.96 -2.22 22.94
C SER H 256 20.53 -3.62 22.77
N LEU H 257 20.95 -3.96 21.55
CA LEU H 257 21.59 -5.24 21.30
C LEU H 257 22.93 -5.28 22.04
N PRO H 258 23.32 -6.44 22.57
CA PRO H 258 24.57 -6.50 23.35
C PRO H 258 25.79 -6.27 22.48
N GLY H 259 26.78 -5.59 23.05
CA GLY H 259 28.08 -5.46 22.42
C GLY H 259 28.95 -6.67 22.69
N SER H 260 30.22 -6.56 22.27
CA SER H 260 31.16 -7.65 22.48
C SER H 260 31.40 -7.91 23.96
N ASP H 261 31.63 -6.86 24.73
CA ASP H 261 31.77 -7.00 26.17
C ASP H 261 30.46 -7.45 26.81
N GLN H 262 29.34 -6.91 26.33
CA GLN H 262 28.04 -7.33 26.83
C GLN H 262 27.76 -8.78 26.47
N ARG H 263 28.19 -9.21 25.28
CA ARG H 263 28.05 -10.62 24.91
C ARG H 263 28.92 -11.51 25.81
N TYR H 264 30.13 -11.04 26.13
CA TYR H 264 30.99 -11.78 27.06
C TYR H 264 30.32 -11.95 28.41
N LYS H 265 29.76 -10.85 28.95
CA LYS H 265 29.10 -10.93 30.25
C LYS H 265 27.84 -11.78 30.20
N ILE H 266 27.10 -11.71 29.10
CA ILE H 266 25.87 -12.50 28.97
C ILE H 266 26.21 -13.98 28.91
N LEU H 267 27.24 -14.35 28.13
CA LEU H 267 27.69 -15.74 28.09
C LEU H 267 28.25 -16.19 29.43
N SER H 268 28.85 -15.28 30.20
CA SER H 268 29.35 -15.62 31.52
C SER H 268 28.20 -15.94 32.48
N VAL H 269 27.19 -15.06 32.55
CA VAL H 269 26.11 -15.28 33.50
C VAL H 269 25.11 -16.33 33.01
N LEU H 270 25.10 -16.66 31.72
CA LEU H 270 24.21 -17.71 31.24
C LEU H 270 24.77 -19.10 31.49
N LEU H 271 26.09 -19.22 31.57
CA LEU H 271 26.75 -20.50 31.80
C LEU H 271 27.16 -20.69 33.26
N LYS H 272 26.63 -19.87 34.17
CA LYS H 272 26.88 -20.04 35.59
C LYS H 272 26.24 -21.33 36.09
N ASP H 273 26.76 -21.80 37.24
CA ASP H 273 26.35 -23.05 37.91
C ASP H 273 26.22 -24.24 36.94
N THR H 274 27.08 -24.26 35.92
CA THR H 274 27.21 -25.40 35.02
C THR H 274 28.67 -25.83 34.95
N LYS H 275 28.88 -27.10 34.63
CA LYS H 275 30.22 -27.66 34.57
C LYS H 275 30.80 -27.44 33.17
N LEU H 276 31.88 -26.66 33.11
CA LEU H 276 32.57 -26.35 31.87
C LEU H 276 34.00 -26.89 31.95
N ASP H 277 34.78 -26.60 30.91
CA ASP H 277 36.18 -26.98 30.84
C ASP H 277 37.05 -25.72 30.78
N GLU H 278 38.32 -25.89 31.15
CA GLU H 278 39.22 -24.74 31.33
C GLU H 278 40.06 -24.47 30.08
N ASP H 279 40.87 -25.45 29.66
CA ASP H 279 41.86 -25.19 28.62
C ASP H 279 41.28 -25.36 27.22
N GLU H 280 40.38 -26.32 27.03
CA GLU H 280 39.80 -26.56 25.71
C GLU H 280 38.64 -25.62 25.39
N PHE H 281 38.27 -24.73 26.31
CA PHE H 281 37.13 -23.86 26.14
C PHE H 281 37.55 -22.40 26.33
N ASP H 282 37.00 -21.53 25.49
CA ASP H 282 37.21 -20.09 25.64
C ASP H 282 35.93 -19.36 25.26
N LEU H 283 35.69 -18.22 25.91
CA LEU H 283 34.46 -17.46 25.74
C LEU H 283 34.61 -16.24 24.83
N GLN H 284 35.82 -15.67 24.72
CA GLN H 284 35.99 -14.45 23.94
C GLN H 284 35.83 -14.70 22.44
N LEU H 285 36.45 -15.76 21.94
CA LEU H 285 36.28 -16.13 20.53
C LEU H 285 34.83 -16.45 20.23
N ILE H 286 34.15 -17.11 21.16
CA ILE H 286 32.73 -17.41 21.01
C ILE H 286 31.91 -16.13 20.92
N ALA H 287 32.20 -15.17 21.81
CA ALA H 287 31.46 -13.92 21.84
C ALA H 287 31.66 -13.12 20.56
N ASP H 288 32.88 -13.05 20.05
CA ASP H 288 33.07 -12.34 18.79
C ASP H 288 32.57 -13.13 17.59
N ASN H 289 32.42 -14.46 17.72
CA ASN H 289 31.86 -15.24 16.63
C ASN H 289 30.36 -15.02 16.51
N THR H 290 29.65 -14.97 17.62
CA THR H 290 28.20 -14.78 17.57
C THR H 290 27.81 -13.31 17.53
N LYS H 291 28.36 -12.57 16.56
CA LYS H 291 28.06 -11.16 16.41
C LYS H 291 26.62 -10.98 15.93
N GLY H 292 25.96 -9.95 16.46
CA GLY H 292 24.58 -9.67 16.08
C GLY H 292 23.54 -10.52 16.77
N PHE H 293 23.87 -11.10 17.92
CA PHE H 293 22.99 -12.01 18.63
C PHE H 293 22.50 -11.37 19.92
N SER H 294 21.18 -11.33 20.09
CA SER H 294 20.62 -10.89 21.35
C SER H 294 20.86 -11.94 22.43
N GLY H 295 20.70 -11.52 23.69
CA GLY H 295 20.97 -12.41 24.81
C GLY H 295 20.07 -13.64 24.82
N SER H 296 18.85 -13.51 24.32
CA SER H 296 17.96 -14.66 24.18
C SER H 296 18.39 -15.57 23.04
N ASP H 297 18.94 -15.00 21.97
CA ASP H 297 19.54 -15.83 20.93
C ASP H 297 20.75 -16.57 21.45
N LEU H 298 21.51 -15.94 22.35
CA LEU H 298 22.58 -16.64 23.06
C LEU H 298 22.02 -17.62 24.08
N LYS H 299 20.83 -17.35 24.63
CA LYS H 299 20.22 -18.28 25.57
C LYS H 299 19.95 -19.63 24.90
N GLU H 300 19.39 -19.59 23.69
CA GLU H 300 19.22 -20.83 22.93
C GLU H 300 20.56 -21.40 22.49
N LEU H 301 21.50 -20.53 22.11
CA LEU H 301 22.83 -20.99 21.73
C LEU H 301 23.54 -21.64 22.91
N CYS H 302 23.42 -21.04 24.11
CA CYS H 302 23.93 -21.70 25.31
C CYS H 302 23.21 -23.01 25.56
N ARG H 303 21.87 -23.00 25.46
CA ARG H 303 21.08 -24.18 25.77
C ARG H 303 21.33 -25.29 24.76
N GLU H 304 21.03 -25.04 23.48
CA GLU H 304 20.99 -26.10 22.48
C GLU H 304 22.35 -26.76 22.30
N ALA H 305 23.41 -25.98 22.22
CA ALA H 305 24.74 -26.55 22.04
C ALA H 305 25.23 -27.33 23.25
N ALA H 306 24.69 -27.04 24.43
CA ALA H 306 25.03 -27.82 25.61
C ALA H 306 24.35 -29.18 25.61
N LEU H 307 23.28 -29.36 24.84
CA LEU H 307 22.73 -30.70 24.66
C LEU H 307 23.70 -31.61 23.94
N ASP H 308 24.31 -31.12 22.85
CA ASP H 308 25.17 -31.97 22.03
C ASP H 308 26.40 -32.44 22.78
N ALA H 309 26.99 -31.58 23.60
CA ALA H 309 28.10 -31.99 24.44
C ALA H 309 27.66 -32.97 25.51
N ALA H 310 26.36 -32.96 25.87
CA ALA H 310 25.82 -33.85 26.88
C ALA H 310 24.92 -34.93 26.29
N LYS H 311 24.89 -35.10 24.96
CA LYS H 311 24.05 -36.14 24.38
C LYS H 311 24.50 -37.53 24.78
N GLU H 312 25.82 -37.78 24.73
CA GLU H 312 26.34 -39.04 25.25
C GLU H 312 26.17 -39.12 26.77
N TYR H 313 26.32 -37.98 27.45
CA TYR H 313 26.08 -37.94 28.90
C TYR H 313 24.62 -38.24 29.23
N ILE H 314 23.69 -37.70 28.45
CA ILE H 314 22.28 -38.01 28.62
C ILE H 314 22.01 -39.46 28.23
N LYS H 315 22.68 -39.94 27.18
CA LYS H 315 22.43 -41.29 26.65
C LYS H 315 22.71 -42.37 27.69
N GLN H 316 23.60 -42.11 28.64
CA GLN H 316 23.79 -43.04 29.75
C GLN H 316 22.53 -43.12 30.61
N LYS H 317 21.89 -41.97 30.86
CA LYS H 317 20.65 -41.95 31.64
C LYS H 317 19.40 -42.05 30.77
N ARG H 318 19.52 -41.80 29.46
CA ARG H 318 18.37 -41.91 28.58
C ARG H 318 17.92 -43.36 28.42
N GLN H 319 18.89 -44.27 28.33
CA GLN H 319 18.58 -45.70 28.18
C GLN H 319 18.06 -46.27 29.50
N PRO H 338 31.99 -31.88 30.40
CA PRO H 338 32.52 -30.52 30.22
C PRO H 338 32.19 -29.97 28.84
N LEU H 339 32.12 -28.64 28.72
CA LEU H 339 31.78 -27.98 27.47
C LEU H 339 33.06 -27.50 26.79
N LYS H 340 33.39 -28.12 25.65
CA LYS H 340 34.48 -27.66 24.82
C LYS H 340 34.09 -26.35 24.12
N THR H 341 35.09 -25.69 23.54
CA THR H 341 34.80 -24.52 22.71
C THR H 341 34.18 -24.88 21.37
N LYS H 342 34.14 -26.16 21.01
CA LYS H 342 33.65 -26.59 19.71
C LYS H 342 32.14 -26.78 19.64
N ASP H 343 31.47 -27.00 20.78
CA ASP H 343 30.04 -27.30 20.72
C ASP H 343 29.20 -26.07 20.40
N PHE H 344 29.53 -24.92 21.03
CA PHE H 344 28.82 -23.69 20.71
C PHE H 344 29.14 -23.22 19.29
N THR H 345 30.40 -23.36 18.86
CA THR H 345 30.80 -22.87 17.56
C THR H 345 30.28 -23.74 16.42
N LYS H 346 30.09 -25.04 16.66
CA LYS H 346 29.52 -25.90 15.63
C LYS H 346 28.02 -25.67 15.44
N LYS H 347 27.39 -24.93 16.33
CA LYS H 347 25.99 -24.53 16.18
C LYS H 347 25.84 -23.23 15.41
N LEU H 348 26.93 -22.65 14.94
CA LEU H 348 26.89 -21.42 14.16
C LEU H 348 27.27 -21.67 12.71
#